data_2PPS
#
_entry.id   2PPS
#
_cell.length_a   286.000
_cell.length_b   286.000
_cell.length_c   167.000
_cell.angle_alpha   90.00
_cell.angle_beta   90.00
_cell.angle_gamma   120.00
#
_symmetry.space_group_name_H-M   'P 63'
#
loop_
_entity.id
_entity.type
_entity.pdbx_description
1 polymer 'PHOTOSYSTEM I'
2 polymer 'PHOTOSYSTEM I'
3 polymer 'PHOTOSYSTEM I'
4 polymer 'PHOTOSYSTEM I'
5 polymer 'PHOTOSYSTEM I'
6 polymer 'PHOTOSYSTEM I'
7 non-polymer 'CHLOROPHYLL A'
8 non-polymer PHYLLOQUINONE
9 non-polymer 'IRON/SULFUR CLUSTER'
#
loop_
_entity_poly.entity_id
_entity_poly.type
_entity_poly.pdbx_seq_one_letter_code
_entity_poly.pdbx_strand_id
1 'polypeptide(L)'
;(UNK)(UNK)(UNK)(UNK)(UNK)(UNK)(UNK)(UNK)(UNK)(UNK)(UNK)(UNK)(UNK)(UNK)(UNK)(UNK)
(UNK)(UNK)(UNK)(UNK)(UNK)(UNK)(UNK)(UNK)(UNK)(UNK)(UNK)(UNK)(UNK)(UNK)(UNK)(UNK)
(UNK)(UNK)(UNK)(UNK)(UNK)(UNK)(UNK)(UNK)(UNK)(UNK)(UNK)(UNK)(UNK)(UNK)(UNK)(UNK)
(UNK)(UNK)(UNK)(UNK)(UNK)(UNK)(UNK)(UNK)(UNK)(UNK)(UNK)(UNK)(UNK)(UNK)(UNK)(UNK)
(UNK)(UNK)(UNK)(UNK)(UNK)(UNK)(UNK)(UNK)(UNK)(UNK)(UNK)(UNK)(UNK)(UNK)(UNK)(UNK)
(UNK)(UNK)(UNK)(UNK)(UNK)(UNK)(UNK)(UNK)(UNK)(UNK)(UNK)(UNK)(UNK)(UNK)(UNK)(UNK)
(UNK)(UNK)(UNK)(UNK)(UNK)(UNK)(UNK)(UNK)(UNK)(UNK)(UNK)(UNK)(UNK)(UNK)(UNK)(UNK)
(UNK)(UNK)(UNK)(UNK)(UNK)(UNK)(UNK)(UNK)(UNK)(UNK)(UNK)(UNK)(UNK)(UNK)(UNK)(UNK)
(UNK)(UNK)(UNK)(UNK)(UNK)(UNK)(UNK)(UNK)(UNK)(UNK)(UNK)(UNK)(UNK)(UNK)(UNK)(UNK)
(UNK)(UNK)(UNK)(UNK)(UNK)(UNK)(UNK)(UNK)(UNK)(UNK)(UNK)(UNK)(UNK)(UNK)(UNK)(UNK)
(UNK)(UNK)(UNK)(UNK)(UNK)(UNK)(UNK)(UNK)(UNK)(UNK)(UNK)(UNK)(UNK)(UNK)(UNK)(UNK)
(UNK)(UNK)(UNK)(UNK)(UNK)(UNK)(UNK)(UNK)(UNK)(UNK)(UNK)(UNK)(UNK)(UNK)(UNK)(UNK)
(UNK)(UNK)(UNK)(UNK)(UNK)(UNK)(UNK)(UNK)(UNK)(UNK)(UNK)(UNK)(UNK)(UNK)(UNK)(UNK)
(UNK)(UNK)(UNK)(UNK)(UNK)(UNK)(UNK)(UNK)(UNK)(UNK)(UNK)(UNK)(UNK)(UNK)(UNK)(UNK)
(UNK)(UNK)(UNK)(UNK)(UNK)(UNK)(UNK)(UNK)(UNK)(UNK)(UNK)(UNK)(UNK)(UNK)(UNK)(UNK)
(UNK)(UNK)(UNK)(UNK)(UNK)(UNK)(UNK)(UNK)(UNK)(UNK)(UNK)(UNK)(UNK)(UNK)(UNK)(UNK)
(UNK)(UNK)(UNK)(UNK)(UNK)(UNK)(UNK)(UNK)(UNK)(UNK)(UNK)(UNK)(UNK)(UNK)(UNK)(UNK)
(UNK)(UNK)(UNK)(UNK)(UNK)(UNK)(UNK)(UNK)(UNK)(UNK)(UNK)(UNK)(UNK)(UNK)(UNK)(UNK)
(UNK)(UNK)(UNK)(UNK)(UNK)(UNK)(UNK)(UNK)(UNK)(UNK)(UNK)(UNK)(UNK)(UNK)(UNK)(UNK)
(UNK)(UNK)(UNK)(UNK)(UNK)(UNK)(UNK)(UNK)(UNK)(UNK)(UNK)(UNK)(UNK)(UNK)(UNK)(UNK)
(UNK)(UNK)(UNK)(UNK)(UNK)(UNK)(UNK)(UNK)(UNK)(UNK)(UNK)(UNK)(UNK)(UNK)(UNK)(UNK)
(UNK)(UNK)(UNK)(UNK)(UNK)(UNK)(UNK)(UNK)(UNK)(UNK)(UNK)(UNK)(UNK)(UNK)(UNK)(UNK)
(UNK)(UNK)(UNK)(UNK)(UNK)(UNK)(UNK)(UNK)(UNK)(UNK)(UNK)(UNK)(UNK)(UNK)(UNK)(UNK)
(UNK)(UNK)(UNK)(UNK)(UNK)(UNK)(UNK)(UNK)(UNK)(UNK)(UNK)(UNK)(UNK)(UNK)(UNK)(UNK)
(UNK)(UNK)(UNK)(UNK)(UNK)(UNK)(UNK)(UNK)(UNK)(UNK)(UNK)(UNK)(UNK)(UNK)(UNK)(UNK)
(UNK)(UNK)(UNK)(UNK)(UNK)(UNK)(UNK)(UNK)(UNK)(UNK)(UNK)(UNK)(UNK)(UNK)(UNK)(UNK)
(UNK)(UNK)(UNK)(UNK)(UNK)(UNK)(UNK)(UNK)(UNK)(UNK)(UNK)(UNK)(UNK)(UNK)(UNK)(UNK)
(UNK)(UNK)(UNK)(UNK)(UNK)(UNK)(UNK)(UNK)(UNK)(UNK)(UNK)(UNK)(UNK)(UNK)(UNK)(UNK)
(UNK)(UNK)(UNK)(UNK)(UNK)(UNK)(UNK)(UNK)(UNK)(UNK)(UNK)(UNK)(UNK)(UNK)(UNK)(UNK)
(UNK)(UNK)(UNK)(UNK)(UNK)(UNK)(UNK)(UNK)(UNK)(UNK)(UNK)(UNK)(UNK)(UNK)
;
A
2 'polypeptide(L)'
;(UNK)(UNK)(UNK)(UNK)(UNK)(UNK)(UNK)(UNK)(UNK)(UNK)(UNK)(UNK)(UNK)(UNK)(UNK)(UNK)
(UNK)(UNK)(UNK)(UNK)(UNK)(UNK)(UNK)(UNK)(UNK)(UNK)(UNK)(UNK)(UNK)(UNK)(UNK)(UNK)
(UNK)(UNK)(UNK)(UNK)(UNK)(UNK)(UNK)(UNK)(UNK)(UNK)(UNK)(UNK)(UNK)(UNK)(UNK)(UNK)
(UNK)(UNK)(UNK)(UNK)(UNK)(UNK)(UNK)(UNK)(UNK)(UNK)(UNK)(UNK)(UNK)(UNK)(UNK)(UNK)
(UNK)(UNK)(UNK)(UNK)(UNK)(UNK)(UNK)(UNK)(UNK)(UNK)(UNK)(UNK)(UNK)(UNK)(UNK)(UNK)
(UNK)(UNK)(UNK)(UNK)(UNK)(UNK)(UNK)(UNK)(UNK)(UNK)(UNK)(UNK)(UNK)(UNK)(UNK)(UNK)
(UNK)(UNK)(UNK)(UNK)(UNK)(UNK)(UNK)(UNK)(UNK)(UNK)(UNK)(UNK)(UNK)(UNK)(UNK)(UNK)
(UNK)(UNK)(UNK)(UNK)(UNK)(UNK)(UNK)(UNK)(UNK)(UNK)(UNK)(UNK)(UNK)(UNK)(UNK)(UNK)
(UNK)(UNK)(UNK)(UNK)(UNK)(UNK)(UNK)(UNK)(UNK)(UNK)(UNK)(UNK)(UNK)(UNK)(UNK)(UNK)
(UNK)(UNK)(UNK)(UNK)(UNK)(UNK)(UNK)(UNK)(UNK)(UNK)(UNK)(UNK)(UNK)(UNK)(UNK)(UNK)
(UNK)(UNK)(UNK)(UNK)(UNK)(UNK)(UNK)(UNK)(UNK)(UNK)(UNK)(UNK)(UNK)(UNK)(UNK)(UNK)
(UNK)(UNK)(UNK)(UNK)(UNK)(UNK)(UNK)(UNK)(UNK)(UNK)(UNK)(UNK)(UNK)(UNK)(UNK)(UNK)
(UNK)(UNK)(UNK)(UNK)(UNK)(UNK)(UNK)(UNK)(UNK)(UNK)(UNK)(UNK)(UNK)(UNK)(UNK)(UNK)
(UNK)(UNK)(UNK)(UNK)(UNK)(UNK)(UNK)(UNK)(UNK)(UNK)(UNK)(UNK)(UNK)(UNK)(UNK)(UNK)
(UNK)(UNK)(UNK)(UNK)(UNK)(UNK)(UNK)(UNK)(UNK)(UNK)(UNK)(UNK)(UNK)(UNK)(UNK)(UNK)
(UNK)(UNK)(UNK)(UNK)(UNK)(UNK)(UNK)(UNK)(UNK)(UNK)(UNK)(UNK)(UNK)(UNK)(UNK)(UNK)
(UNK)(UNK)(UNK)(UNK)(UNK)(UNK)(UNK)(UNK)(UNK)(UNK)(UNK)(UNK)(UNK)(UNK)(UNK)(UNK)
(UNK)(UNK)(UNK)(UNK)(UNK)(UNK)(UNK)(UNK)(UNK)(UNK)(UNK)(UNK)(UNK)(UNK)(UNK)(UNK)
(UNK)(UNK)(UNK)(UNK)(UNK)(UNK)(UNK)(UNK)(UNK)(UNK)(UNK)(UNK)(UNK)(UNK)(UNK)(UNK)
(UNK)(UNK)(UNK)(UNK)(UNK)(UNK)(UNK)(UNK)(UNK)(UNK)(UNK)(UNK)(UNK)(UNK)(UNK)(UNK)
(UNK)(UNK)(UNK)(UNK)(UNK)(UNK)(UNK)(UNK)(UNK)(UNK)(UNK)(UNK)(UNK)(UNK)(UNK)(UNK)
(UNK)(UNK)(UNK)(UNK)(UNK)(UNK)(UNK)(UNK)(UNK)(UNK)(UNK)(UNK)(UNK)(UNK)(UNK)(UNK)
(UNK)(UNK)(UNK)(UNK)(UNK)(UNK)(UNK)(UNK)(UNK)(UNK)(UNK)(UNK)(UNK)(UNK)(UNK)(UNK)
(UNK)(UNK)(UNK)(UNK)(UNK)(UNK)(UNK)(UNK)(UNK)(UNK)(UNK)(UNK)(UNK)(UNK)(UNK)(UNK)
(UNK)(UNK)(UNK)(UNK)(UNK)(UNK)(UNK)(UNK)(UNK)(UNK)(UNK)(UNK)(UNK)(UNK)(UNK)(UNK)
(UNK)(UNK)(UNK)(UNK)(UNK)(UNK)(UNK)(UNK)(UNK)(UNK)(UNK)(UNK)(UNK)(UNK)(UNK)(UNK)
(UNK)(UNK)(UNK)(UNK)(UNK)(UNK)(UNK)(UNK)(UNK)(UNK)(UNK)(UNK)(UNK)(UNK)(UNK)(UNK)
(UNK)(UNK)(UNK)(UNK)(UNK)(UNK)(UNK)(UNK)(UNK)(UNK)(UNK)(UNK)(UNK)(UNK)(UNK)(UNK)
(UNK)(UNK)(UNK)(UNK)(UNK)(UNK)(UNK)(UNK)(UNK)(UNK)(UNK)(UNK)(UNK)(UNK)(UNK)(UNK)
(UNK)(UNK)(UNK)(UNK)(UNK)(UNK)(UNK)(UNK)(UNK)(UNK)(UNK)(UNK)(UNK)(UNK)(UNK)(UNK)
(UNK)(UNK)(UNK)(UNK)(UNK)(UNK)(UNK)(UNK)(UNK)(UNK)(UNK)(UNK)(UNK)(UNK)(UNK)(UNK)
(UNK)(UNK)(UNK)(UNK)(UNK)(UNK)(UNK)
;
B
3 'polypeptide(L)'
;(UNK)(UNK)(UNK)(UNK)(UNK)(UNK)(UNK)(UNK)(UNK)(UNK)(UNK)(UNK)(UNK)(UNK)(UNK)(UNK)
(UNK)(UNK)(UNK)(UNK)(UNK)(UNK)(UNK)(UNK)(UNK)(UNK)(UNK)(UNK)(UNK)(UNK)(UNK)(UNK)
(UNK)(UNK)(UNK)(UNK)(UNK)(UNK)(UNK)(UNK)(UNK)(UNK)(UNK)(UNK)(UNK)(UNK)(UNK)(UNK)
(UNK)(UNK)(UNK)(UNK)(UNK)(UNK)(UNK)(UNK)(UNK)(UNK)(UNK)(UNK)(UNK)(UNK)(UNK)(UNK)
(UNK)(UNK)(UNK)(UNK)(UNK)(UNK)(UNK)(UNK)(UNK)(UNK)(UNK)(UNK)(UNK)(UNK)(UNK)(UNK)
(UNK)(UNK)(UNK)(UNK)(UNK)(UNK)(UNK)(UNK)(UNK)(UNK)(UNK)(UNK)(UNK)(UNK)(UNK)(UNK)
(UNK)(UNK)(UNK)(UNK)(UNK)(UNK)(UNK)(UNK)(UNK)(UNK)(UNK)(UNK)(UNK)(UNK)(UNK)
;
L
4 'polypeptide(L)'
;(UNK)(UNK)(UNK)(UNK)(UNK)(UNK)(UNK)(UNK)(UNK)(UNK)(UNK)(UNK)(UNK)(UNK)(UNK)(UNK)
(UNK)(UNK)(UNK)(UNK)(UNK)(UNK)(UNK)(UNK)(UNK)(UNK)(UNK)(UNK)(UNK)(UNK)(UNK)(UNK)
(UNK)(UNK)(UNK)(UNK)(UNK)(UNK)(UNK)(UNK)(UNK)(UNK)(UNK)(UNK)(UNK)(UNK)(UNK)(UNK)
(UNK)(UNK)(UNK)(UNK)(UNK)(UNK)(UNK)(UNK)(UNK)(UNK)(UNK)(UNK)(UNK)(UNK)(UNK)(UNK)
;
K
5 'polypeptide(L)'
;(UNK)(UNK)(UNK)(UNK)(UNK)(UNK)(UNK)(UNK)(UNK)(UNK)(UNK)(UNK)(UNK)(UNK)(UNK)(UNK)
(UNK)(UNK)(UNK)(UNK)(UNK)(UNK)(UNK)(UNK)(UNK)(UNK)(UNK)(UNK)(UNK)(UNK)(UNK)(UNK)
(UNK)(UNK)(UNK)(UNK)(UNK)(UNK)(UNK)(UNK)(UNK)(UNK)(UNK)(UNK)(UNK)(UNK)(UNK)(UNK)
(UNK)(UNK)(UNK)(UNK)(UNK)(UNK)(UNK)(UNK)(UNK)(UNK)(UNK)(UNK)(UNK)(UNK)(UNK)(UNK)
(UNK)(UNK)(UNK)(UNK)(UNK)(UNK)(UNK)(UNK)(UNK)(UNK)(UNK)(UNK)(UNK)(UNK)(UNK)(UNK)
(UNK)(UNK)(UNK)(UNK)(UNK)(UNK)(UNK)(UNK)(UNK)(UNK)(UNK)(UNK)(UNK)(UNK)(UNK)(UNK)
(UNK)(UNK)(UNK)(UNK)(UNK)(UNK)(UNK)(UNK)(UNK)(UNK)(UNK)(UNK)(UNK)(UNK)(UNK)(UNK)
(UNK)(UNK)(UNK)(UNK)(UNK)(UNK)(UNK)(UNK)(UNK)(UNK)(UNK)(UNK)(UNK)(UNK)(UNK)(UNK)
(UNK)(UNK)
;
F
6 'polypeptide(L)'
;(UNK)(UNK)(UNK)(UNK)(UNK)(UNK)(UNK)(UNK)(UNK)(UNK)(UNK)(UNK)(UNK)(UNK)(UNK)(UNK)
(UNK)(UNK)(UNK)(UNK)(UNK)(UNK)(UNK)(UNK)(UNK)(UNK)(UNK)(UNK)(UNK)(UNK)(UNK)(UNK)
(UNK)(UNK)(UNK)(UNK)(UNK)(UNK)(UNK)(UNK)(UNK)(UNK)(UNK)(UNK)(UNK)(UNK)(UNK)(UNK)
(UNK)(UNK)(UNK)(UNK)(UNK)(UNK)(UNK)(UNK)(UNK)(UNK)(UNK)(UNK)(UNK)(UNK)(UNK)(UNK)
(UNK)(UNK)(UNK)(UNK)(UNK)(UNK)(UNK)(UNK)(UNK)(UNK)(UNK)(UNK)(UNK)(UNK)(UNK)(UNK)
;
C
#
loop_
_chem_comp.id
_chem_comp.type
_chem_comp.name
_chem_comp.formula
CLA non-polymer 'CHLOROPHYLL A' 'C55 H72 Mg N4 O5'
PQN non-polymer PHYLLOQUINONE 'C31 H46 O2'
SF4 non-polymer 'IRON/SULFUR CLUSTER' 'Fe4 S4'
#
# COMPACT_ATOMS: atom_id res chain seq x y z
CA UNK A 1 -40.60 -13.90 -23.83
CA UNK A 2 -40.78 -11.26 -26.58
CA UNK A 3 -37.18 -11.54 -27.76
CA UNK A 4 -37.20 -15.31 -28.18
CA UNK A 5 -40.30 -15.38 -30.41
CA UNK A 6 -39.13 -12.77 -32.92
CA UNK A 7 -35.75 -14.38 -33.60
CA UNK A 8 -37.20 -17.81 -34.43
CA UNK A 9 -39.75 -16.65 -37.00
CA UNK A 10 -37.30 -14.60 -39.06
CA UNK A 11 -34.79 -17.44 -39.43
CA UNK A 12 -37.49 -20.31 -39.91
CA UNK A 13 -35.83 -21.49 -43.07
CA UNK A 14 -32.55 -19.76 -43.00
CA UNK A 15 -32.30 -19.99 -39.20
CA UNK A 16 -33.65 -23.54 -38.77
CA UNK A 17 -31.28 -25.11 -41.33
CA UNK A 18 -28.03 -23.70 -39.94
CA UNK A 19 -28.64 -24.80 -36.36
CA UNK A 20 -29.28 -28.47 -37.25
CA UNK A 21 -26.15 -29.00 -39.35
CA UNK A 22 -23.72 -27.64 -36.76
CA UNK A 23 -24.94 -29.92 -33.93
CA UNK A 24 -24.74 -33.20 -35.86
CA UNK A 25 -21.16 -32.71 -37.07
CA UNK A 26 -19.71 -32.05 -33.60
CA UNK A 27 -21.18 -35.12 -31.88
CA UNK A 28 -19.95 -37.62 -34.47
CA UNK A 29 -16.30 -36.50 -34.31
CA UNK A 30 -15.90 -36.68 -30.53
CA UNK A 31 -17.25 -40.22 -30.18
CA UNK A 32 -14.88 -41.73 -32.76
CA UNK A 33 -11.64 -40.36 -31.31
CA UNK A 34 -12.28 -41.55 -27.76
CA UNK A 35 -2.08 -48.21 -32.60
CA UNK A 36 -1.36 -44.67 -33.69
CA UNK A 37 0.50 -46.10 -36.69
CA UNK A 38 -2.70 -47.67 -38.15
CA UNK A 39 -5.38 -45.99 -36.00
CA UNK A 40 -3.59 -42.67 -35.70
CA UNK A 41 -2.98 -42.06 -39.45
CA UNK A 42 -6.55 -43.07 -40.22
CA UNK A 43 -8.09 -40.48 -37.91
CA UNK A 44 -5.74 -37.82 -38.50
CA UNK A 45 -6.60 -37.85 -42.18
CA UNK A 46 -10.39 -38.31 -42.03
CA UNK A 47 -11.01 -37.02 -38.47
CA UNK A 48 -9.43 -33.67 -39.29
CA UNK A 49 -11.88 -32.87 -42.10
CA UNK A 50 -15.38 -34.00 -40.81
CA UNK A 51 -15.27 -32.70 -37.25
CA UNK A 52 -15.50 -28.92 -38.00
CA UNK A 53 -17.79 -29.64 -40.67
CA UNK A 54 -20.82 -29.24 -38.41
CA UNK A 55 -22.52 -26.48 -40.39
CA UNK A 56 -21.00 -23.90 -38.41
CA UNK A 57 -24.27 -22.12 -37.65
CA UNK A 58 -24.96 -19.39 -40.07
CA UNK A 59 -28.44 -18.71 -38.83
CA UNK A 60 -27.30 -15.94 -36.49
CA UNK A 61 -25.96 -14.06 -39.51
CA UNK A 62 -28.95 -15.17 -41.42
CA UNK A 63 -31.08 -13.21 -39.00
CA UNK A 64 -28.85 -10.17 -38.40
CA UNK A 65 -27.44 -11.03 -41.56
CA UNK A 66 -28.41 -7.36 -42.16
CA UNK A 67 -24.91 -6.45 -41.16
CA UNK A 68 -23.59 -7.30 -44.66
CA UNK A 69 -26.40 -5.48 -46.44
CA UNK A 70 -25.91 -2.16 -44.64
CA UNK A 71 -22.14 -1.85 -44.76
CA UNK A 72 -21.12 -3.54 -48.02
CA UNK A 73 -22.32 -3.20 -51.61
CA UNK A 74 -19.44 -2.21 -53.61
CA UNK A 75 -19.07 1.15 -55.37
CA UNK A 76 -16.07 2.21 -53.25
CA UNK A 77 -12.91 0.33 -53.45
CA UNK A 78 -11.75 -3.24 -52.99
CA UNK A 79 -10.92 -4.49 -49.40
CA UNK A 80 -8.72 -7.77 -48.08
CA UNK A 81 -5.94 -8.91 -50.42
CA UNK A 82 -3.79 -8.81 -47.29
CA UNK A 83 -5.72 -11.67 -45.40
CA UNK A 84 -5.42 -14.22 -48.22
CA UNK A 85 -1.64 -13.97 -48.55
CA UNK A 86 -0.80 -14.51 -44.86
CA UNK A 87 -2.92 -17.65 -44.49
CA UNK A 88 -1.35 -19.52 -47.41
CA UNK A 89 2.31 -19.02 -46.39
CA UNK A 90 1.83 -20.26 -42.82
CA UNK A 91 0.24 -23.58 -43.79
CA UNK A 92 2.90 -24.68 -46.31
CA UNK A 93 5.84 -24.11 -43.96
CA UNK A 94 4.47 -26.24 -41.12
CA UNK A 95 3.74 -29.21 -43.34
CA UNK A 96 7.15 -29.73 -44.85
CA UNK A 97 9.51 -29.51 -41.87
CA UNK A 98 7.94 -32.35 -39.88
CA UNK A 99 7.83 -34.80 -42.80
CA UNK A 100 11.53 -34.51 -43.66
CA UNK A 101 12.88 -35.13 -40.13
CA UNK A 102 10.88 -38.32 -39.55
CA UNK A 103 12.04 -40.08 -42.71
CA UNK A 104 5.92 -30.07 -36.92
CA UNK A 105 6.77 -27.18 -34.62
CA UNK A 106 7.33 -24.64 -37.39
CA UNK A 107 4.10 -25.26 -39.29
CA UNK A 108 1.87 -24.80 -36.24
CA UNK A 109 3.29 -21.40 -35.25
CA UNK A 110 3.04 -19.74 -38.73
CA UNK A 111 -0.57 -20.75 -38.96
CA UNK A 112 -2.38 -19.45 -35.83
CA UNK A 113 -1.09 -15.83 -35.91
CA UNK A 114 -2.09 -15.19 -39.52
CA UNK A 115 -5.74 -16.18 -39.08
CA UNK A 116 -6.50 -13.99 -36.03
CA UNK A 117 -5.12 -10.80 -37.58
CA UNK A 118 -7.21 -10.98 -40.75
CA UNK A 119 -10.62 -11.45 -39.08
CA UNK A 120 -10.22 -8.51 -36.71
CA UNK A 121 -9.42 -5.95 -39.40
CA UNK A 122 -12.38 -6.70 -41.71
CA UNK A 123 -14.99 -6.48 -38.95
CA UNK A 124 -13.95 -3.02 -37.73
CA UNK A 125 -14.01 -1.37 -41.36
CA UNK A 126 -17.47 -2.79 -42.07
CA UNK A 127 -19.17 -1.29 -39.02
CA UNK A 128 -17.45 1.26 -41.17
CA UNK A 129 -20.29 1.55 -43.67
CA UNK A 130 -22.36 2.39 -40.59
CA UNK A 131 -19.57 4.91 -40.52
CA UNK A 132 -17.70 6.77 -37.79
CA UNK A 133 -14.78 9.14 -38.33
CA UNK A 134 -11.07 8.68 -39.09
CA UNK A 135 -8.04 8.91 -36.84
CA UNK A 136 -8.34 12.57 -35.73
CA UNK A 137 -10.42 13.32 -32.76
CA UNK A 138 -7.62 15.40 -31.36
CA UNK A 139 -4.50 13.63 -32.57
CA UNK A 140 -2.53 16.04 -34.57
CA UNK A 141 -0.73 17.99 -33.86
CA UNK A 142 0.64 17.05 -30.48
CA UNK A 143 1.22 19.85 -31.66
CA UNK A 144 4.91 20.04 -31.61
CA UNK A 145 5.98 18.04 -28.62
CA UNK A 146 5.07 20.69 -26.76
CA UNK A 147 2.87 18.48 -24.53
CA UNK A 148 5.43 17.71 -21.81
CA UNK A 149 6.14 15.24 -23.89
CA UNK A 150 4.09 13.04 -21.54
CA UNK A 151 0.93 14.92 -22.66
CA UNK A 152 1.25 14.22 -26.40
CA UNK A 153 2.20 10.55 -26.03
CA UNK A 154 -0.84 9.59 -23.95
CA UNK A 155 -3.49 11.07 -26.29
CA UNK A 156 -2.13 9.45 -29.45
CA UNK A 157 -2.15 5.90 -28.09
CA UNK A 158 -5.76 5.89 -26.84
CA UNK A 159 -7.27 7.11 -30.11
CA UNK A 160 -5.68 4.43 -32.28
CA UNK A 161 -5.96 1.27 -30.21
CA UNK A 162 -9.71 1.25 -30.88
CA UNK A 163 -10.99 2.64 -27.55
CA UNK A 164 -14.00 4.11 -29.01
CA UNK A 165 -16.86 2.44 -30.99
CA UNK A 166 -21.92 -3.92 -26.39
CA UNK A 167 -23.63 -6.75 -28.23
CA UNK A 168 -20.42 -8.53 -29.31
CA UNK A 169 -18.50 -8.04 -26.06
CA UNK A 170 -20.93 -10.13 -24.03
CA UNK A 171 -20.43 -13.43 -25.89
CA UNK A 172 -16.64 -13.21 -26.28
CA UNK A 173 -16.04 -13.23 -22.53
CA UNK A 174 -17.41 -16.60 -21.83
CA UNK A 175 -15.37 -18.72 -24.22
CA UNK A 176 -12.12 -17.99 -22.38
CA UNK A 177 -13.32 -18.50 -18.87
CA UNK A 178 -15.75 -21.30 -19.71
CA UNK A 179 -13.32 -23.05 -22.09
CA UNK A 180 -10.39 -23.04 -19.75
CA UNK A 181 -11.76 -25.30 -16.95
CA UNK A 182 -12.34 -28.23 -19.35
CA UNK A 183 -9.35 -29.71 -18.09
CA UNK A 184 -12.37 -31.62 -16.59
CA UNK A 185 -11.75 -30.41 -13.05
CA UNK A 186 -8.53 -32.43 -12.52
CA UNK A 187 -6.42 -31.73 -15.63
CA UNK A 188 -5.83 -35.45 -16.05
CA UNK A 189 -9.66 -36.42 -16.25
CA UNK A 190 -9.79 -34.51 -19.46
CA UNK A 191 -6.25 -35.67 -20.04
CA UNK A 192 -6.55 -35.84 -23.09
CA UNK A 193 -5.86 -38.94 -20.99
CA UNK A 194 -2.61 -39.35 -22.90
CA UNK A 195 0.39 -37.20 -22.90
CA UNK A 196 1.79 -37.99 -19.46
CA UNK A 197 -0.53 -38.75 -16.55
CA UNK A 198 2.55 -37.61 -14.70
CA UNK A 199 5.71 -35.89 -15.87
CA UNK A 200 5.79 -33.38 -18.77
CA UNK A 201 4.89 -30.66 -17.20
CA UNK A 202 1.92 -30.25 -19.56
CA UNK A 203 -0.41 -30.55 -16.49
CA UNK A 204 1.01 -27.19 -15.79
CA UNK A 205 0.30 -26.07 -19.35
CA UNK A 206 -3.44 -26.46 -18.73
CA UNK A 207 -3.41 -24.21 -15.66
CA UNK A 208 -1.10 -21.48 -16.94
CA UNK A 209 -2.68 -21.17 -20.37
CA UNK A 210 -6.30 -21.49 -19.24
CA UNK A 211 -5.74 -19.22 -16.26
CA UNK A 212 -4.16 -16.32 -18.17
CA UNK A 213 -6.23 -16.63 -21.33
CA UNK A 214 -9.47 -17.06 -19.44
CA UNK A 215 -9.08 -14.16 -17.01
CA UNK A 216 -9.52 -11.27 -19.60
CA UNK A 217 -13.08 -12.36 -20.44
CA UNK A 218 -13.85 -10.61 -17.13
CA UNK A 219 -14.20 -7.70 -18.94
CA UNK A 220 -17.95 -7.70 -19.83
CA UNK A 221 -17.78 -4.89 -22.42
CA UNK A 222 -18.38 -2.22 -19.91
CA UNK A 223 -18.39 0.10 -22.93
CA UNK A 224 -21.52 -1.93 -23.68
CA UNK A 225 -23.44 0.17 -21.13
CA UNK A 226 -22.01 3.37 -22.65
CA UNK A 227 -23.09 2.52 -26.25
CA UNK A 228 -26.29 1.00 -25.42
CA UNK A 229 -28.81 3.84 -25.65
CA UNK A 230 -32.06 1.94 -24.94
CA UNK A 231 -35.26 1.25 -24.82
CA UNK A 232 -36.02 -2.07 -23.03
CA UNK A 233 -38.81 -3.63 -20.94
CA UNK A 234 -36.36 -5.88 -19.16
CA UNK A 235 -33.02 -4.08 -18.95
CA UNK A 236 -34.32 -1.25 -16.80
CA UNK A 237 -35.57 -3.64 -14.11
CA UNK A 238 -32.47 -5.87 -13.34
CA UNK A 239 -30.44 -2.64 -12.75
CA UNK A 240 -32.80 0.01 -10.87
CA UNK A 241 -33.25 0.63 -8.01
CA UNK A 242 -29.76 0.19 -6.57
CA UNK A 243 -30.85 -2.47 -4.22
CA UNK A 244 -29.29 -4.95 -6.67
CA UNK A 245 -25.85 -3.43 -6.09
CA UNK A 246 -26.29 -3.50 -2.23
CA UNK A 247 -27.54 -7.08 -2.05
CA UNK A 248 -24.63 -8.60 -3.95
CA UNK A 249 -21.82 -7.00 -1.91
CA UNK A 250 -23.16 -8.12 1.46
CA UNK A 251 -23.42 -11.80 0.56
CA UNK A 252 -19.88 -12.23 -0.79
CA UNK A 253 -18.18 -10.72 2.25
CA UNK A 254 -19.87 -12.99 4.79
CA UNK A 255 -19.15 -16.30 3.10
CA UNK A 256 -15.40 -15.69 2.82
CA UNK A 257 -15.22 -14.72 6.49
CA UNK A 258 -17.23 -17.69 7.37
CA UNK A 259 -15.34 -19.19 4.41
CA UNK A 260 -11.86 -18.05 5.59
CA UNK A 261 -11.29 -20.99 7.72
CA UNK A 262 -7.50 -20.67 7.86
CA UNK A 263 -7.44 -17.97 10.51
CA UNK A 264 -8.73 -18.76 13.96
CA UNK A 265 -8.01 -22.51 13.65
CA UNK A 266 -4.48 -21.91 12.21
CA UNK A 267 -3.87 -19.57 15.01
CA UNK A 268 -5.19 -22.52 16.70
CA UNK A 269 -2.52 -24.69 15.07
CA UNK A 270 0.32 -22.93 16.32
CA UNK A 271 -0.34 -24.22 19.85
CA UNK A 272 -3.76 -25.85 20.19
CA UNK A 273 -5.23 -29.46 20.99
CA UNK A 274 -4.60 -32.19 23.46
CA UNK A 275 -4.09 -32.53 27.17
CA UNK A 276 -2.30 -30.27 29.58
CA UNK A 277 1.17 -30.38 28.22
CA UNK A 278 1.18 -27.73 25.50
CA UNK A 279 0.81 -24.09 26.24
CA UNK A 280 3.23 -24.33 29.17
CA UNK A 281 5.90 -26.36 27.27
CA UNK A 282 8.10 -23.86 25.24
CA UNK A 283 6.18 -20.64 25.86
CA UNK A 284 6.49 -20.99 29.64
CA UNK A 285 -9.58 -37.42 -3.24
CA UNK A 286 -10.81 -34.32 -1.46
CA UNK A 287 -11.65 -34.16 2.24
CA UNK A 288 -13.49 -33.77 4.02
CA UNK A 289 -11.64 -31.88 6.85
CA UNK A 290 -9.67 -30.29 3.97
CA UNK A 291 -11.07 -30.03 0.53
CA UNK A 292 -13.90 -27.94 1.97
CA UNK A 293 -11.75 -24.83 2.37
CA UNK A 294 -9.38 -25.37 -0.65
CA UNK A 295 -12.41 -25.82 -2.98
CA UNK A 296 -14.82 -23.45 -1.15
CA UNK A 297 -12.56 -20.89 0.26
CA UNK A 298 -10.41 -20.74 -2.84
CA UNK A 299 -13.31 -20.84 -5.33
CA UNK A 300 -15.60 -18.56 -3.31
CA UNK A 301 -12.86 -15.97 -2.84
CA UNK A 302 -11.90 -15.64 -6.50
CA UNK A 303 -15.34 -16.18 -7.97
CA UNK A 304 -17.07 -14.48 -4.99
CA UNK A 305 -14.81 -11.44 -4.70
CA UNK A 306 -14.69 -10.61 -8.41
CA UNK A 307 -18.36 -11.30 -9.22
CA UNK A 308 -19.55 -8.65 -6.71
CA UNK A 309 -16.84 -6.14 -7.76
CA UNK A 310 -17.06 -6.36 -11.57
CA UNK A 311 -20.80 -6.86 -11.71
CA UNK A 312 -21.82 -3.81 -9.55
CA UNK A 313 -19.66 -1.35 -11.44
CA UNK A 314 -21.42 -1.95 -14.74
CA UNK A 315 -24.72 -1.72 -13.21
CA UNK A 316 -25.03 1.90 -14.33
CA UNK A 317 -22.07 4.27 -14.11
CA UNK A 318 -25.07 6.47 -14.57
CA UNK A 319 -22.75 9.41 -15.26
CA UNK A 320 -22.34 10.97 -18.70
CA UNK A 321 -18.97 10.58 -17.45
CA UNK A 322 -16.07 8.16 -17.87
CA UNK A 323 -12.41 8.93 -17.20
CA UNK A 324 -12.44 11.51 -14.71
CA UNK A 325 -13.39 11.64 -11.04
CA UNK A 326 -10.45 10.81 -9.80
CA UNK A 327 -11.39 8.57 -8.00
CA UNK A 328 -13.78 5.58 -10.16
CA UNK A 329 -15.85 5.13 -13.31
CA UNK A 330 -16.35 2.98 -16.42
CA UNK A 331 -12.58 2.50 -16.72
CA UNK A 332 -11.77 2.67 -13.01
CA UNK A 333 -13.57 -0.55 -12.01
CA UNK A 334 -12.20 -2.80 -14.75
CA UNK A 335 -8.61 -1.72 -14.26
CA UNK A 336 -8.35 -2.28 -10.52
CA UNK A 337 -11.32 -4.62 -10.24
CA UNK A 338 -10.25 -6.80 -13.14
CA UNK A 339 -6.68 -7.46 -12.12
CA UNK A 340 -7.46 -8.59 -8.58
CA UNK A 341 -10.36 -10.87 -9.50
CA UNK A 342 -8.21 -12.48 -12.16
CA UNK A 343 -4.73 -12.13 -10.52
CA UNK A 344 -6.14 -13.05 -7.09
CA UNK A 345 -8.81 -15.58 -8.01
CA UNK A 346 -6.65 -17.17 -10.70
CA UNK A 347 -3.47 -17.13 -8.71
CA UNK A 348 -4.93 -18.90 -5.75
CA UNK A 349 -7.08 -21.53 -7.60
CA UNK A 350 -4.31 -22.19 -10.13
CA UNK A 351 -1.40 -21.46 -8.03
CA UNK A 352 -3.02 -23.21 -5.10
CA UNK A 353 -4.55 -26.24 -6.84
CA UNK A 354 -2.35 -26.58 -9.96
CA UNK A 355 0.74 -26.10 -7.79
CA UNK A 356 -0.77 -27.86 -4.78
CA UNK A 357 -2.13 -30.65 -7.10
CA UNK A 358 0.58 -32.95 -5.75
CA UNK A 359 0.58 -34.89 -2.53
CA UNK A 360 2.57 -33.93 0.55
CA UNK A 361 1.13 -36.08 3.34
CA UNK A 362 0.20 -32.73 4.76
CA UNK A 363 -1.90 -32.66 3.40
CA UNK A 364 -2.73 -32.37 6.99
CA UNK A 365 -0.22 -29.46 7.74
CA UNK A 366 -2.05 -27.36 5.23
CA UNK A 367 -4.19 -24.88 7.09
CA UNK A 368 -3.36 -21.29 8.02
CA UNK A 369 -0.29 -19.63 6.63
CA UNK A 370 1.53 -22.88 7.41
CA UNK A 371 -0.32 -24.28 4.39
CA UNK A 372 0.73 -20.94 2.67
CA UNK A 373 3.95 -20.82 4.65
CA UNK A 374 4.72 -24.52 4.09
CA UNK A 375 4.44 -24.54 0.29
CA UNK A 376 5.49 -20.93 -0.40
CA UNK A 377 9.11 -21.87 -0.05
CA UNK A 378 8.92 -24.09 -3.19
CA UNK A 379 11.86 -26.05 -4.62
CA UNK A 380 15.43 -24.75 -4.93
CA UNK A 381 15.32 -21.03 -5.40
CA UNK A 382 16.74 -21.32 -8.96
CA UNK A 383 20.20 -21.66 -10.38
CA UNK A 384 22.07 -23.90 -12.53
CA UNK A 385 19.88 -26.08 -14.73
CA UNK A 386 18.38 -23.13 -16.60
CA UNK A 387 19.01 -21.03 -13.82
CA UNK A 388 15.72 -19.52 -14.68
CA UNK A 389 17.04 -17.57 -17.28
CA UNK A 390 16.99 -14.92 -14.54
CA UNK A 391 13.41 -15.22 -13.17
CA UNK A 392 14.43 -13.50 -10.32
CA UNK A 393 13.57 -10.74 -12.87
CA UNK A 394 9.80 -11.47 -12.47
CA UNK A 395 10.03 -10.74 -8.74
CA UNK A 396 11.84 -7.45 -9.38
CA UNK A 397 9.80 -6.64 -12.49
CA UNK A 398 6.70 -7.96 -10.81
CA UNK A 399 6.30 -5.77 -7.72
CA UNK A 400 6.93 -2.47 -9.45
CA UNK A 401 4.57 -0.79 -7.29
CA UNK A 402 2.26 2.19 -7.38
CA UNK A 403 5.10 4.85 -7.82
CA UNK A 404 4.55 4.03 -11.44
CA UNK A 405 1.95 6.76 -10.92
CA UNK A 406 5.01 9.03 -11.26
CA UNK A 407 3.63 9.06 -14.48
CA UNK A 408 1.10 10.08 -11.82
CA UNK A 409 3.58 12.28 -9.95
CA UNK A 410 2.99 15.35 -8.51
CA UNK A 411 2.94 17.90 -11.35
CA UNK A 412 5.84 19.32 -9.47
CA UNK A 413 8.14 16.36 -9.95
CA UNK A 414 7.34 16.55 -13.68
CA UNK A 415 7.47 20.37 -13.89
CA UNK A 416 10.49 21.02 -11.72
CA UNK A 417 12.77 18.90 -13.91
CA UNK A 418 12.17 20.89 -17.10
CA UNK A 419 13.53 24.22 -15.58
CA UNK A 420 17.21 23.09 -15.77
CA UNK A 421 16.92 21.93 -19.30
CA UNK A 422 15.88 25.31 -19.76
CA UNK A 423 19.54 26.22 -20.15
CA UNK A 424 19.55 23.57 -22.88
CA UNK A 425 16.80 21.30 -23.58
CA UNK A 426 13.98 23.60 -24.57
CA UNK A 427 13.05 22.32 -28.02
CA UNK A 428 9.58 21.70 -28.89
CA UNK A 429 8.20 20.59 -25.63
CA UNK A 430 7.25 23.82 -23.88
CA UNK A 431 4.05 26.04 -24.94
CA UNK A 432 1.43 26.25 -24.01
CA UNK A 433 1.52 25.01 -20.42
CA UNK A 434 -2.16 25.20 -20.29
CA UNK A 435 -4.92 22.65 -19.63
CA UNK A 436 -3.01 20.32 -17.35
CA UNK A 437 -5.74 20.20 -14.48
CA UNK A 438 -8.02 17.53 -15.80
CA UNK A 439 -9.82 16.90 -12.51
CA UNK A 440 -7.51 18.27 -9.70
CA UNK A 441 -4.27 16.90 -11.03
CA UNK A 442 -3.40 16.48 -14.74
CA UNK A 443 -4.96 13.82 -16.96
CA UNK A 444 -1.83 11.69 -16.82
CA UNK A 445 -3.41 10.33 -13.59
CA UNK A 446 -5.88 8.22 -15.69
CA UNK A 447 -3.44 6.48 -18.05
CA UNK A 448 -0.62 6.20 -15.55
CA UNK A 449 -2.60 4.55 -12.71
CA UNK A 450 -4.66 2.34 -14.94
CA UNK A 451 -1.79 1.31 -17.26
CA UNK A 452 0.78 0.92 -14.40
CA UNK A 453 -1.45 -1.20 -12.13
CA UNK A 454 -2.77 -3.56 -14.79
CA UNK A 455 0.74 -4.20 -16.27
CA UNK A 456 2.38 -5.11 -12.96
CA UNK A 457 -0.11 -7.82 -12.04
CA UNK A 458 -0.06 -9.71 -15.38
CA UNK A 459 3.69 -9.18 -15.70
CA UNK A 460 4.89 -9.52 -12.09
CA UNK A 461 2.36 -12.22 -11.21
CA UNK A 462 3.04 -14.45 -14.20
CA UNK A 463 6.96 -14.41 -13.75
CA UNK A 464 6.91 -14.79 -9.85
CA UNK A 465 4.08 -17.32 -10.11
CA UNK A 466 4.84 -19.02 -13.42
CA UNK A 467 8.62 -18.95 -12.84
CA UNK A 468 8.60 -21.47 -10.02
CA UNK A 469 6.61 -24.20 -11.74
CA UNK A 470 9.39 -25.34 -14.17
CA UNK A 471 12.20 -24.99 -11.60
CA UNK A 472 10.22 -27.12 -9.14
CA UNK A 473 8.64 -29.64 -11.50
CA UNK A 474 11.72 -29.70 -13.73
CA UNK A 475 14.25 -30.58 -11.04
CA UNK A 476 12.05 -32.83 -9.04
CA UNK A 477 9.38 -33.62 -11.61
CA UNK A 478 11.80 -34.21 -14.46
CA UNK B 1 25.97 32.51 25.56
CA UNK B 2 29.72 32.33 26.18
CA UNK B 3 29.45 31.03 29.75
CA UNK B 4 27.06 28.15 29.06
CA UNK B 5 29.16 26.68 26.26
CA UNK B 6 32.38 26.47 28.27
CA UNK B 7 30.96 24.70 31.34
CA UNK B 8 29.38 21.92 29.28
CA UNK B 9 32.53 20.86 27.42
CA UNK B 10 35.03 20.80 30.40
CA UNK B 11 32.34 19.07 32.44
CA UNK B 12 32.54 15.97 30.22
CA UNK B 13 32.29 12.79 32.21
CA UNK B 14 32.99 10.24 29.46
CA UNK B 15 36.64 9.64 30.34
CA UNK B 16 35.71 8.70 33.95
CA UNK B 17 32.85 6.40 32.94
CA UNK B 18 34.89 4.31 30.52
CA UNK B 19 37.80 3.52 32.85
CA UNK B 20 35.59 2.23 35.67
CA UNK B 21 33.69 -0.28 33.54
CA UNK B 22 30.94 -2.88 49.21
CA UNK B 23 33.08 -4.21 46.35
CA UNK B 24 31.55 -2.36 43.44
CA UNK B 25 34.59 -1.71 41.02
CA UNK B 26 32.69 -0.04 38.20
CA UNK B 27 29.93 2.02 39.78
CA UNK B 28 29.05 3.83 43.18
CA UNK B 29 31.96 6.33 43.08
CA UNK B 30 32.25 6.99 39.59
CA UNK B 31 28.84 5.49 38.40
CA UNK B 32 27.03 7.82 40.85
CA UNK B 33 29.51 10.75 40.70
CA UNK B 34 30.60 10.36 37.15
CA UNK B 35 27.20 10.20 35.75
CA UNK B 36 25.56 12.59 38.13
CA UNK B 37 28.27 15.23 37.70
CA UNK B 38 28.28 15.16 33.87
CA UNK B 39 24.52 15.03 33.37
CA UNK B 40 23.85 17.82 35.90
CA UNK B 41 26.42 20.36 34.33
CA UNK B 42 25.36 19.70 30.74
CA UNK B 43 21.57 19.52 31.21
CA UNK B 44 21.64 22.14 33.93
CA UNK B 45 24.14 24.49 32.33
CA UNK B 46 23.09 23.91 28.76
CA UNK B 47 19.35 24.13 29.38
CA UNK B 48 19.56 27.46 31.46
CA UNK B 49 22.10 29.10 29.21
CA UNK B 50 20.53 27.96 25.89
CA UNK B 51 16.98 28.47 27.25
CA UNK B 52 17.23 31.96 28.58
CA UNK B 53 17.54 33.83 25.29
CA UNK B 54 14.45 32.40 23.49
CA UNK B 55 11.03 31.62 24.28
CA UNK B 56 9.86 35.26 24.71
CA UNK B 57 7.84 36.11 27.85
CA UNK B 58 4.40 35.18 27.89
CA UNK B 59 5.15 31.68 29.18
CA UNK B 60 3.76 31.84 32.66
CA UNK B 61 0.81 30.00 34.15
CA UNK B 62 -2.10 31.44 36.16
CA UNK B 63 -4.03 28.48 37.61
CA UNK B 64 -3.18 26.21 34.39
CA UNK B 65 0.48 26.38 33.84
CA UNK B 66 1.10 25.85 37.63
CA UNK B 67 -1.13 22.75 38.18
CA UNK B 68 -0.03 21.02 34.99
CA UNK B 69 3.70 21.03 35.69
CA UNK B 70 3.65 19.70 39.27
CA UNK B 71 1.52 16.63 38.55
CA UNK B 72 3.72 15.41 35.52
CA UNK B 73 7.10 15.99 37.24
CA UNK B 74 6.00 14.83 40.68
CA UNK B 75 4.35 11.67 39.43
CA UNK B 76 7.18 10.37 37.29
CA UNK B 77 9.87 11.12 39.82
CA UNK B 78 7.90 9.87 42.86
CA UNK B 79 6.49 6.87 40.97
CA UNK B 80 9.41 6.29 38.63
CA UNK B 81 11.85 6.15 41.50
CA UNK B 82 9.90 3.86 43.86
CA UNK B 83 9.08 1.24 41.29
CA UNK B 84 12.55 1.18 39.67
CA UNK B 85 14.42 1.47 42.99
CA UNK B 86 12.82 -1.54 44.70
CA UNK B 87 13.18 -4.10 41.91
CA UNK B 88 16.84 -3.23 41.49
CA UNK B 89 17.91 -3.30 45.20
CA UNK B 90 15.83 -6.41 45.86
CA UNK B 91 16.17 -8.16 42.52
CA UNK B 92 19.57 -7.16 41.17
CA UNK B 93 23.13 -6.02 41.85
CA UNK B 94 24.90 -3.72 39.30
CA UNK B 95 21.81 -2.84 37.27
CA UNK B 96 23.55 -0.39 34.89
CA UNK B 97 26.21 -2.85 33.68
CA UNK B 98 23.95 -5.87 33.06
CA UNK B 99 7.39 -13.95 27.33
CA UNK B 100 10.77 -12.28 27.74
CA UNK B 101 13.74 -13.36 25.61
CA UNK B 102 14.78 -10.00 26.99
CA UNK B 103 13.33 -11.31 30.25
CA UNK B 104 15.61 -14.19 31.25
CA UNK B 105 14.94 -13.28 34.80
CA UNK B 106 11.38 -13.36 36.12
CA UNK B 107 9.03 -10.90 37.99
CA UNK B 108 10.66 -7.78 39.86
CA UNK B 109 13.67 -7.38 37.61
CA UNK B 110 11.89 -7.18 34.27
CA UNK B 111 8.71 -6.05 35.89
CA UNK B 112 9.61 -3.81 38.64
CA UNK B 113 12.39 -2.36 36.48
CA UNK B 114 10.37 -2.35 33.21
CA UNK B 115 7.06 -1.35 34.80
CA UNK B 116 8.58 1.66 36.84
CA UNK B 117 10.70 2.90 33.98
CA UNK B 118 8.27 2.35 31.11
CA UNK B 119 5.21 3.70 32.89
CA UNK B 120 6.96 6.63 34.56
CA UNK B 121 8.68 7.81 31.40
CA UNK B 122 5.78 9.22 29.31
CA UNK B 123 4.29 11.56 31.58
CA UNK B 124 6.21 14.61 30.48
CA UNK B 125 4.74 18.15 30.77
CA UNK B 126 2.49 17.67 27.87
CA UNK B 127 0.62 20.54 26.25
CA UNK B 128 0.74 22.77 29.46
CA UNK B 129 4.05 24.45 28.47
CA UNK B 130 3.78 24.59 24.92
CA UNK B 131 -0.05 23.66 24.48
CA UNK B 132 -1.09 25.68 27.58
CA UNK B 133 1.42 28.21 27.68
CA UNK B 134 2.95 27.47 24.29
CA UNK B 135 0.55 27.74 21.36
CA UNK B 136 -2.37 28.17 23.77
CA UNK B 137 -1.36 31.50 25.26
CA UNK B 138 -0.16 33.25 22.00
CA UNK B 139 -3.38 34.63 20.42
CA UNK B 140 -4.12 33.57 22.82
CA UNK B 141 -5.20 30.82 20.43
CA UNK B 142 -8.96 31.48 20.31
CA UNK B 143 -8.81 29.61 17.45
CA UNK B 144 -7.89 26.45 19.36
CA UNK B 145 -11.34 27.07 20.83
CA UNK B 146 -12.76 28.42 17.56
CA UNK B 147 -11.43 25.65 15.34
CA UNK B 148 -12.64 22.84 17.54
CA UNK B 149 -16.19 24.10 17.58
CA UNK B 150 -16.83 24.33 13.82
CA UNK B 151 -15.53 20.93 12.85
CA UNK B 152 -17.84 19.26 15.37
CA UNK B 153 -21.16 20.70 14.21
CA UNK B 154 -20.54 19.56 10.67
CA UNK B 155 -19.25 16.03 11.31
CA UNK B 156 -22.27 14.93 13.36
CA UNK B 157 -24.79 15.09 10.46
CA UNK B 158 -22.27 13.33 8.11
CA UNK B 159 -20.90 10.51 10.20
CA UNK B 160 -17.24 10.74 9.19
CA UNK B 161 -16.55 13.98 11.24
CA UNK B 162 -16.35 12.04 14.51
CA UNK B 163 -13.73 9.45 13.53
CA UNK B 164 -11.57 11.90 11.58
CA UNK B 165 -11.82 14.89 13.88
CA UNK B 166 -9.97 12.95 16.57
CA UNK B 167 -6.52 13.23 14.90
CA UNK B 168 -6.92 16.81 13.77
CA UNK B 169 -8.21 18.27 17.03
CA UNK B 170 -5.01 17.95 19.09
CA UNK B 171 -2.89 19.83 16.55
CA UNK B 172 -5.14 22.88 16.37
CA UNK B 173 -4.85 23.27 19.25
CA UNK B 174 -2.10 23.26 21.93
CA UNK B 175 17.21 38.39 11.98
CA UNK B 176 16.28 39.07 12.72
CA UNK B 177 15.27 36.36 10.11
CA UNK B 178 17.27 33.47 11.73
CA UNK B 179 16.70 34.55 15.10
CA UNK B 180 13.26 35.84 14.16
CA UNK B 181 12.10 33.08 11.79
CA UNK B 182 14.19 30.12 12.91
CA UNK B 183 12.42 30.23 16.29
CA UNK B 184 8.80 30.72 14.93
CA UNK B 185 9.30 25.60 11.59
CA UNK B 186 12.80 26.12 12.99
CA UNK B 187 11.91 24.48 16.32
CA UNK B 188 10.60 21.17 15.03
CA UNK B 189 13.20 21.00 12.27
CA UNK B 190 16.25 21.58 14.46
CA UNK B 191 14.94 19.82 17.61
CA UNK B 192 14.10 16.73 15.55
CA UNK B 193 16.78 16.83 12.85
CA UNK B 194 19.50 18.29 15.18
CA UNK B 195 18.27 16.14 18.10
CA UNK B 196 17.07 13.12 16.04
CA UNK B 197 19.41 13.18 13.08
CA UNK B 198 22.36 13.27 15.47
CA UNK B 199 21.11 11.11 18.34
CA UNK B 200 19.44 8.45 16.24
CA UNK B 201 22.12 8.37 13.55
CA UNK B 202 25.01 8.22 15.93
CA UNK B 203 23.83 5.08 17.83
CA UNK B 204 25.20 2.39 15.47
CA UNK B 205 28.72 2.25 16.94
CA UNK B 206 27.42 1.09 20.42
CA UNK B 207 27.52 -2.12 18.41
CA UNK B 208 30.89 -1.42 16.79
CA UNK B 209 32.37 0.26 19.70
CA UNK B 210 31.91 1.43 22.42
CA UNK B 211 29.96 -1.35 24.12
CA UNK B 212 27.38 -1.35 26.92
CA UNK B 213 28.14 -4.19 29.36
CA UNK B 214 31.95 -4.35 28.87
CA UNK B 215 31.88 -8.04 28.10
CA UNK B 216 28.04 -8.45 27.94
CA UNK B 217 27.41 -8.22 24.17
CA UNK B 218 28.87 -11.43 23.59
CA UNK B 219 30.10 -11.57 20.02
CA UNK B 220 27.78 -13.80 17.97
CA UNK B 221 25.03 -14.32 21.10
CA UNK B 222 23.55 -12.74 22.67
CA UNK B 223 21.64 -10.76 20.08
CA UNK B 224 21.21 -7.21 21.43
CA UNK B 225 23.00 -5.22 18.81
CA UNK B 226 20.97 -7.06 16.13
CA UNK B 227 17.59 -5.60 17.11
CA UNK B 228 18.98 -2.71 19.15
CA UNK B 229 21.12 -1.05 16.47
CA UNK B 230 18.68 -2.27 13.68
CA UNK B 231 15.56 -1.85 15.57
CA UNK B 232 16.59 1.15 17.59
CA UNK B 233 17.93 3.09 14.55
CA UNK B 234 15.15 1.95 12.21
CA UNK B 235 12.29 3.11 14.42
CA UNK B 236 13.95 6.00 16.33
CA UNK B 237 15.89 6.91 13.19
CA UNK B 238 13.46 5.91 10.44
CA UNK B 239 10.28 7.19 12.14
CA UNK B 240 12.06 10.18 13.70
CA UNK B 241 14.04 10.76 10.51
CA UNK B 242 11.10 11.00 8.11
CA UNK B 243 9.60 13.29 10.59
CA UNK B 244 11.35 16.47 9.26
CA UNK B 245 8.15 17.72 7.60
CA UNK B 246 7.68 21.07 9.08
CA UNK B 247 7.35 22.93 5.81
CA UNK B 248 7.68 26.11 7.84
CA UNK B 249 4.91 28.10 6.02
CA UNK B 250 4.91 30.87 8.60
CA UNK B 251 7.52 33.21 7.60
CA UNK B 252 8.81 32.26 4.27
CA UNK B 253 9.25 35.69 2.67
CA UNK B 254 10.86 38.93 3.83
CA UNK B 255 14.52 38.61 2.55
CA UNK B 256 17.15 37.43 2.97
CA UNK B 257 16.24 34.30 1.09
CA UNK B 258 17.48 31.78 -0.33
CA UNK B 259 14.60 33.63 -2.10
CA UNK B 260 16.13 33.35 -5.79
CA UNK B 261 15.21 29.99 -4.52
CA UNK B 262 13.22 28.79 -7.48
CA UNK B 263 15.46 25.99 -8.70
CA UNK B 264 15.88 22.64 -9.02
CA UNK B 265 17.65 20.52 -6.41
CA UNK B 266 16.02 17.61 -8.25
CA UNK B 267 18.65 17.26 -10.65
CA UNK B 268 21.17 15.86 -7.98
CA UNK B 269 18.76 13.19 -6.64
CA UNK B 270 17.88 11.92 -10.11
CA UNK B 271 21.41 11.16 -11.26
CA UNK B 272 22.66 9.26 -8.22
CA UNK B 273 20.03 6.74 -8.29
CA UNK B 274 20.51 5.30 -11.68
CA UNK B 275 23.34 2.78 -11.21
CA UNK B 276 22.79 0.18 -8.66
CA UNK B 277 19.83 -1.34 -10.56
CA UNK B 278 21.92 -1.98 -13.62
CA UNK B 279 25.20 -2.73 -11.82
CA UNK B 280 23.52 -5.01 -9.29
CA UNK B 281 20.85 -6.44 -11.59
CA UNK B 282 22.62 -6.70 -14.88
CA UNK B 283 26.01 -8.42 -15.08
CA UNK B 284 26.68 -7.41 -11.48
CA UNK B 285 23.98 -9.65 -9.65
CA UNK B 286 22.17 -11.72 -12.28
CA UNK B 287 25.18 -12.47 -14.14
CA UNK B 288 26.96 -14.64 -11.48
CA UNK B 289 25.51 -17.86 -12.90
CA UNK B 290 28.06 -17.83 -15.72
CA UNK B 291 31.37 -18.17 -13.72
CA UNK B 292 42.06 -4.95 16.79
CA UNK B 293 40.85 -8.54 17.51
CA UNK B 294 38.17 -10.96 16.25
CA UNK B 295 35.91 -8.62 18.16
CA UNK B 296 32.95 -6.80 16.55
CA UNK B 297 34.66 -3.47 15.71
CA UNK B 298 35.98 -5.33 12.82
CA UNK B 299 35.05 -2.39 10.53
CA UNK B 300 37.85 -3.27 8.05
CA UNK B 301 37.21 -7.08 7.74
CA UNK B 302 33.45 -6.69 8.20
CA UNK B 303 33.21 -4.70 4.96
CA UNK B 304 33.62 -6.95 2.24
CA UNK B 305 32.15 -4.20 0.03
CA UNK B 306 30.86 -3.38 -2.45
CA UNK B 307 27.31 -3.82 -0.86
CA UNK B 308 27.58 -1.11 1.78
CA UNK B 309 27.93 1.67 -0.78
CA UNK B 310 24.91 0.87 -2.99
CA UNK B 311 22.47 0.72 -0.06
CA UNK B 312 23.32 4.17 1.30
CA UNK B 313 22.76 6.08 -1.92
CA UNK B 314 19.36 4.67 -2.82
CA UNK B 315 17.97 5.55 0.59
CA UNK B 316 19.37 9.10 0.93
CA UNK B 317 18.67 10.04 -2.72
CA UNK B 318 15.01 8.99 -2.87
CA UNK B 319 14.22 10.18 0.71
CA UNK B 320 16.38 13.25 0.59
CA UNK B 321 15.28 14.39 -2.89
CA UNK B 322 11.56 13.54 -2.34
CA UNK B 323 11.34 14.91 1.16
CA UNK B 324 13.28 18.13 0.45
CA UNK B 325 11.65 18.71 -3.01
CA UNK B 326 8.10 18.31 -1.70
CA UNK B 327 8.27 20.98 0.99
CA UNK B 328 9.83 23.79 -1.07
CA UNK B 329 7.37 23.67 -3.96
CA UNK B 330 6.31 26.27 -2.10
CA UNK B 331 2.67 25.16 -1.93
CA UNK B 332 0.73 27.51 0.34
CA UNK B 333 -0.77 27.93 -2.82
CA UNK B 334 -2.58 29.56 -0.03
CA UNK B 335 -4.74 26.44 0.72
CA UNK B 336 -3.17 25.24 3.26
CA UNK B 337 -0.14 23.21 2.30
CA UNK B 338 -1.74 19.71 2.16
CA UNK B 339 -4.33 21.39 1.09
CA UNK B 340 -5.64 18.20 2.77
CA UNK B 341 -7.59 17.17 -0.35
CA UNK B 342 -5.39 17.06 -3.43
CA UNK B 343 -6.62 16.36 -6.83
CA UNK B 344 -4.65 14.44 -8.19
CA UNK B 345 -0.96 14.48 -7.23
CA UNK B 346 -0.38 16.10 -3.83
CA UNK B 347 2.23 18.54 -2.70
CA UNK B 348 2.25 18.88 1.07
CA UNK B 349 1.09 15.88 3.05
CA UNK B 350 0.19 14.08 -0.17
CA UNK B 351 3.76 14.02 -1.51
CA UNK B 352 5.45 14.07 1.91
CA UNK B 353 4.15 10.62 3.03
CA UNK B 354 4.93 9.20 -0.35
CA UNK B 355 8.53 9.09 0.83
CA UNK B 356 8.00 7.49 4.22
CA UNK B 357 7.87 4.10 2.60
CA UNK B 358 11.04 4.67 0.60
CA UNK B 359 13.11 6.44 3.24
CA UNK B 360 11.73 4.14 5.95
CA UNK B 361 11.30 0.89 3.91
CA UNK B 362 14.54 1.50 2.09
CA UNK B 363 16.77 1.93 5.16
CA UNK B 364 15.32 -1.06 7.01
CA UNK B 365 16.21 -3.80 4.53
CA UNK B 366 19.43 -2.02 3.67
CA UNK B 367 20.00 -0.90 7.28
CA UNK B 368 18.94 -4.21 8.64
CA UNK B 369 21.00 -6.41 6.32
CA UNK B 370 24.10 -4.60 7.58
CA UNK B 371 24.21 -6.47 10.87
CA UNK B 372 26.59 -7.43 9.30
CA UNK B 373 27.33 -11.07 9.06
CA UNK B 374 25.19 -12.61 11.83
CA UNK B 375 27.14 -14.69 9.71
CA UNK B 376 30.38 -12.89 10.03
CA UNK B 377 29.99 -13.06 13.74
CA UNK B 378 29.30 -16.84 13.67
CA UNK B 379 31.42 -16.39 4.37
CA UNK B 380 28.61 -14.16 3.02
CA UNK B 381 31.02 -12.18 0.85
CA UNK B 382 31.79 -14.96 -1.91
CA UNK B 383 28.05 -15.51 -2.28
CA UNK B 384 26.70 -12.22 -3.65
CA UNK B 385 24.05 -14.11 -5.47
CA UNK B 386 20.99 -12.96 -7.31
CA UNK B 387 19.42 -10.16 -5.39
CA UNK B 388 20.71 -11.47 -2.46
CA UNK B 389 17.80 -13.82 -1.79
CA UNK B 390 19.70 -17.10 -1.86
CA UNK B 391 21.03 -16.23 1.62
CA UNK B 392 17.93 -14.65 3.21
CA UNK B 393 15.46 -17.38 2.36
CA UNK B 394 17.74 -20.16 3.91
CA UNK B 395 18.74 -17.96 6.83
CA UNK B 396 15.23 -17.80 8.36
CA UNK B 397 14.22 -20.87 10.20
CA UNK B 398 10.94 -19.05 10.80
CA UNK B 399 8.27 -20.89 9.09
CA UNK B 400 9.45 -24.43 10.16
CA UNK B 401 9.71 -24.37 13.96
CA UNK B 402 6.67 -22.44 14.39
CA UNK B 403 4.07 -25.05 13.14
CA UNK B 404 5.60 -27.81 15.24
CA UNK B 405 5.54 -26.55 18.83
CA UNK B 406 9.04 -25.46 19.06
CA UNK B 407 8.32 -22.21 20.90
CA UNK B 408 9.31 -20.31 17.79
CA UNK B 409 5.58 -19.97 17.34
CA UNK B 410 5.15 -16.80 19.37
CA UNK B 411 7.65 -14.60 17.58
CA UNK B 412 7.54 -16.61 14.33
CA UNK B 413 3.88 -16.79 13.89
CA UNK B 414 3.05 -13.43 15.38
CA UNK B 415 5.83 -11.79 13.42
CA UNK B 416 5.88 -13.95 10.29
CA UNK B 417 2.13 -14.00 9.77
CA UNK B 418 1.67 -10.32 10.68
CA UNK B 419 2.71 -9.68 7.02
CA UNK B 420 -0.82 -10.68 5.79
CA UNK B 421 -2.45 -7.88 7.83
CA UNK B 422 0.43 -5.48 7.27
CA UNK B 423 0.88 -5.95 3.54
CA UNK B 424 -2.61 -7.38 3.04
CA UNK B 425 -4.37 -4.24 4.28
CA UNK B 426 -2.30 -1.86 2.15
CA UNK B 427 -3.11 -3.11 -1.27
CA UNK B 428 -6.86 -3.08 -0.62
CA UNK B 429 -7.01 0.53 0.58
CA UNK B 430 -3.83 1.70 -1.11
CA UNK B 431 -4.77 0.25 -4.48
CA UNK B 432 -8.44 1.20 -4.40
CA UNK B 433 -8.34 4.72 -5.43
CA UNK B 434 -11.79 6.27 -4.89
CA UNK B 435 -15.38 5.11 -4.86
CA UNK B 436 -16.14 1.65 -4.31
CA UNK B 437 -17.79 3.09 -1.21
CA UNK B 438 -20.80 4.45 -3.07
CA UNK B 439 -21.18 0.86 -3.50
CA UNK B 440 -21.33 1.13 0.30
CA UNK B 441 -23.40 4.32 0.25
CA UNK B 442 -26.31 2.95 -1.85
CA UNK B 443 -26.07 -0.60 -0.51
CA UNK B 444 -26.42 0.27 3.18
CA UNK B 445 -29.48 2.54 3.13
CA UNK B 446 -31.56 0.06 1.11
CA UNK B 447 -31.08 -3.04 3.28
CA UNK B 448 -31.23 -1.01 6.53
CA UNK B 449 -34.47 0.75 5.53
CA UNK B 450 -36.52 -2.40 4.83
CA UNK B 451 -37.80 -5.33 7.04
CA UNK B 452 -34.88 -5.08 9.46
CA UNK B 453 -34.91 -1.29 9.24
CA UNK B 454 -38.10 -0.64 11.25
CA UNK B 455 -36.42 -2.29 14.25
CA UNK B 456 -33.16 -0.46 13.54
CA UNK B 457 -34.00 1.99 15.06
CA UNK B 458 -32.24 4.07 15.26
CA UNK B 459 -31.68 4.95 11.60
CA UNK B 460 -28.52 5.33 12.52
CA UNK B 461 -27.81 8.73 11.00
CA UNK B 462 -24.56 9.31 12.87
CA UNK B 463 -22.38 9.66 9.88
CA UNK B 464 -21.88 8.32 6.35
CA UNK B 465 -18.13 7.93 6.32
CA UNK B 466 -18.00 5.69 4.15
CA UNK B 467 -16.43 5.23 1.99
CA UNK B 468 -13.84 7.94 2.49
CA UNK B 469 -12.67 7.60 5.90
CA UNK B 470 -10.02 10.06 4.67
CA UNK B 471 -9.59 10.21 0.88
CA UNK B 472 -6.41 12.18 1.02
CA UNK B 473 -6.49 12.41 4.78
CA UNK B 474 -8.45 9.30 5.87
CA UNK B 475 -7.54 7.29 2.82
CA UNK B 476 -3.85 8.19 3.09
CA UNK B 477 -3.60 7.41 6.80
CA UNK B 478 -4.61 3.76 6.74
CA UNK B 479 -2.32 2.88 3.80
CA UNK B 480 0.90 4.44 5.13
CA UNK B 481 0.24 3.49 8.81
CA UNK B 482 -0.96 0.03 7.77
CA UNK B 483 2.10 -1.39 6.03
CA UNK B 484 4.50 0.95 8.06
CA UNK B 485 3.39 -0.65 11.29
CA UNK B 486 2.39 -4.20 10.30
CA UNK B 487 4.72 -4.13 7.22
CA UNK B 488 7.73 -3.70 9.38
CA UNK B 489 6.81 -6.28 11.99
CA UNK B 490 8.05 -9.33 10.19
CA UNK B 491 11.52 -8.04 9.31
CA UNK B 492 13.04 -8.00 12.87
CA UNK B 493 11.49 -11.35 13.86
CA UNK B 494 13.31 -13.28 11.13
CA UNK B 495 16.78 -12.04 12.03
CA UNK B 496 16.64 -12.85 15.64
CA UNK B 497 15.51 -16.46 15.37
CA UNK B 498 18.73 -17.98 13.88
CA UNK B 499 20.91 -15.57 16.03
CA UNK B 500 19.02 -16.35 19.21
CA UNK B 501 17.95 -20.00 18.81
CA UNK B 502 20.89 -20.96 16.63
CA UNK B 503 23.35 -19.13 18.91
CA UNK C 1 -44.75 -10.26 0.02
CA UNK C 2 -46.96 -8.03 2.19
CA UNK C 3 -50.08 -10.15 1.71
CA UNK C 4 -48.63 -12.86 4.06
CA UNK C 5 -45.39 -11.01 4.85
CA UNK C 6 -47.20 -8.08 6.47
CA UNK C 7 -49.31 -9.97 9.00
CA UNK C 8 -46.32 -11.76 10.51
CA UNK C 9 -44.26 -8.61 11.13
CA UNK C 10 -46.74 -6.63 13.11
CA UNK C 11 -48.61 -8.96 15.49
CA UNK C 12 -46.11 -11.83 15.96
CA UNK C 13 -43.17 -10.69 17.81
CA UNK C 14 -42.41 -7.05 18.10
CA UNK C 15 -44.85 -4.31 18.62
CA UNK C 16 -48.40 -3.90 17.14
CA UNK C 17 -49.83 -4.95 20.55
CA UNK C 18 -48.05 -2.13 22.42
CA UNK C 19 -45.45 -1.65 25.44
CA UNK C 20 -42.15 -2.10 27.28
CA UNK C 21 -43.52 -5.12 29.11
CA UNK C 22 -43.83 -7.04 25.82
CA UNK C 23 -40.46 -6.06 24.35
CA UNK C 24 -38.51 -7.64 27.20
CA UNK C 25 -40.09 -11.08 27.28
CA UNK C 26 -40.71 -11.32 23.53
CA UNK C 27 -37.05 -10.27 22.53
CA UNK C 28 -35.42 -12.42 25.10
CA UNK C 29 -36.71 -15.88 24.20
CA UNK C 30 -34.93 -15.85 20.84
CA UNK C 31 -31.65 -14.30 22.07
CA UNK C 32 -31.26 -16.80 24.92
CA UNK C 33 -31.51 -19.90 22.75
CA UNK C 34 -28.82 -19.00 20.22
CA UNK C 35 -26.14 -18.05 22.75
CA UNK C 36 -25.97 -21.56 24.20
CA UNK C 37 -25.45 -23.54 21.02
CA UNK C 38 -21.88 -22.38 20.27
CA UNK C 39 -20.83 -23.44 23.69
CA UNK C 40 -22.62 -26.90 23.78
CA UNK C 41 -20.79 -28.11 20.65
CA UNK C 42 -17.84 -25.74 20.54
CA UNK C 43 -15.37 -23.84 22.72
CA UNK C 44 -15.99 -24.82 26.35
CA UNK C 45 -18.32 -27.81 26.63
CA UNK C 46 -17.08 -30.45 24.25
CA UNK C 47 -13.47 -30.16 25.41
CA UNK C 48 -14.22 -30.70 29.10
CA UNK C 49 -37.86 -34.52 29.81
CA UNK C 50 -36.75 -36.08 33.10
CA UNK C 51 -33.99 -38.11 31.46
CA UNK C 52 -31.87 -35.15 30.12
CA UNK C 53 -32.02 -33.21 33.39
CA UNK C 54 -28.91 -31.05 33.85
CA UNK C 55 -27.74 -30.12 30.43
CA UNK C 56 -31.33 -29.70 29.22
CA UNK C 57 -33.06 -28.35 32.33
CA UNK C 58 -29.77 -26.65 33.33
CA UNK C 59 -28.85 -25.30 29.91
CA UNK C 60 -32.34 -24.57 28.68
CA UNK C 61 -33.47 -23.13 32.03
CA UNK C 62 -30.56 -20.77 32.66
CA UNK C 63 -30.75 -19.62 29.04
CA UNK C 64 -34.35 -18.54 28.98
CA UNK C 65 -34.33 -16.25 32.00
CA UNK C 66 -31.21 -14.27 31.08
CA UNK C 67 -32.59 -13.25 27.65
CA UNK C 68 -36.15 -12.27 29.03
CA UNK C 69 -34.82 -10.49 32.11
CA UNK C 70 -32.25 -8.34 30.25
CA UNK C 71 -34.00 -8.40 26.93
CA UNK C 72 -37.48 -7.83 28.34
CA UNK C 73 -36.34 -5.06 30.73
CA UNK C 74 -34.45 -2.95 28.01
CA UNK C 75 -37.22 -2.99 25.65
CA UNK C 76 -39.06 -1.55 28.50
CA UNK C 77 -36.29 1.00 29.08
CA UNK C 78 -35.51 1.57 25.39
CA UNK C 79 -38.78 3.20 24.36
CA UNK C 80 -39.45 4.68 27.95
CA UNK C 81 -36.16 6.31 28.28
CA UNK C 82 -36.82 7.21 25.29
CA UNK C 83 -39.40 6.94 22.50
CA UNK C 84 -42.55 4.78 22.14
CA UNK C 85 -23.92 -26.93 30.98
CA UNK C 86 -21.03 -25.02 32.57
CA UNK C 87 -19.51 -23.73 29.27
CA UNK C 88 -22.83 -22.25 28.17
CA UNK C 89 -23.80 -20.34 31.32
CA UNK C 90 -21.07 -17.64 30.87
CA UNK C 91 -21.73 -16.65 27.25
CA UNK C 92 -25.43 -15.87 27.75
CA UNK C 93 -24.82 -13.33 30.58
CA UNK C 94 -21.84 -11.66 28.92
CA UNK C 95 -22.83 -11.73 25.25
CA UNK C 96 -26.55 -11.37 26.22
CA UNK C 97 -25.85 -8.55 28.89
CA UNK C 98 -23.25 -6.74 26.77
CA UNK C 99 -25.34 -6.69 23.55
CA UNK C 100 -28.46 -5.26 25.23
CA UNK C 101 -26.75 -2.84 27.64
CA UNK C 102 -24.73 -1.28 24.91
CA UNK C 103 -27.23 -1.11 22.01
CA UNK C 104 -30.44 -1.16 24.13
CA UNK C 105 -29.08 1.34 26.62
CA UNK C 106 -26.73 2.98 24.18
CA UNK C 107 -29.19 3.06 21.29
CA UNK C 108 -32.12 4.36 23.40
CA UNK C 109 -30.17 6.97 25.37
CA UNK C 110 -28.19 8.49 22.45
CA UNK C 111 -31.28 8.73 20.21
CA UNK D 1 -21.99 10.69 20.47
CA UNK D 2 -19.63 12.79 22.59
CA UNK D 3 -19.46 10.42 25.57
CA UNK D 4 -22.59 8.36 26.20
CA UNK D 5 -21.97 6.32 23.02
CA UNK D 6 -19.60 3.71 24.48
CA UNK D 7 -16.72 6.14 23.99
CA UNK D 8 -16.88 7.03 27.73
CA UNK D 9 -18.07 3.98 29.15
CA UNK D 10 -17.73 1.71 26.09
CA UNK D 11 -13.97 2.08 26.42
CA UNK D 12 -13.96 1.54 30.20
CA UNK D 13 -16.40 -1.42 30.26
CA UNK D 14 -14.66 -2.90 27.19
CA UNK D 15 -11.15 -1.46 27.85
CA UNK D 16 -11.28 -1.14 31.56
CA UNK D 17 -13.40 -4.26 31.90
CA UNK D 18 -11.29 -6.64 29.84
CA UNK D 19 -8.47 -4.33 30.42
CA UNK D 20 -6.76 -5.02 33.77
CA UNK D 21 -9.56 -7.09 35.31
CA UNK D 22 -9.37 -9.00 32.02
CA UNK D 23 -5.72 -8.53 32.96
CA UNK D 24 -6.36 -8.69 36.70
CA UNK D 25 -8.75 -11.39 36.01
CA UNK D 26 -5.27 -12.57 35.03
CA UNK D 27 -3.49 -10.83 37.90
CA UNK D 28 -6.75 -11.05 39.36
CA UNK D 29 -5.60 -14.54 38.40
CA UNK D 30 -2.01 -14.00 39.52
CA UNK D 31 -3.28 -14.51 42.90
CA UNK D 32 -1.18 -17.65 42.55
CA UNK D 33 1.24 -17.32 39.64
CA UNK D 34 3.77 -18.47 42.22
CA UNK D 35 4.30 -14.89 43.79
CA UNK D 36 1.53 -14.17 46.28
CA UNK D 37 2.98 -16.32 49.06
CA UNK D 38 2.70 -13.19 50.87
CA UNK D 39 4.12 -9.67 50.70
CA UNK D 40 6.69 -8.87 49.63
CA UNK D 41 3.85 -6.75 50.10
CA UNK D 42 5.44 -4.69 47.33
CA UNK D 43 2.20 -5.00 45.38
CA UNK D 44 -0.09 -3.28 47.91
CA UNK D 45 2.42 -0.45 48.39
CA UNK D 46 3.85 0.00 44.88
CA UNK D 47 0.52 -0.80 43.02
CA UNK D 48 -1.41 0.86 45.85
CA UNK D 49 1.02 3.54 47.01
CA UNK D 50 2.30 4.36 43.47
CA UNK D 51 -1.06 4.02 41.73
CA UNK D 52 -2.69 6.66 43.88
CA UNK D 53 0.13 9.34 43.53
CA UNK D 54 0.73 8.27 39.93
CA UNK D 55 -2.75 7.21 38.83
CA UNK D 56 -4.68 9.97 40.54
CA UNK D 57 -2.35 12.77 39.44
CA UNK D 58 -2.83 12.02 35.74
CA UNK D 59 -6.56 12.63 35.43
CA UNK D 60 -6.18 16.37 35.68
CA UNK D 61 -4.88 16.73 32.17
CA UNK D 62 -7.72 18.59 30.61
CA UNK D 63 -6.33 21.61 28.74
CA UNK D 64 -9.72 22.86 27.56
CA UNK E 1 52.64 11.70 1.16
CA UNK E 2 49.04 11.41 2.35
CA UNK E 3 48.81 7.66 2.89
CA UNK E 4 47.13 7.55 -0.64
CA UNK E 5 47.93 11.27 -0.86
CA UNK E 6 44.85 11.97 1.31
CA UNK E 7 46.23 15.03 2.74
CA UNK E 8 46.63 17.23 -0.65
CA UNK E 9 43.19 16.05 -2.06
CA UNK E 10 41.18 17.47 0.86
CA UNK E 11 43.65 20.16 1.85
CA UNK E 12 44.15 21.44 -1.67
CA UNK E 13 40.48 21.76 -2.66
CA UNK E 14 39.27 23.02 0.67
CA UNK E 15 42.11 25.55 1.18
CA UNK E 16 42.12 26.79 -2.44
CA UNK E 17 38.55 25.86 -3.19
CA UNK E 18 37.12 27.12 0.14
CA UNK E 19 39.28 30.32 0.29
CA UNK E 20 39.21 30.88 -3.47
CA UNK E 21 35.42 30.81 -3.92
CA UNK E 22 34.98 33.53 -1.56
CA UNK E 23 36.51 35.60 -4.36
CA UNK E 24 33.28 34.53 -6.06
CA UNK E 25 31.45 37.15 -4.01
CA UNK E 26 37.86 -8.56 -8.65
CA UNK E 27 34.50 -7.96 -10.24
CA UNK E 28 33.40 -6.12 -7.07
CA UNK E 29 36.28 -3.71 -6.67
CA UNK E 30 34.69 -1.70 -3.77
CA UNK E 31 36.52 -3.14 -0.75
CA UNK E 32 39.60 -0.99 -1.22
CA UNK E 33 37.49 2.13 -0.71
CA UNK E 34 37.14 1.59 3.05
CA UNK E 35 40.43 -0.10 3.71
CA UNK E 36 42.48 2.99 2.86
CA UNK E 37 41.06 5.40 5.45
CA UNK E 38 40.30 2.16 7.71
CA UNK E 39 44.03 1.54 7.32
CA UNK E 40 44.56 5.29 7.73
CA UNK E 41 44.14 4.42 10.97
CA UNK E 42 47.76 3.44 10.41
CA UNK E 43 50.26 6.30 10.29
CA UNK E 44 50.87 6.90 14.03
CA UNK E 45 53.46 9.66 14.19
CA UNK E 46 27.84 35.27 -18.38
CA UNK E 47 27.73 34.12 -21.99
CA UNK E 48 30.67 31.73 -21.53
CA UNK E 49 32.39 28.56 -22.48
CA UNK E 50 29.68 27.11 -24.70
CA UNK E 51 31.16 27.79 -28.13
CA UNK E 52 34.65 26.62 -27.07
CA UNK E 53 33.47 23.51 -25.14
CA UNK E 54 30.80 22.73 -27.77
CA UNK E 55 32.95 22.83 -30.95
CA UNK E 56 35.97 21.62 -29.02
CA UNK E 57 34.30 19.20 -26.58
CA UNK E 58 32.36 17.24 -29.08
CA UNK E 59 34.87 16.18 -31.71
CA UNK E 60 32.61 13.53 -33.46
CA UNK E 61 40.58 3.17 -10.51
CA UNK E 62 43.62 3.48 -8.25
CA UNK E 63 45.03 6.73 -9.89
CA UNK E 64 48.40 5.26 -9.40
CA UNK E 65 48.22 1.67 -10.63
CA UNK E 66 48.36 0.35 -14.20
CA UNK E 67 44.92 -0.61 -15.17
CA UNK E 68 42.27 1.19 -17.20
CA UNK E 69 39.79 3.55 -15.53
CA UNK E 70 39.92 4.80 -19.21
CA UNK E 71 36.96 2.43 -19.65
CA UNK E 72 34.85 5.41 -18.57
CA UNK E 73 36.71 7.61 -21.07
CA UNK E 74 34.60 5.42 -23.31
CA UNK E 75 32.89 7.81 -20.92
CA UNK E 76 33.00 9.81 -24.10
CA UNK E 77 30.67 8.36 -26.74
CA UNK E 78 28.57 10.41 -24.14
CA UNK E 79 28.69 13.61 -26.15
CA UNK E 80 28.70 12.01 -29.60
CA UNK E 81 25.98 9.48 -28.71
CA UNK E 82 23.52 12.00 -27.05
CA UNK E 83 25.25 14.99 -28.64
CA UNK E 84 24.04 14.31 -32.18
CA UNK E 85 20.38 13.53 -31.21
CA UNK E 86 20.19 16.35 -28.73
CA UNK E 87 22.06 18.96 -30.74
CA UNK E 88 20.85 18.07 -34.23
CA UNK E 89 17.19 18.21 -33.28
CA UNK E 90 17.57 21.38 -31.23
CA UNK E 91 19.19 23.38 -33.92
CA UNK E 92 16.69 22.73 -36.70
CA UNK E 93 13.60 23.05 -34.56
CA UNK E 94 15.19 25.76 -32.22
CA UNK E 95 15.88 28.20 -35.27
CA UNK E 96 12.35 27.77 -36.96
CA UNK E 97 10.74 25.30 -39.19
CA UNK E 98 7.95 23.37 -37.42
CA UNK E 99 8.18 19.60 -36.91
CA UNK E 100 10.63 17.62 -34.82
CA UNK E 101 8.68 14.38 -34.42
CA UNK E 102 8.80 13.59 -38.14
CA UNK E 103 12.30 14.15 -38.93
CA UNK E 104 13.06 10.51 -38.06
CA UNK E 105 9.85 8.48 -38.34
CA UNK E 106 10.17 8.20 -34.73
CA UNK E 107 10.31 4.62 -33.48
CA UNK E 108 10.51 3.25 -37.03
CA UNK E 109 13.93 4.69 -37.86
CA UNK E 110 14.88 5.83 -34.36
CA UNK E 111 14.01 2.40 -32.65
CA UNK E 112 15.54 0.23 -35.43
CA UNK E 113 18.52 2.52 -36.15
CA UNK E 114 19.83 2.87 -32.57
CA UNK E 115 18.95 -0.78 -31.63
CA UNK E 116 19.29 -2.12 -35.19
CA UNK E 117 22.92 -1.22 -35.75
CA UNK E 118 24.09 -1.03 -32.10
CA UNK E 119 22.82 -4.49 -31.20
CA UNK E 120 24.59 -6.29 -34.05
CA UNK E 121 28.03 -4.91 -33.45
CA UNK E 122 28.06 -5.04 -29.60
CA UNK E 123 26.40 -8.47 -29.59
CA UNK E 124 27.93 -10.06 -32.73
CA UNK E 125 30.93 -7.74 -32.94
CA UNK E 126 31.87 -7.63 -29.28
CA UNK E 127 30.96 -11.44 -28.93
CA UNK E 128 32.31 -12.30 -32.36
CA UNK E 129 35.56 -10.28 -32.04
CA UNK E 130 37.36 -9.82 -28.74
CA UNK F 1 -16.79 45.11 0.55
CA UNK F 2 -19.74 43.24 -0.93
CA UNK F 3 -18.73 44.90 -4.23
CA UNK F 4 -15.75 42.29 -5.02
CA UNK F 5 -14.65 39.22 -3.08
CA UNK F 6 -17.80 37.11 -2.75
CA UNK F 7 -20.82 38.48 -4.55
CA UNK F 8 -22.05 37.24 -2.22
CA UNK F 9 -23.34 34.20 -4.11
CA UNK F 10 -23.19 30.68 -3.36
CA UNK F 11 -25.31 28.55 -1.10
CA UNK F 12 -25.20 25.04 -2.51
CA UNK F 13 -22.03 25.06 -3.28
CA UNK F 14 -21.25 21.35 -3.51
CA UNK F 15 -17.75 22.43 -4.36
CA UNK F 16 -17.71 20.27 -6.56
CA UNK F 17 -14.24 20.78 -8.04
CA UNK F 18 -15.31 20.97 -11.68
CA UNK F 19 -15.31 24.29 -13.48
CA UNK F 20 -11.91 25.35 -12.14
CA UNK F 21 -10.52 23.03 -14.81
CA UNK F 22 -13.00 24.51 -17.31
CA UNK F 23 -12.12 28.13 -16.72
CA UNK F 24 -10.49 29.30 -19.96
CA UNK F 25 -6.97 30.69 -18.97
CA UNK F 26 -3.50 31.27 -16.87
CA UNK F 27 -4.61 32.42 -13.46
CA UNK F 28 -7.72 31.74 -14.94
CA UNK F 29 -9.49 32.64 -11.71
CA UNK F 30 -12.66 30.95 -10.41
CA UNK F 31 -10.90 29.38 -7.33
CA UNK F 32 -10.89 25.62 -6.64
CA UNK F 33 -14.19 26.01 -4.72
CA UNK F 34 -12.95 25.45 -1.35
CA UNK F 35 -14.04 22.11 0.09
CA UNK F 36 -12.72 22.31 3.66
CA UNK F 37 -15.94 22.49 4.68
CA UNK F 38 -17.36 23.41 1.28
CA UNK F 39 -18.38 26.80 2.72
CA UNK F 40 -15.38 28.90 1.74
CA UNK F 41 -16.02 27.87 -1.90
CA UNK F 42 -16.23 29.80 -5.16
CA UNK F 43 -14.63 32.66 -4.45
CA UNK F 44 -14.42 34.55 -7.71
CA UNK F 45 -10.68 34.90 -8.39
CA UNK F 46 -12.21 37.74 -9.91
CA UNK F 47 -9.94 40.58 -8.78
CA UNK F 48 -7.74 40.75 -11.88
CA UNK F 49 -9.74 38.62 -14.64
CA UNK F 50 -12.83 36.39 -14.82
CA UNK F 51 -15.69 38.42 -16.44
CA UNK F 52 -17.25 37.29 -19.68
CA UNK F 53 -16.93 33.64 -20.63
CA UNK F 54 -20.04 31.56 -20.03
CA UNK F 55 -18.99 27.70 -19.30
CA UNK F 56 -17.99 27.88 -15.64
CA UNK F 57 -21.72 28.48 -15.28
CA UNK F 58 -22.08 26.01 -18.12
CA UNK F 59 -20.78 23.17 -16.10
CA UNK F 60 -22.14 23.56 -12.49
CA UNK F 61 -24.73 20.78 -11.66
CA UNK F 62 -25.62 22.80 -8.54
CA UNK F 63 -26.41 25.96 -10.47
CA UNK F 64 -24.68 28.70 -8.13
CA UNK F 65 -22.44 30.24 -10.76
CA UNK F 66 -23.40 33.66 -9.44
CA UNK F 67 -21.46 34.34 -6.20
CA UNK F 68 -18.74 36.70 -4.99
CA UNK F 69 -19.13 39.60 -7.41
CA UNK F 70 -21.14 42.15 -5.22
CA UNK F 71 -24.72 41.20 -6.07
CA UNK F 72 -24.78 41.55 -9.90
CA UNK F 73 -28.23 39.55 -9.56
CA UNK F 74 -30.52 42.53 -9.13
CA UNK F 75 -30.09 43.51 -12.76
CA UNK F 76 -27.91 41.42 -14.96
CA UNK F 77 -30.18 38.37 -15.14
CA UNK F 78 -31.71 39.15 -18.54
CA UNK F 79 -28.29 39.03 -20.04
CA UNK F 80 -26.06 36.30 -18.75
MG CLA G . 7.21 -14.23 -2.95
CHA CLA G . 9.38 -12.75 -0.79
CHB CLA G . 5.96 -11.15 -3.77
CHC CLA G . 5.07 -15.65 -5.21
CHD CLA G . 8.50 -17.28 -2.17
NA CLA G . 7.58 -12.28 -2.36
C1A CLA G . 8.51 -11.90 -1.45
C2A CLA G . 8.47 -10.44 -1.31
C3A CLA G . 7.50 -9.98 -2.14
C4A CLA G . 6.96 -11.14 -2.83
NB CLA G . 5.66 -13.51 -4.32
C1B CLA G . 5.40 -12.19 -4.51
C2B CLA G . 4.42 -11.98 -5.62
C3B CLA G . 4.07 -13.42 -6.06
C4B CLA G . 4.94 -14.27 -5.15
NC CLA G . 6.85 -16.08 -3.49
C1C CLA G . 5.95 -16.39 -4.42
C2C CLA G . 5.92 -17.78 -4.65
C3C CLA G . 6.90 -18.37 -3.82
C4C CLA G . 7.49 -17.25 -3.11
ND CLA G . 8.70 -14.89 -1.70
C1D CLA G . 9.06 -16.19 -1.53
C2D CLA G . 10.13 -16.28 -0.55
C3D CLA G . 10.40 -15.00 -0.16
C4D CLA G . 9.47 -14.15 -0.91
MG CLA H . 12.23 5.96 -7.82
CHA CLA H . 9.73 3.85 -6.90
CHB CLA H . 10.76 8.49 -6.12
CHC CLA H . 14.43 8.22 -9.22
CHD CLA H . 13.37 3.55 -10.05
NA CLA H . 10.49 6.17 -6.78
C1A CLA H . 9.66 5.14 -6.41
C2A CLA H . 8.68 5.64 -5.44
C3A CLA H . 8.96 6.95 -5.24
C4A CLA H . 10.12 7.28 -6.04
NB CLA H . 12.54 8.12 -7.76
C1B CLA H . 11.89 8.88 -6.84
C2B CLA H . 12.55 10.23 -6.67
C3B CLA H . 13.68 10.19 -7.72
C4B CLA H . 13.56 8.79 -8.31
NC CLA H . 13.51 5.88 -9.41
C1C CLA H . 14.34 6.89 -9.68
C2C CLA H . 15.33 6.53 -10.60
C3C CLA H . 15.13 5.15 -10.91
C4C CLA H . 13.97 4.78 -10.12
ND CLA H . 11.62 4.04 -8.41
C1D CLA H . 12.28 3.20 -9.25
C2D CLA H . 11.69 1.87 -9.22
C3D CLA H . 10.66 1.95 -8.31
C4D CLA H . 10.65 3.33 -7.83
MG CLA I . 5.99 -0.34 -19.45
CHA CLA I . 2.97 -1.53 -20.44
CHB CLA I . 4.80 2.81 -19.55
CHC CLA I . 9.18 0.90 -19.03
CHD CLA I . 7.34 -3.50 -19.97
NA CLA I . 4.21 0.51 -20.00
C1A CLA I . 3.07 -0.17 -20.26
C2A CLA I . 1.95 0.78 -20.33
C3A CLA I . 2.46 2.01 -20.10
C4A CLA I . 3.89 1.84 -19.84
NB CLA I . 6.92 1.63 -19.36
C1B CLA I . 6.16 2.74 -19.26
C2B CLA I . 6.97 3.93 -18.79
C3B CLA I . 8.40 3.35 -18.68
C4B CLA I . 8.21 1.89 -19.06
NC CLA I . 7.86 -1.16 -19.62
C1C CLA I . 8.95 -0.46 -19.29
C2C CLA I . 10.08 -1.27 -19.19
C3C CLA I . 9.65 -2.61 -19.44
C4C CLA I . 8.24 -2.49 -19.69
ND CLA I . 5.28 -2.19 -20.13
C1D CLA I . 5.99 -3.37 -20.17
C2D CLA I . 5.09 -4.48 -20.46
C3D CLA I . 3.83 -3.92 -20.59
C4D CLA I . 4.00 -2.49 -20.38
MG CLA J . -24.06 -17.36 -6.07
CHA CLA J . -24.35 -15.98 -9.16
CHB CLA J . -22.25 -19.92 -7.36
CHC CLA J . -24.25 -19.06 -3.08
CHD CLA J . -26.41 -15.10 -4.90
NA CLA J . -23.49 -17.91 -7.96
C1A CLA J . -23.61 -17.15 -9.08
C2A CLA J . -22.83 -17.75 -10.17
C3A CLA J . -22.26 -18.87 -9.67
C4A CLA J . -22.63 -18.96 -8.27
NB CLA J . -23.41 -19.30 -5.30
C1B CLA J . -22.54 -20.06 -6.01
C2B CLA J . -21.89 -21.11 -5.14
C3B CLA J . -22.59 -20.90 -3.77
C4B CLA J . -23.49 -19.71 -4.02
NC CLA J . -25.23 -17.15 -4.41
C1C CLA J . -25.01 -17.90 -3.33
C2C CLA J . -25.71 -17.42 -2.22
C3C CLA J . -26.38 -16.23 -2.62
C4C CLA J . -26.03 -16.09 -4.03
ND CLA J . -25.21 -15.83 -6.90
C1D CLA J . -26.04 -14.97 -6.22
C2D CLA J . -26.47 -13.89 -7.09
C3D CLA J . -25.88 -14.13 -8.31
C4D CLA J . -25.09 -15.36 -8.15
MG CLA K . 10.87 13.28 -25.47
CHA CLA K . 8.76 11.80 -27.68
CHB CLA K . 12.82 14.35 -28.02
CHC CLA K . 13.32 14.24 -23.24
CHD CLA K . 9.23 11.62 -22.88
NA CLA K . 10.84 13.03 -27.51
C1A CLA K . 9.83 12.48 -28.21
C2A CLA K . 10.04 12.75 -29.65
C3A CLA K . 11.20 13.45 -29.75
C4A CLA K . 11.69 13.67 -28.39
NB CLA K . 12.87 14.14 -25.58
C1B CLA K . 13.34 14.63 -26.75
C2B CLA K . 14.53 15.54 -26.54
C3B CLA K . 14.75 15.47 -25.01
C4B CLA K . 13.62 14.55 -24.54
NC CLA K . 11.22 12.86 -23.49
C1C CLA K . 12.21 13.47 -22.84
C2C CLA K . 12.10 13.29 -21.45
C3C CLA K . 10.91 12.54 -21.22
C4C CLA K . 10.38 12.30 -22.55
ND CLA K . 9.28 11.91 -25.31
C1D CLA K . 8.72 11.44 -24.15
C2D CLA K . 7.50 10.72 -24.45
C3D CLA K . 7.35 10.77 -25.82
C4D CLA K . 8.49 11.53 -26.33
MG CLA L . -22.03 -17.35 10.54
CHA CLA L . -22.40 -14.33 9.04
CHB CLA L . -23.63 -18.85 7.97
CHC CLA L . -22.17 -20.29 12.32
CHD CLA L . -20.97 -15.72 13.41
NA CLA L . -22.95 -16.69 8.83
C1A CLA L . -22.89 -15.42 8.36
C2A CLA L . -23.43 -15.40 6.98
C3A CLA L . -23.79 -16.68 6.69
C4A CLA L . -23.45 -17.50 7.84
NB CLA L . -22.85 -19.34 10.25
C1B CLA L . -23.32 -19.71 9.02
C2B CLA L . -23.45 -21.22 8.91
C3B CLA L . -23.04 -21.69 10.33
C4B CLA L . -22.69 -20.41 11.04
NC CLA L . -21.75 -17.82 12.51
C1C CLA L . -21.77 -19.10 12.92
C2C CLA L . -21.27 -19.23 14.22
C3C CLA L . -20.86 -17.94 14.64
C4C CLA L . -21.17 -17.08 13.52
ND CLA L . -21.77 -15.35 11.14
C1D CLA L . -21.24 -14.92 12.32
C2D CLA L . -20.99 -13.49 12.27
C3D CLA L . -21.38 -13.09 11.02
C4D CLA L . -21.87 -14.29 10.33
MG CLA M . -13.06 -20.13 16.06
CHA CLA M . -15.70 -21.02 14.14
CHB CLA M . -14.06 -22.28 18.47
CHC CLA M . -10.73 -18.82 18.25
CHD CLA M . -12.42 -17.50 13.88
NA CLA M . -14.67 -21.37 16.31
C1A CLA M . -15.58 -21.68 15.35
C2A CLA M . -16.40 -22.80 15.80
C3A CLA M . -15.95 -23.15 17.04
C4A CLA M . -14.82 -22.27 17.35
NB CLA M . -12.48 -20.44 18.15
C1B CLA M . -12.95 -21.51 18.84
C2B CLA M . -12.13 -21.78 20.08
C3B CLA M . -11.10 -20.63 20.07
C4B CLA M . -11.44 -19.88 18.79
NC CLA M . -11.93 -18.42 16.08
C1C CLA M . -11.01 -18.21 17.02
C2C CLA M . -10.17 -17.14 16.69
C3C CLA M . -10.56 -16.68 15.40
C4C CLA M . -11.67 -17.53 15.05
ND CLA M . -13.94 -19.36 14.33
C1D CLA M . -13.45 -18.35 13.56
C2D CLA M . -14.20 -18.27 12.30
C3D CLA M . -15.14 -19.28 12.37
C4D CLA M . -14.94 -19.95 13.66
MG CLA N . -17.73 -19.54 -12.24
CHA CLA N . -17.93 -16.28 -13.14
CHB CLA N . -21.12 -19.76 -12.17
CHC CLA N . -17.56 -23.00 -11.95
CHD CLA N . -14.35 -19.47 -12.88
NA CLA N . -19.27 -18.26 -12.68
C1A CLA N . -19.14 -16.91 -12.92
C2A CLA N . -20.45 -16.29 -12.93
C3A CLA N . -21.35 -17.27 -12.64
C4A CLA N . -20.59 -18.52 -12.48
NB CLA N . -19.11 -21.11 -12.12
C1B CLA N . -20.43 -20.97 -12.00
C2B CLA N . -21.06 -22.26 -11.69
C3B CLA N . -20.04 -23.18 -11.64
C4B CLA N . -18.82 -22.44 -11.92
NC CLA N . -16.31 -21.00 -12.49
C1C CLA N . -16.37 -22.35 -12.19
C2C CLA N . -15.04 -22.90 -12.20
C3C CLA N . -14.20 -21.81 -12.50
C4C CLA N . -15.03 -20.68 -12.63
ND CLA N . -16.28 -18.09 -12.99
C1D CLA N . -14.95 -18.25 -13.05
C2D CLA N . -14.24 -16.91 -13.23
C3D CLA N . -15.41 -15.90 -13.23
C4D CLA N . -16.63 -16.78 -13.12
MG CLA O . -12.78 -29.25 -8.20
CHA CLA O . -15.50 -31.27 -8.48
CHB CLA O . -11.12 -31.15 -10.44
CHC CLA O . -9.86 -27.57 -7.49
CHD CLA O . -14.28 -27.70 -5.47
NA CLA O . -13.20 -30.99 -9.21
C1A CLA O . -14.41 -31.59 -9.26
C2A CLA O . -14.39 -32.62 -10.30
C3A CLA O . -13.14 -32.61 -10.85
C4A CLA O . -12.40 -31.55 -10.19
NB CLA O . -10.69 -29.37 -8.81
C1B CLA O . -10.34 -30.14 -9.88
C2B CLA O . -8.97 -29.76 -10.40
C3B CLA O . -8.51 -28.66 -9.41
C4B CLA O . -9.71 -28.51 -8.48
NC CLA O . -12.20 -28.01 -6.68
C1C CLA O . -11.01 -27.41 -6.72
C2C CLA O . -10.93 -26.39 -5.75
C3C CLA O . -12.19 -26.32 -5.10
C4C CLA O . -12.97 -27.36 -5.73
ND CLA O . -14.57 -29.48 -7.12
C1D CLA O . -15.02 -28.69 -6.11
C2D CLA O . -16.39 -29.00 -5.79
C3D CLA O . -16.76 -30.02 -6.65
C4D CLA O . -15.58 -30.28 -7.48
MG CLA P . -20.38 -25.27 -0.54
CHA CLA P . -20.64 -22.54 -2.54
CHB CLA P . -20.37 -27.28 -3.25
CHC CLA P . -20.71 -28.04 1.49
CHD CLA P . -21.04 -23.25 2.22
NA CLA P . -20.58 -24.97 -2.55
C1A CLA P . -20.57 -23.75 -3.17
C2A CLA P . -20.44 -23.96 -4.62
C3A CLA P . -20.37 -25.30 -4.83
C4A CLA P . -20.42 -25.94 -3.52
NB CLA P . -20.59 -27.42 -0.82
C1B CLA P . -20.39 -27.98 -2.04
C2B CLA P . -20.15 -29.46 -1.94
C3B CLA P . -20.33 -29.74 -0.43
C4B CLA P . -20.58 -28.36 0.15
NC CLA P . -20.91 -25.53 1.42
C1C CLA P . -20.85 -26.74 1.99
C2C CLA P . -20.97 -26.67 3.38
C3C CLA P . -21.05 -25.29 3.72
C4C CLA P . -21.00 -24.60 2.44
ND CLA P . -20.81 -23.24 -0.21
C1D CLA P . -20.95 -22.62 1.00
C2D CLA P . -20.99 -21.17 0.81
C3D CLA P . -20.87 -20.96 -0.55
C4D CLA P . -20.76 -22.29 -1.15
MG CLA Q . 1.82 -19.83 -23.31
CHA CLA Q . 2.36 -19.17 -26.60
CHB CLA Q . 0.08 -16.94 -23.00
CHC CLA Q . 1.77 -20.21 -19.88
CHD CLA Q . 4.10 -22.44 -23.51
NA CLA Q . 1.39 -18.26 -24.56
C1A CLA Q . 1.61 -18.25 -25.90
C2A CLA Q . 0.91 -17.10 -26.49
C3A CLA Q . 0.28 -16.46 -25.47
C4A CLA Q . 0.54 -17.22 -24.26
NB CLA Q . 1.09 -18.70 -21.61
C1B CLA Q . 0.26 -17.64 -21.79
C2B CLA Q . -0.46 -17.26 -20.52
C3B CLA Q . 0.13 -18.25 -19.48
C4B CLA Q . 1.07 -19.10 -20.31
NC CLA Q . 2.86 -21.01 -22.00
C1C CLA Q . 2.56 -21.03 -20.71
C2C CLA Q . 3.18 -22.09 -20.05
C3C CLA Q . 3.88 -22.84 -21.03
C4C CLA Q . 3.65 -22.12 -22.25
ND CLA Q . 3.07 -20.65 -24.80
C1D CLA Q . 3.84 -21.76 -24.69
C2D CLA Q . 4.35 -22.14 -25.99
C3D CLA Q . 3.85 -21.22 -26.89
C4D CLA Q . 3.04 -20.28 -26.08
MG CLA R . -33.80 -11.52 0.56
CHA CLA R . -35.09 -13.49 -1.88
CHB CLA R . -35.40 -8.84 -0.74
CHC CLA R . -32.05 -9.42 2.66
CHD CLA R . -31.70 -14.13 1.49
NA CLA R . -34.96 -11.19 -1.09
C1A CLA R . -35.46 -12.16 -1.90
C2A CLA R . -36.49 -11.57 -2.78
C3A CLA R . -36.56 -10.26 -2.48
C4A CLA R . -35.63 -10.02 -1.38
NB CLA R . -33.66 -9.36 0.90
C1B CLA R . -34.56 -8.52 0.34
C2B CLA R . -34.56 -7.17 1.01
C3B CLA R . -33.43 -7.32 2.07
C4B CLA R . -32.97 -8.75 1.88
NC CLA R . -32.13 -11.75 1.72
C1C CLA R . -31.72 -10.78 2.53
C2C CLA R . -30.74 -11.22 3.43
C3C CLA R . -30.57 -12.62 3.19
C4C CLA R . -31.47 -12.91 2.10
ND CLA R . -33.43 -13.47 -0.11
C1D CLA R . -32.60 -14.39 0.47
C2D CLA R . -32.80 -15.69 -0.13
C3D CLA R . -33.77 -15.52 -1.09
C4D CLA R . -34.14 -14.10 -1.04
MG CLA S . 10.68 -20.44 -26.02
CHA CLA S . 8.07 -21.19 -28.05
CHB CLA S . 9.46 -22.53 -23.66
CHC CLA S . 12.98 -19.25 -23.74
CHD CLA S . 11.55 -17.86 -28.18
NA CLA S . 8.99 -21.59 -25.85
C1A CLA S . 8.11 -21.84 -26.85
C2A CLA S . 7.21 -22.93 -26.42
C3A CLA S . 7.59 -23.30 -25.18
C4A CLA S . 8.75 -22.48 -24.82
NB CLA S . 11.14 -20.78 -23.92
C1B CLA S . 10.59 -21.81 -23.25
C2B CLA S . 11.34 -22.13 -21.98
C3B CLA S . 12.44 -21.03 -21.94
C4B CLA S . 12.19 -20.27 -23.24
NC CLA S . 11.89 -18.79 -25.96
C1C CLA S . 12.78 -18.63 -24.98
C2C CLA S . 13.70 -17.61 -25.29
C3C CLA S . 13.38 -17.13 -26.59
C4C CLA S . 12.24 -17.92 -26.98
ND CLA S . 9.91 -19.64 -27.79
C1D CLA S . 10.48 -18.65 -28.55
C2D CLA S . 9.79 -18.53 -29.83
C3D CLA S . 8.80 -19.50 -29.81
C4D CLA S . 8.91 -20.17 -28.51
MG CLA T . -11.34 -2.99 -24.46
CHA CLA T . -11.34 -3.71 -27.78
CHB CLA T . -11.58 0.31 -25.16
CHC CLA T . -10.73 -2.21 -21.16
CHD CLA T . -10.44 -6.29 -23.80
NA CLA T . -11.36 -1.88 -26.18
C1A CLA T . -11.46 -2.39 -27.44
C2A CLA T . -11.74 -1.28 -28.37
C3A CLA T . -11.79 -0.14 -27.64
C4A CLA T . -11.59 -0.52 -26.25
NB CLA T . -11.11 -1.17 -23.27
C1B CLA T . -11.43 0.04 -23.80
C2B CLA T . -11.62 1.08 -22.72
C3B CLA T . -11.27 0.31 -21.43
C4B CLA T . -10.99 -1.10 -21.94
NC CLA T . -10.60 -4.05 -22.87
C1C CLA T . -10.57 -3.51 -21.64
C2C CLA T . -10.32 -4.48 -20.67
C3C CLA T . -10.23 -5.74 -21.32
C4C CLA T . -10.42 -5.41 -22.72
ND CLA T . -10.92 -4.70 -25.59
C1D CLA T . -10.67 -5.96 -25.12
C2D CLA T . -10.68 -6.92 -26.20
C3D CLA T . -10.95 -6.19 -27.35
C4D CLA T . -11.09 -4.80 -26.92
MG CLA U . 5.19 -26.56 -24.16
CHA CLA U . 3.49 -26.44 -27.09
CHB CLA U . 2.29 -26.95 -22.46
CHC CLA U . 6.84 -26.10 -21.16
CHD CLA U . 8.05 -25.55 -25.83
NA CLA U . 3.21 -26.58 -24.67
C1A CLA U . 2.74 -26.63 -25.95
C2A CLA U . 1.30 -26.92 -25.91
C3A CLA U . 0.96 -27.05 -24.61
C4A CLA U . 2.17 -26.88 -23.82
NB CLA U . 4.65 -26.45 -22.04
C1B CLA U . 3.41 -26.82 -21.63
C2B CLA U . 3.36 -27.08 -20.15
C3B CLA U . 4.81 -26.75 -19.70
C4B CLA U . 5.50 -26.39 -21.00
NC CLA U . 7.04 -25.83 -23.65
C1C CLA U . 7.47 -25.86 -22.39
C2C CLA U . 8.84 -25.59 -22.31
C3C CLA U . 9.32 -25.43 -23.63
C4C CLA U . 8.14 -25.59 -24.45
ND CLA U . 5.68 -26.04 -26.12
C1D CLA U . 6.93 -25.74 -26.60
C2D CLA U . 6.90 -25.68 -28.05
C3D CLA U . 5.60 -25.94 -28.42
C4D CLA U . 4.86 -26.16 -27.18
MG CLA V . -17.30 -28.64 -14.96
CHA CLA V . -18.33 -25.41 -14.90
CHB CLA V . -19.54 -29.33 -17.40
CHC CLA V . -16.69 -32.01 -14.60
CHD CLA V . -15.49 -28.05 -12.05
NA CLA V . -18.77 -27.57 -15.92
C1A CLA V . -18.94 -26.23 -15.82
C2A CLA V . -19.88 -25.79 -16.86
C3A CLA V . -20.24 -26.91 -17.56
C4A CLA V . -19.50 -28.02 -17.00
NB CLA V . -18.06 -30.48 -15.84
C1B CLA V . -18.85 -30.45 -16.93
C2B CLA V . -18.92 -31.79 -17.62
C3B CLA V . -18.06 -32.69 -16.69
C4B CLA V . -17.58 -31.73 -15.62
NC CLA V . -16.39 -29.76 -13.51
C1C CLA V . -16.20 -31.08 -13.68
C2C CLA V . -15.31 -31.59 -12.74
C3C CLA V . -14.87 -30.51 -11.94
C4C CLA V . -15.57 -29.37 -12.47
ND CLA V . -17.00 -27.01 -13.66
C1D CLA V . -16.15 -26.97 -12.60
C2D CLA V . -16.02 -25.61 -12.11
C3D CLA V . -16.83 -24.84 -12.93
C4D CLA V . -17.42 -25.76 -13.90
MG CLA W . 19.43 -15.32 -25.71
CHA CLA W . 16.91 -17.16 -27.06
CHB CLA W . 18.27 -15.96 -22.60
CHC CLA W . 21.60 -13.00 -24.38
CHD CLA W . 20.21 -14.16 -28.89
NA CLA W . 17.80 -16.31 -24.95
C1A CLA W . 16.95 -17.09 -25.68
C2A CLA W . 16.10 -17.86 -24.75
C3A CLA W . 16.48 -17.51 -23.50
C4A CLA W . 17.57 -16.57 -23.62
NB CLA W . 19.87 -14.50 -23.73
C1B CLA W . 19.34 -15.08 -22.62
C2B CLA W . 20.08 -14.64 -21.38
C3B CLA W . 21.12 -13.64 -21.92
C4B CLA W . 20.87 -13.66 -23.42
NC CLA W . 20.55 -13.81 -26.52
C1C CLA W . 21.40 -13.11 -25.77
C2C CLA W . 22.27 -12.34 -26.55
C3C CLA W . 21.96 -12.62 -27.91
C4C CLA W . 20.88 -13.56 -27.84
ND CLA W . 18.65 -15.58 -27.65
C1D CLA W . 19.19 -15.09 -28.80
C2D CLA W . 18.53 -15.69 -29.95
C3D CLA W . 17.59 -16.56 -29.44
C4D CLA W . 17.71 -16.46 -27.98
MG CLA X . -35.16 -9.63 -9.71
CHA CLA X . -31.82 -10.07 -9.26
CHB CLA X . -34.75 -9.77 -13.05
CHC CLA X . -38.42 -8.60 -10.18
CHD CLA X . -35.45 -8.85 -6.33
NA CLA X . -33.54 -9.79 -10.95
C1A CLA X . -32.28 -10.07 -10.56
C2A CLA X . -31.46 -10.40 -11.75
C3A CLA X . -32.28 -10.29 -12.82
C4A CLA X . -33.60 -9.95 -12.32
NB CLA X . -36.45 -9.16 -11.40
C1B CLA X . -36.06 -9.48 -12.67
C2B CLA X . -37.22 -9.48 -13.62
C3B CLA X . -38.40 -9.03 -12.72
C4B CLA X . -37.75 -8.88 -11.35
NC CLA X . -36.56 -8.77 -8.48
C1C CLA X . -37.80 -8.57 -8.91
C2C CLA X . -38.67 -8.26 -7.86
C3C CLA X . -37.91 -8.32 -6.65
C4C CLA X . -36.57 -8.65 -7.10
ND CLA X . -33.85 -9.45 -8.08
C1D CLA X . -34.20 -9.22 -6.78
C2D CLA X . -33.04 -9.41 -5.91
C3D CLA X . -32.00 -9.77 -6.73
C4D CLA X . -32.55 -9.78 -8.09
MG CLA Y . -4.27 -25.42 -27.16
CHA CLA Y . -0.89 -25.65 -27.38
CHB CLA Y . -4.47 -28.71 -26.41
CHC CLA Y . -7.70 -25.33 -27.52
CHD CLA Y . -4.08 -22.24 -28.54
NA CLA Y . -2.91 -26.95 -27.03
C1A CLA Y . -1.57 -26.81 -27.04
C2A CLA Y . -0.94 -28.07 -26.63
C3A CLA Y . -1.95 -28.95 -26.37
C4A CLA Y . -3.21 -28.23 -26.58
NB CLA Y . -5.92 -26.84 -27.06
C1B CLA Y . -5.71 -28.09 -26.56
C2B CLA Y . -7.02 -28.75 -26.17
C3B CLA Y . -8.07 -27.71 -26.59
C4B CLA Y . -7.23 -26.56 -27.11
NC CLA Y . -5.57 -24.07 -28.00
C1C CLA Y . -6.88 -24.25 -27.91
C2C CLA Y . -7.58 -23.10 -28.28
C3C CLA Y . -6.62 -22.10 -28.58
C4C CLA Y . -5.35 -22.76 -28.39
ND CLA Y . -2.75 -24.17 -27.88
C1D CLA Y . -2.88 -22.88 -28.31
C2D CLA Y . -1.58 -22.27 -28.49
C3D CLA Y . -0.66 -23.24 -28.16
C4D CLA Y . -1.44 -24.43 -27.78
MG CLA Z . -4.09 -11.53 -29.71
CHA CLA Z . -1.09 -11.33 -31.29
CHB CLA Z . -3.50 -14.77 -28.95
CHC CLA Z . -7.35 -11.90 -28.63
CHD CLA Z . -4.94 -8.43 -31.03
NA CLA Z . -2.60 -12.86 -30.14
C1A CLA Z . -1.41 -12.55 -30.70
C2A CLA Z . -0.50 -13.69 -30.58
C3A CLA Z . -1.17 -14.67 -29.94
C4A CLA Z . -2.50 -14.13 -29.61
NB CLA Z . -5.34 -13.15 -28.94
C1B CLA Z . -4.77 -14.33 -28.57
C2B CLA Z . -5.70 -15.13 -27.70
C3B CLA Z . -6.98 -14.26 -27.64
C4B CLA Z . -6.59 -13.05 -28.46
NC CLA Z . -5.79 -10.42 -29.94
C1C CLA Z . -6.93 -10.76 -29.32
C2C CLA Z . -7.87 -9.72 -29.38
C3C CLA Z . -7.26 -8.63 -30.05
C4C CLA Z . -5.95 -9.11 -30.38
ND CLA Z . -3.19 -10.13 -30.99
C1D CLA Z . -3.67 -8.90 -31.31
C2D CLA Z . -2.65 -8.14 -32.01
C3D CLA Z . -1.54 -8.95 -32.07
C4D CLA Z . -1.93 -10.21 -31.42
MG CLA AA . -32.35 -13.64 -20.06
CHA CLA AA . -33.86 -16.69 -20.18
CHB CLA AA . -30.80 -14.28 -23.00
CHC CLA AA . -30.37 -10.86 -19.66
CHD CLA AA . -33.43 -13.30 -16.78
NA CLA AA . -32.27 -15.25 -21.33
C1A CLA AA . -33.05 -16.35 -21.24
C2A CLA AA . -32.91 -17.14 -22.48
C3A CLA AA . -32.03 -16.47 -23.27
C4A CLA AA . -31.65 -15.26 -22.57
NB CLA AA . -30.72 -12.68 -21.14
C1B CLA AA . -30.41 -13.08 -22.41
C2B CLA AA . -29.58 -12.05 -23.13
C3B CLA AA . -29.36 -10.96 -22.03
C4B CLA AA . -30.15 -11.50 -20.85
NC CLA AA . -31.91 -12.44 -18.47
C1C CLA AA . -31.18 -11.34 -18.62
C2C CLA AA . -31.25 -10.51 -17.49
C3C CLA AA . -32.15 -11.12 -16.58
C4C CLA AA . -32.55 -12.33 -17.24
ND CLA AA . -33.43 -14.81 -18.70
C1D CLA AA . -33.84 -14.43 -17.45
C2D CLA AA . -34.77 -15.41 -16.91
C3D CLA AA . -34.91 -16.38 -17.88
C4D CLA AA . -34.05 -15.97 -18.98
MG CLA BA . -1.28 0.11 -34.73
CHA CLA BA . -4.58 -0.53 -35.14
CHB CLA BA . -1.06 -2.37 -32.43
CHC CLA BA . 1.91 1.13 -33.89
CHD CLA BA . -1.65 3.01 -36.59
NA CLA BA . -2.62 -1.17 -33.85
C1A CLA BA . -3.91 -1.33 -34.25
C2A CLA BA . -4.46 -2.52 -33.58
C3A CLA BA . -3.47 -3.03 -32.80
C4A CLA BA . -2.30 -2.20 -33.00
NB CLA BA . 0.25 -0.48 -33.29
C1B CLA BA . 0.13 -1.64 -32.59
C2B CLA BA . 1.44 -2.07 -31.99
C3B CLA BA . 2.39 -0.92 -32.38
C4B CLA BA . 1.51 0.00 -33.21
NC CLA BA . -0.19 1.81 -35.09
C1C CLA BA . 1.09 1.90 -34.72
C2C CLA BA . 1.72 3.00 -35.31
C3C CLA BA . 0.76 3.63 -36.14
C4C CLA BA . -0.44 2.84 -35.98
ND CLA BA . -2.87 1.11 -35.67
C1D CLA BA . -2.78 2.22 -36.45
C2D CLA BA . -4.04 2.46 -37.12
C3D CLA BA . -4.89 1.45 -36.72
C4D CLA BA . -4.10 0.61 -35.80
MG CLA CA . -13.48 -9.07 -31.98
CHA CLA CA . -16.67 -8.52 -30.98
CHB CLA CA . -12.95 -5.74 -32.22
CHC CLA CA . -10.46 -9.63 -33.56
CHD CLA CA . -14.23 -12.45 -32.34
NA CLA CA . -14.65 -7.41 -31.74
C1A CLA CA . -15.90 -7.41 -31.21
C2A CLA CA . -16.29 -6.01 -30.92
C3A CLA CA . -15.25 -5.23 -31.30
C4A CLA CA . -14.19 -6.11 -31.77
NB CLA CA . -11.90 -7.86 -32.86
C1B CLA CA . -11.87 -6.52 -32.66
C2B CLA CA . -10.52 -5.93 -32.96
C3B CLA CA . -9.72 -7.16 -33.47
C4B CLA CA . -10.71 -8.30 -33.33
NC CLA CA . -12.63 -10.71 -32.88
C1C CLA CA . -11.38 -10.67 -33.32
C2C CLA CA . -10.89 -11.95 -33.63
C3C CLA CA . -11.92 -12.88 -33.29
C4C CLA CA . -13.00 -12.04 -32.80
ND CLA CA . -15.18 -10.28 -31.74
C1D CLA CA . -15.23 -11.64 -31.85
C2D CLA CA . -16.52 -12.13 -31.37
C3D CLA CA . -17.23 -11.01 -30.96
C4D CLA CA . -16.34 -9.86 -31.22
MG CLA DA . -23.31 -35.48 -13.60
CHA CLA DA . -26.12 -33.57 -13.51
CHB CLA DA . -24.09 -36.51 -16.72
CHC CLA DA . -20.81 -37.86 -13.47
CHD CLA DA . -22.89 -34.91 -10.20
NA CLA DA . -24.89 -35.18 -14.86
C1A CLA DA . -25.88 -34.27 -14.68
C2A CLA DA . -26.66 -34.14 -15.93
C3A CLA DA . -26.09 -34.98 -16.83
C4A CLA DA . -24.94 -35.61 -16.17
NB CLA DA . -22.56 -37.06 -14.90
C1B CLA DA . -22.96 -37.14 -16.18
C2B CLA DA . -22.03 -38.00 -17.01
C3B CLA DA . -21.01 -38.51 -15.95
C4B CLA DA . -21.46 -37.82 -14.68
NC CLA DA . -22.20 -36.28 -12.07
C1C CLA DA . -21.21 -37.13 -12.33
C2C CLA DA . -20.40 -37.33 -11.19
C3C CLA DA . -20.90 -36.49 -10.17
C4C CLA DA . -22.05 -35.84 -10.77
ND CLA DA . -24.35 -34.45 -12.10
C1D CLA DA . -23.95 -34.27 -10.80
C2D CLA DA . -24.80 -33.29 -10.14
C3D CLA DA . -25.72 -32.89 -11.08
C4D CLA DA . -25.41 -33.65 -12.31
MG CLA EA . -22.87 -15.69 -30.07
CHA CLA EA . -21.75 -16.40 -33.20
CHB CLA EA . -20.75 -17.98 -28.77
CHC CLA EA . -24.40 -15.40 -26.99
CHD CLA EA . -25.45 -13.83 -31.47
NA CLA EA . -21.55 -17.05 -30.86
C1A CLA EA . -21.16 -17.09 -32.16
C2A CLA EA . -20.00 -17.98 -32.28
C3A CLA EA . -19.73 -18.44 -31.04
C4A CLA EA . -20.67 -17.82 -30.13
NB CLA EA . -22.68 -16.62 -28.11
C1B CLA EA . -21.60 -17.40 -27.82
C2B CLA EA . -21.42 -17.59 -26.34
C3B CLA EA . -22.63 -16.83 -25.75
C4B CLA EA . -23.32 -16.26 -26.98
NC CLA EA . -24.65 -14.89 -29.45
C1C CLA EA . -24.95 -14.83 -28.14
C2C CLA EA . -26.05 -14.00 -27.91
C3C CLA EA . -26.44 -13.45 -29.17
C4C CLA EA . -25.52 -14.04 -30.12
ND CLA EA . -23.52 -15.24 -32.01
C1D CLA EA . -24.54 -14.39 -32.35
C2D CLA EA . -24.53 -14.13 -33.78
C3D CLA EA . -23.46 -14.85 -34.28
C4D CLA EA . -22.86 -15.54 -33.13
MG CLA FA . 0.83 -33.06 -30.58
CHA CLA FA . -0.80 -33.99 -33.41
CHB CLA FA . 0.57 -29.81 -31.47
CHC CLA FA . 2.97 -32.17 -28.03
CHD CLA FA . 1.62 -36.40 -30.01
NA CLA FA . 0.10 -32.06 -32.21
C1A CLA FA . -0.62 -32.63 -33.21
C2A CLA FA . -1.20 -31.57 -34.04
C3A CLA FA . -0.81 -30.39 -33.51
C4A CLA FA . -0.02 -30.70 -32.33
NB CLA FA . 1.75 -31.23 -29.85
C1B CLA FA . 1.32 -30.02 -30.30
C2B CLA FA . 1.76 -28.89 -29.40
C3B CLA FA . 2.59 -29.62 -28.32
C4B CLA FA . 2.49 -31.08 -28.73
NC CLA FA . 2.12 -34.11 -29.39
C1C CLA FA . 2.77 -33.51 -28.38
C2C CLA FA . 3.37 -34.44 -27.52
C3C CLA FA . 3.02 -35.74 -27.99
C4C CLA FA . 2.22 -35.47 -29.18
ND CLA FA . 0.50 -34.88 -31.57
C1D CLA FA . 0.83 -36.13 -31.11
C2D CLA FA . 0.22 -37.14 -31.95
C3D CLA FA . -0.49 -36.47 -32.92
C4D CLA FA . -0.28 -35.04 -32.64
MG CLA GA . 12.83 -19.13 -36.76
CHA CLA GA . 14.17 -20.43 -39.60
CHB CLA GA . 9.97 -18.42 -38.41
CHC CLA GA . 11.70 -17.30 -34.06
CHD CLA GA . 15.97 -19.29 -35.28
NA CLA GA . 12.21 -19.30 -38.71
C1A CLA GA . 12.88 -19.95 -39.69
C2A CLA GA . 11.99 -20.11 -40.85
C3A CLA GA . 10.81 -19.53 -40.52
C4A CLA GA . 10.93 -19.05 -39.15
NB CLA GA . 11.08 -17.93 -36.29
C1B CLA GA . 9.99 -17.95 -37.09
C2B CLA GA . 8.76 -17.42 -36.39
C3B CLA GA . 9.32 -16.98 -35.01
C4B CLA GA . 10.78 -17.38 -35.09
NC CLA GA . 13.74 -18.35 -35.10
C1C CLA GA . 13.03 -17.77 -34.15
C2C CLA GA . 13.78 -17.57 -32.98
C3C CLA GA . 15.06 -18.15 -33.20
C4C CLA GA . 14.99 -18.64 -34.57
ND CLA GA . 14.76 -19.72 -37.36
C1D CLA GA . 15.87 -19.80 -36.56
C2D CLA GA . 16.94 -20.48 -37.26
C3D CLA GA . 16.43 -20.82 -38.49
C4D CLA GA . 15.05 -20.32 -38.51
MG CLA HA . -10.98 -31.54 -29.72
CHA CLA HA . -13.92 -31.39 -31.42
CHB CLA HA . -9.29 -31.78 -32.65
CHC CLA HA . -8.08 -32.27 -28.02
CHD CLA HA . -12.77 -31.92 -26.77
NA CLA HA . -11.52 -31.68 -31.70
C1A CLA HA . -12.78 -31.48 -32.18
C2A CLA HA . -12.72 -31.36 -33.64
C3A CLA HA . -11.42 -31.49 -33.99
C4A CLA HA . -10.65 -31.64 -32.77
NB CLA HA . -8.92 -32.05 -30.25
C1B CLA HA . -8.48 -31.90 -31.52
C2B CLA HA . -6.97 -31.89 -31.58
C3B CLA HA . -6.56 -32.12 -30.11
C4B CLA HA . -7.89 -32.18 -29.39
NC CLA HA . -10.58 -32.12 -27.80
C1C CLA HA . -9.32 -32.24 -27.38
C2C CLA HA . -9.26 -32.35 -25.98
C3C CLA HA . -10.59 -32.24 -25.49
C4C CLA HA . -11.39 -32.09 -26.68
ND CLA HA . -13.01 -31.68 -29.19
C1D CLA HA . -13.50 -31.74 -27.92
C2D CLA HA . -14.94 -31.58 -27.94
C3D CLA HA . -15.29 -31.41 -29.26
C4D CLA HA . -14.04 -31.48 -30.02
MG CLA IA . -17.25 -35.78 -24.60
CHA CLA IA . -15.81 -32.99 -25.89
CHB CLA IA . -14.19 -37.12 -24.06
CHC CLA IA . -18.70 -38.82 -23.85
CHD CLA IA . -20.33 -34.65 -25.74
NA CLA IA . -15.33 -35.20 -25.00
C1A CLA IA . -14.96 -33.97 -25.43
C2A CLA IA . -13.50 -33.84 -25.33
C3A CLA IA . -13.04 -35.02 -24.82
C4A CLA IA . -14.20 -35.87 -24.58
NB CLA IA . -16.56 -37.78 -24.08
C1B CLA IA . -15.26 -37.99 -23.77
C2B CLA IA . -15.07 -39.31 -23.04
C3B CLA IA . -16.49 -39.90 -23.03
C4B CLA IA . -17.33 -38.82 -23.70
NC CLA IA . -19.12 -36.57 -24.89
C1C CLA IA . -19.44 -37.77 -24.40
C2C CLA IA . -20.82 -37.99 -24.45
C3C CLA IA . -21.43 -36.81 -24.98
C4C CLA IA . -20.31 -35.94 -25.24
ND CLA IA . -17.95 -34.11 -25.67
C1D CLA IA . -19.25 -33.82 -25.95
C2D CLA IA . -19.35 -32.47 -26.48
C3D CLA IA . -18.07 -31.98 -26.52
C4D CLA IA . -17.21 -33.05 -26.01
MG CLA JA . -31.87 -6.14 -30.50
CHA CLA JA . -34.75 -6.86 -32.13
CHB CLA JA . -30.11 -6.73 -33.32
CHC CLA JA . -28.91 -6.00 -28.71
CHD CLA JA . -33.61 -6.18 -27.49
NA CLA JA . -32.34 -6.79 -32.38
C1A CLA JA . -33.60 -6.91 -32.87
C2A CLA JA . -33.53 -7.10 -34.32
C3A CLA JA . -32.22 -7.08 -34.67
C4A CLA JA . -31.46 -6.85 -33.44
NB CLA JA . -29.75 -6.40 -30.92
C1B CLA JA . -29.30 -6.47 -32.20
C2B CLA JA . -27.83 -6.21 -32.30
C3B CLA JA . -27.40 -6.05 -30.81
C4B CLA JA . -28.72 -6.18 -30.07
NC CLA JA . -31.41 -6.23 -28.50
C1C CLA JA . -30.16 -6.04 -28.07
C2C CLA JA . -30.11 -5.84 -26.68
C3C CLA JA . -31.45 -5.85 -26.21
C4C CLA JA . -32.24 -6.08 -27.40
ND CLA JA . -33.85 -6.50 -29.90
C1D CLA JA . -34.35 -6.37 -28.64
C2D CLA JA . -35.81 -6.46 -28.67
C3D CLA JA . -36.15 -6.64 -30.00
C4D CLA JA . -34.87 -6.66 -30.74
MG CLA KA . -5.03 0.48 -43.44
CHA CLA KA . -8.03 2.06 -43.67
CHB CLA KA . -3.43 3.46 -43.50
CHC CLA KA . -1.99 -1.12 -43.82
CHD CLA KA . -6.65 -2.54 -44.03
NA CLA KA . -5.62 2.43 -43.66
C1A CLA KA . -6.91 2.86 -43.62
C2A CLA KA . -6.91 4.33 -43.51
C3A CLA KA . -5.61 4.73 -43.48
C4A CLA KA . -4.80 3.52 -43.53
NB CLA KA . -2.94 1.06 -43.70
C1B CLA KA . -2.56 2.36 -43.51
C2B CLA KA . -1.08 2.48 -43.32
C3B CLA KA . -0.58 1.02 -43.49
C4B CLA KA . -1.87 0.24 -43.71
NC CLA KA . -4.49 -1.43 -43.96
C1C CLA KA . -3.22 -1.81 -43.92
C2C CLA KA . -3.09 -3.21 -44.02
C3C CLA KA . -4.41 -3.74 -44.08
C4C CLA KA . -5.27 -2.58 -44.02
ND CLA KA . -7.00 -0.13 -43.83
C1D CLA KA . -7.44 -1.42 -43.94
C2D CLA KA . -8.90 -1.44 -43.95
C3D CLA KA . -9.30 -0.14 -43.84
C4D CLA KA . -8.08 0.67 -43.76
MG CLA LA . 7.13 -9.61 -45.41
CHA CLA LA . 4.72 -7.61 -44.09
CHB CLA LA . 7.87 -10.78 -42.34
CHC CLA LA . 9.94 -11.16 -46.66
CHD CLA LA . 6.78 -7.93 -48.43
NA CLA LA . 6.48 -9.19 -43.51
C1A CLA LA . 5.40 -8.43 -43.21
C2A CLA LA . 5.08 -8.61 -41.78
C3A CLA LA . 5.98 -9.48 -41.28
C4A CLA LA . 6.84 -9.89 -42.38
NB CLA LA . 8.78 -10.78 -44.61
C1B CLA LA . 8.73 -11.25 -43.33
C2B CLA LA . 9.72 -12.37 -43.11
C3B CLA LA . 10.45 -12.46 -44.47
C4B CLA LA . 9.74 -11.42 -45.32
NC CLA LA . 8.18 -9.43 -47.16
C1C CLA LA . 9.20 -10.25 -47.42
C2C CLA LA . 9.60 -10.17 -48.77
C3C CLA LA . 8.71 -9.25 -49.40
C4C CLA LA . 7.83 -8.81 -48.35
ND CLA LA . 5.98 -8.01 -46.13
C1D CLA LA . 5.92 -7.55 -47.42
C2D CLA LA . 4.83 -6.61 -47.57
C3D CLA LA . 4.23 -6.52 -46.34
C4D CLA LA . 4.98 -7.42 -45.46
MG CLA MA . -17.83 -16.93 -40.06
CHA CLA MA . -20.49 -19.03 -40.12
CHB CLA MA . -15.76 -19.54 -39.46
CHC CLA MA . -15.23 -14.76 -39.40
CHD CLA MA . -20.02 -14.23 -40.04
NA CLA MA . -18.10 -18.94 -39.74
C1A CLA MA . -19.26 -19.61 -39.92
C2A CLA MA . -18.99 -21.05 -39.88
C3A CLA MA . -17.65 -21.19 -39.68
C4A CLA MA . -17.08 -19.86 -39.62
NB CLA MA . -15.75 -17.09 -39.44
C1B CLA MA . -15.13 -18.30 -39.42
C2B CLA MA . -13.62 -18.15 -39.39
C3B CLA MA . -13.43 -16.62 -39.30
C4B CLA MA . -14.85 -16.09 -39.35
NC CLA MA . -17.73 -14.92 -39.67
C1C CLA MA . -16.55 -14.31 -39.55
C2C CLA MA . -16.69 -12.91 -39.58
C3C CLA MA . -18.08 -12.64 -39.78
C4C CLA MA . -18.69 -13.94 -39.84
ND CLA MA . -19.91 -16.67 -40.04
C1D CLA MA . -20.59 -15.49 -40.12
C2D CLA MA . -22.00 -15.73 -40.34
C3D CLA MA . -22.15 -17.11 -40.38
C4D CLA MA . -20.81 -17.67 -40.18
MG CLA NA . -27.30 -43.73 -19.09
CHA CLA NA . -24.98 -46.19 -18.74
CHB CLA NA . -27.68 -44.53 -22.36
CHC CLA NA . -29.19 -40.90 -19.60
CHD CLA NA . -26.44 -42.54 -15.95
NA CLA NA . -26.40 -45.07 -20.36
C1A CLA NA . -25.56 -46.05 -19.99
C2A CLA NA . -25.36 -46.97 -21.12
C3A CLA NA . -26.10 -46.50 -22.15
C4A CLA NA . -26.80 -45.31 -21.67
NB CLA NA . -28.28 -42.75 -20.78
C1B CLA NA . -28.41 -43.40 -21.97
C2B CLA NA . -29.44 -42.75 -22.84
C3B CLA NA . -29.90 -41.53 -22.00
C4B CLA NA . -29.08 -41.68 -20.73
NC CLA NA . -27.60 -42.03 -18.01
C1C CLA NA . -28.48 -41.10 -18.40
C2C CLA NA . -28.75 -40.18 -17.39
C3C CLA NA . -28.01 -40.57 -16.25
C4C CLA NA . -27.30 -41.76 -16.68
ND CLA NA . -25.91 -44.25 -17.60
C1D CLA NA . -25.79 -43.69 -16.37
C2D CLA NA . -24.90 -44.48 -15.54
C3D CLA NA . -24.49 -45.54 -16.33
C4D CLA NA . -25.14 -45.35 -17.63
MG CLA OA . -4.90 -34.21 -43.12
CHA CLA OA . -4.30 -37.12 -41.46
CHB CLA OA . -4.77 -35.86 -46.08
CHC CLA OA . -4.89 -31.21 -44.83
CHD CLA OA . -4.38 -32.47 -40.16
NA CLA OA . -4.50 -36.14 -43.69
C1A CLA OA . -4.40 -37.19 -42.85
C2A CLA OA . -4.41 -38.44 -43.63
C3A CLA OA . -4.53 -38.09 -44.93
C4A CLA OA . -4.62 -36.64 -44.97
NB CLA OA . -4.78 -33.57 -45.20
C1B CLA OA . -4.90 -34.47 -46.21
C2B CLA OA . -5.22 -33.79 -47.52
C3B CLA OA . -5.19 -32.30 -47.16
C4B CLA OA . -4.91 -32.31 -45.66
NC CLA OA . -4.55 -32.27 -42.57
C1C CLA OA . -4.72 -31.28 -43.44
C2C CLA OA . -4.73 -30.02 -42.80
C3C CLA OA . -4.61 -30.27 -41.40
C4C CLA OA . -4.51 -31.71 -41.30
ND CLA OA . -4.38 -34.71 -41.16
C1D CLA OA . -4.32 -33.85 -40.10
C2D CLA OA . -4.20 -34.60 -38.86
C3D CLA OA . -4.18 -35.94 -39.21
C4D CLA OA . -4.30 -35.95 -40.67
MG CLA PA . -38.59 -26.39 -33.73
CHA CLA PA . -35.85 -27.70 -32.20
CHB CLA PA . -36.60 -24.34 -35.55
CHC CLA PA . -41.35 -24.65 -34.84
CHD CLA PA . -40.60 -28.02 -31.43
NA CLA PA . -36.57 -26.00 -33.79
C1A CLA PA . -35.62 -26.73 -33.16
C2A CLA PA . -34.30 -26.35 -33.67
C3A CLA PA . -34.51 -25.39 -34.60
C4A CLA PA . -35.95 -25.19 -34.71
NB CLA PA . -38.97 -24.64 -35.00
C1B CLA PA . -37.97 -24.11 -35.74
C2B CLA PA . -38.51 -23.22 -36.84
C3B CLA PA . -40.03 -23.25 -36.58
C4B CLA PA . -40.17 -24.19 -35.40
NC CLA PA . -40.54 -26.29 -33.12
C1C CLA PA . -41.44 -25.59 -33.81
C2C CLA PA . -42.74 -25.89 -33.41
C3C CLA PA . -42.65 -26.90 -32.41
C4C CLA PA . -41.24 -27.13 -32.27
ND CLA PA . -38.28 -27.62 -32.06
C1D CLA PA . -39.24 -28.24 -31.33
C2D CLA PA . -38.64 -29.21 -30.43
C3D CLA PA . -37.28 -29.13 -30.65
C4D CLA PA . -37.10 -28.11 -31.69
MG CLA QA . -24.14 -42.71 -31.22
CHA CLA QA . -21.55 -44.82 -30.69
CHB CLA QA . -22.31 -40.99 -33.49
CHC CLA QA . -26.54 -40.22 -31.33
CHD CLA QA . -25.76 -44.08 -28.48
NA CLA QA . -22.22 -42.82 -31.90
C1A CLA QA . -21.35 -43.83 -31.63
C2A CLA QA . -20.18 -43.72 -32.51
C3A CLA QA . -20.38 -42.62 -33.29
C4A CLA QA . -21.70 -42.08 -32.94
NB CLA QA . -24.40 -40.78 -32.23
C1B CLA QA . -23.55 -40.41 -33.22
C2B CLA QA . -24.13 -39.30 -34.05
C3B CLA QA . -25.46 -38.98 -33.33
C4B CLA QA . -25.49 -40.01 -32.21
NC CLA QA . -25.73 -42.22 -30.03
C1C CLA QA . -26.57 -41.24 -30.37
C2C CLA QA . -27.73 -41.27 -29.58
C3C CLA QA . -27.63 -42.39 -28.71
C4C CLA QA . -26.35 -42.96 -29.03
ND CLA QA . -23.71 -44.17 -29.79
C1D CLA QA . -24.55 -44.63 -28.82
C2D CLA QA . -23.99 -45.82 -28.20
C3D CLA QA . -22.79 -46.05 -28.83
C4D CLA QA . -22.65 -44.99 -29.83
MG CLA RA . -23.74 -20.37 -48.52
CHA CLA RA . -25.51 -17.59 -49.32
CHB CLA RA . -26.59 -22.04 -47.85
CHC CLA RA . -21.92 -22.95 -47.14
CHD CLA RA . -20.83 -18.46 -48.60
NA CLA RA . -25.72 -19.87 -48.49
C1A CLA RA . -26.24 -18.71 -48.96
C2A CLA RA . -27.70 -18.83 -49.04
C3A CLA RA . -28.01 -20.08 -48.61
C4A CLA RA . -26.76 -20.75 -48.30
NB CLA RA . -24.17 -22.26 -47.54
C1B CLA RA . -25.43 -22.76 -47.55
C2B CLA RA . -25.45 -24.24 -47.22
C3B CLA RA . -23.96 -24.53 -46.91
C4B CLA RA . -23.28 -23.20 -47.16
NC CLA RA . -21.79 -20.57 -47.89
C1C CLA RA . -21.32 -21.74 -47.48
C2C CLA RA . -19.93 -21.73 -47.38
C3C CLA RA . -19.48 -20.44 -47.80
C4C CLA RA . -20.70 -19.74 -48.12
ND CLA RA . -23.26 -18.35 -48.86
C1D CLA RA . -22.00 -17.82 -48.94
C2D CLA RA . -22.07 -16.45 -49.44
C3D CLA RA . -23.41 -16.20 -49.66
C4D CLA RA . -24.12 -17.42 -49.28
MG CLA SA . -14.18 -13.51 -51.78
CHA CLA SA . -16.59 -13.88 -54.14
CHB CLA SA . -13.56 -16.84 -51.86
CHC CLA SA . -12.15 -13.22 -49.00
CHD CLA SA . -15.24 -10.24 -51.27
NA CLA SA . -15.01 -15.10 -52.76
C1A CLA SA . -15.92 -15.02 -53.77
C2A CLA SA . -16.05 -16.34 -54.40
C3A CLA SA . -15.21 -17.17 -53.75
C4A CLA SA . -14.52 -16.39 -52.74
NB CLA SA . -13.03 -14.85 -50.51
C1B CLA SA . -12.83 -16.15 -50.89
C2B CLA SA . -11.69 -16.78 -50.12
C3B CLA SA . -11.27 -15.66 -49.14
C4B CLA SA . -12.20 -14.51 -49.52
NC CLA SA . -13.90 -12.04 -50.37
C1C CLA SA . -12.96 -12.16 -49.44
C2C CLA SA . -12.74 -10.96 -48.77
C3C CLA SA . -13.59 -9.98 -49.37
C4C CLA SA . -14.30 -10.72 -50.38
ND CLA SA . -15.69 -12.27 -52.54
C1D CLA SA . -15.89 -10.96 -52.26
C2D CLA SA . -16.87 -10.39 -53.17
C3D CLA SA . -17.26 -11.41 -54.00
C4D CLA SA . -16.49 -12.59 -53.57
MG CLA TA . -28.75 -29.67 -45.22
CHA CLA TA . -28.91 -31.27 -42.23
CHB CLA TA . -27.14 -32.31 -46.58
CHC CLA TA . -28.07 -27.83 -48.06
CHD CLA TA . -29.83 -26.75 -43.65
NA CLA TA . -28.05 -31.45 -44.50
C1A CLA TA . -28.32 -31.96 -43.27
C2A CLA TA . -27.89 -33.36 -43.23
C3A CLA TA . -27.37 -33.66 -44.45
C4A CLA TA . -27.51 -32.46 -45.27
NB CLA TA . -27.67 -29.98 -47.09
C1B CLA TA . -27.26 -31.22 -47.44
C2B CLA TA . -26.93 -31.30 -48.91
C3B CLA TA . -27.15 -29.85 -49.40
C4B CLA TA . -27.63 -29.14 -48.15
NC CLA TA . -28.83 -27.67 -45.66
C1C CLA TA . -28.60 -27.24 -46.90
C2C CLA TA . -28.98 -25.90 -47.06
C3C CLA TA . -29.54 -25.47 -45.82
C4C CLA TA . -29.42 -26.64 -44.97
ND CLA TA . -29.25 -29.09 -43.26
C1D CLA TA . -29.74 -27.89 -42.86
C2D CLA TA . -30.19 -27.96 -41.49
C3D CLA TA . -29.95 -29.26 -41.07
C4D CLA TA . -29.34 -29.93 -42.23
MG CLA UA . 8.83 -11.82 3.35
CHA CLA UA . 6.82 -13.98 1.63
CHB CLA UA . 7.00 -9.20 2.13
CHC CLA UA . 10.76 -9.63 5.11
CHD CLA UA . 10.60 -14.45 4.58
NA CLA UA . 7.21 -11.62 2.06
C1A CLA UA . 6.54 -12.63 1.47
C2A CLA UA . 5.46 -12.08 0.64
C3A CLA UA . 5.52 -10.73 0.77
C4A CLA UA . 6.60 -10.43 1.69
NB CLA UA . 8.92 -9.66 3.58
C1B CLA UA . 8.01 -8.83 3.03
C2B CLA UA . 8.20 -7.40 3.49
C3B CLA UA . 9.45 -7.51 4.40
C4B CLA UA . 9.78 -8.99 4.37
NC CLA UA . 10.39 -12.05 4.52
C1C CLA UA . 10.97 -11.01 5.12
C2C CLA UA . 12.03 -11.42 5.94
C3C CLA UA . 12.07 -12.85 5.89
C4C CLA UA . 11.00 -13.20 4.97
ND CLA UA . 8.72 -13.87 3.14
C1D CLA UA . 9.55 -14.77 3.73
C2D CLA UA . 9.18 -16.12 3.35
C3D CLA UA . 8.09 -15.99 2.52
C4D CLA UA . 7.83 -14.55 2.41
MG CLA VA . -3.98 -12.25 0.18
CHA CLA VA . -4.07 -10.87 -2.93
CHB CLA VA . -7.29 -11.44 0.60
CHC CLA VA . -4.00 -13.70 3.28
CHD CLA VA . -0.72 -13.10 -0.26
NA CLA VA . -5.42 -11.28 -0.95
C1A CLA VA . -5.24 -10.79 -2.20
C2A CLA VA . -6.49 -10.19 -2.68
C3A CLA VA . -7.40 -10.33 -1.67
C4A CLA VA . -6.74 -11.06 -0.60
NB CLA VA . -5.44 -12.52 1.78
C1B CLA VA . -6.74 -12.15 1.66
C2B CLA VA . -7.56 -12.62 2.84
C3B CLA VA . -6.50 -13.28 3.76
C4B CLA VA . -5.23 -13.16 2.95
NC CLA VA . -2.61 -13.13 1.26
C1C CLA VA . -2.86 -13.65 2.46
C2C CLA VA . -1.72 -14.26 3.01
C3C CLA VA . -0.69 -14.16 2.04
C4C CLA VA . -1.30 -13.45 0.94
ND CLA VA . -2.63 -12.03 -1.34
C1D CLA VA . -1.33 -12.45 -1.31
C2D CLA VA . -0.68 -12.11 -2.57
C3D CLA VA . -1.63 -11.48 -3.34
C4D CLA VA . -2.85 -11.45 -2.52
MG CLA WA . 12.65 -2.93 -3.18
CHA CLA WA . 13.75 0.10 -4.24
CHB CLA WA . 10.19 -1.39 -1.38
CHC CLA WA . 11.45 -5.96 -2.14
CHD CLA WA . 15.08 -4.47 -5.00
NA CLA WA . 12.09 -0.97 -2.83
C1A CLA WA . 12.68 0.12 -3.37
C2A CLA WA . 11.99 1.32 -2.90
C3A CLA WA . 10.99 0.91 -2.08
C4A CLA WA . 11.02 -0.55 -2.06
NB CLA WA . 11.04 -3.63 -1.88
C1B CLA WA . 10.13 -2.78 -1.33
C2B CLA WA . 9.02 -3.54 -0.64
C3B CLA WA . 9.44 -5.01 -0.81
C4B CLA WA . 10.72 -4.91 -1.62
NC CLA WA . 13.23 -4.79 -3.48
C1C CLA WA . 12.57 -5.83 -2.97
C2C CLA WA . 13.15 -7.05 -3.36
C3C CLA WA . 14.23 -6.73 -4.23
C4C CLA WA . 14.23 -5.29 -4.28
ND CLA WA . 14.15 -2.29 -4.41
C1D CLA WA . 15.05 -3.09 -5.07
C2D CLA WA . 15.97 -2.29 -5.84
C3D CLA WA . 15.59 -0.97 -5.64
C4D CLA WA . 14.44 -1.02 -4.74
MG CLA XA . -11.34 -5.68 -0.49
CHA CLA XA . -11.24 -4.18 -3.54
CHB CLA XA . -8.00 -5.30 -0.18
CHC CLA XA . -11.35 -7.70 2.31
CHD CLA XA . -14.63 -6.61 -1.11
NA CLA XA . -9.85 -4.96 -1.70
C1A CLA XA . -10.05 -4.29 -2.86
C2A CLA XA . -8.78 -3.68 -3.29
C3A CLA XA . -7.86 -4.02 -2.34
C4A CLA XA . -8.54 -4.78 -1.31
NB CLA XA . -9.87 -6.48 0.89
C1B CLA XA . -8.59 -6.03 0.88
C2B CLA XA . -7.85 -6.37 2.14
C3B CLA XA . -8.89 -7.21 2.92
C4B CLA XA . -10.11 -7.18 2.02
NC CLA XA . -12.70 -6.98 0.32
C1C CLA XA . -12.48 -7.57 1.49
C2C CLA XA . -13.64 -8.18 1.99
C3C CLA XA . -14.69 -7.91 1.06
C4C CLA XA . -14.05 -7.14 0.02
ND CLA XA . -12.70 -5.48 -2.08
C1D CLA XA . -14.01 -5.85 -2.07
C2D CLA XA . -14.68 -5.32 -3.25
C3D CLA XA . -13.72 -4.60 -3.95
C4D CLA XA . -12.49 -4.73 -3.17
C10 PQN YA . -12.69 1.55 -0.90
FE1 SF4 ZA . -10.02 13.31 -7.01
FE2 SF4 ZA . -8.28 11.63 -8.48
FE3 SF4 ZA . -7.81 14.27 -8.27
FE4 SF4 ZA . -7.64 12.63 -6.03
S1 SF4 ZA . -6.29 12.49 -7.86
S2 SF4 ZA . -8.42 14.64 -6.30
S3 SF4 ZA . -9.23 11.26 -6.35
S4 SF4 ZA . -9.47 13.25 -9.35
MG CLA AB . -7.21 -1.87 11.47
CHA CLA AB . -8.38 -4.98 10.73
CHB CLA AB . -8.98 -0.57 8.90
CHC CLA AB . -5.58 1.14 11.83
CHD CLA AB . -4.94 -3.31 13.67
NA CLA AB . -8.40 -2.66 10.00
C1A CLA AB . -8.84 -3.93 9.95
C2A CLA AB . -9.89 -4.04 8.92
C3A CLA AB . -10.05 -2.81 8.40
C4A CLA AB . -9.14 -1.92 9.10
NB CLA AB . -7.20 0.06 10.46
C1B CLA AB . -8.16 0.36 9.54
C2B CLA AB . -8.23 1.84 9.28
C3B CLA AB . -7.10 2.41 10.16
C4B CLA AB . -6.55 1.17 10.86
NC CLA AB . -5.51 -1.30 12.45
C1C CLA AB . -5.16 -0.01 12.52
C2C CLA AB . -4.16 0.21 13.47
C3C CLA AB . -3.89 -1.05 14.10
C4C CLA AB . -4.78 -1.96 13.43
ND CLA AB . -6.72 -3.82 12.06
C1D CLA AB . -5.82 -4.17 13.05
C2D CLA AB . -5.94 -5.58 13.34
C3D CLA AB . -6.93 -6.07 12.52
C4D CLA AB . -7.39 -4.92 11.73
MG CLA BB . 25.50 12.97 -1.37
CHA CLA BB . 26.86 11.49 -4.11
CHB CLA BB . 25.28 15.91 -3.04
CHC CLA BB . 24.68 14.61 1.55
CHD CLA BB . 26.32 10.15 0.49
NA CLA BB . 26.07 13.62 -3.23
C1A CLA BB . 26.51 12.83 -4.23
C2A CLA BB . 26.53 13.60 -5.49
C3A CLA BB . 26.10 14.84 -5.19
C4A CLA BB . 25.77 14.86 -3.77
NB CLA BB . 25.09 15.03 -0.76
C1B CLA BB . 24.90 15.99 -1.70
C2B CLA BB . 24.22 17.21 -1.12
C3B CLA BB . 24.09 16.84 0.38
C4B CLA BB . 24.67 15.44 0.44
NC CLA BB . 25.63 12.48 0.62
C1C CLA BB . 25.14 13.28 1.55
C2C CLA BB . 25.06 12.64 2.79
C3C CLA BB . 25.51 11.31 2.60
C4C CLA BB . 25.85 11.24 1.20
ND CLA BB . 26.47 11.15 -1.74
C1D CLA BB . 26.60 10.12 -0.86
C2D CLA BB . 27.10 8.93 -1.55
C3D CLA BB . 27.25 9.30 -2.87
C4D CLA BB . 26.84 10.71 -2.95
MG CLA CB . -24.71 -4.05 9.48
CHA CLA CB . -27.95 -5.07 9.65
CHB CLA CB . -25.12 -2.21 12.28
CHC CLA CB . -21.64 -2.57 8.98
CHD CLA CB . -24.50 -5.44 6.29
NA CLA CB . -26.30 -3.62 10.71
C1A CLA CB . -27.50 -4.24 10.66
C2A CLA CB . -28.27 -3.88 11.87
C3A CLA CB . -27.48 -3.05 12.60
C4A CLA CB . -26.21 -2.93 11.88
NB CLA CB . -23.52 -2.51 10.45
C1B CLA CB . -23.87 -2.05 11.67
C2B CLA CB . -22.71 -1.34 12.35
C3B CLA CB . -21.60 -1.37 11.27
C4B CLA CB . -22.25 -2.16 10.15
NC CLA CB . -23.44 -3.94 7.88
C1C CLA CB . -22.24 -3.38 7.99
C2C CLA CB . -21.42 -3.66 6.90
C3C CLA CB . -22.16 -4.52 6.03
C4C CLA CB . -23.43 -4.68 6.70
ND CLA CB . -26.02 -5.05 8.18
C1D CLA CB . -25.70 -5.61 6.97
C2D CLA CB . -26.81 -6.42 6.48
C3D CLA CB . -27.79 -6.33 7.44
C4D CLA CB . -27.25 -5.45 8.49
MG CLA DB . -22.57 2.69 12.45
CHA CLA DB . -24.65 0.54 10.85
CHB CLA DB . -20.24 2.25 10.03
CHC CLA DB . -20.24 4.39 14.34
CHD CLA DB . -24.68 2.63 15.20
NA CLA DB . -22.42 1.52 10.78
C1A CLA DB . -23.44 0.79 10.25
C2A CLA DB . -23.04 0.33 8.91
C3A CLA DB . -21.79 0.80 8.68
C4A CLA DB . -21.41 1.57 9.84
NB CLA DB . -20.45 3.22 12.27
C1B CLA DB . -19.80 3.05 11.09
C2B CLA DB . -18.52 3.85 11.05
C3B CLA DB . -18.46 4.48 12.46
C4B CLA DB . -19.76 4.01 13.11
NC CLA DB . -22.48 3.25 14.42
C1C CLA DB . -21.47 4.00 14.87
C2C CLA DB . -21.75 4.51 16.15
C3C CLA DB . -23.05 4.07 16.51
C4C CLA DB . -23.48 3.27 15.37
ND CLA DB . -24.34 1.71 12.96
C1D CLA DB . -25.08 1.91 14.09
C2D CLA DB . -26.37 1.24 13.97
C3D CLA DB . -26.38 0.66 12.72
C4D CLA DB . -25.07 0.97 12.12
MG CLA EB . 10.66 -1.56 19.68
CHA CLA EB . 9.63 0.32 17.06
CHB CLA EB . 11.77 -3.94 17.56
CHC CLA EB . 11.18 -3.71 22.33
CHD CLA EB . 8.97 0.60 21.83
NA CLA EB . 10.61 -1.82 17.66
C1A CLA EB . 10.24 -0.87 16.76
C2A CLA EB . 10.61 -1.32 15.41
C3A CLA EB . 11.19 -2.53 15.55
C4A CLA EB . 11.23 -2.83 16.97
NB CLA EB . 11.32 -3.61 19.95
C1B CLA EB . 11.87 -4.30 18.92
C2B CLA EB . 12.64 -5.50 19.39
C3B CLA EB . 12.40 -5.49 20.92
C4B CLA EB . 11.57 -4.23 21.12
NC CLA EB . 10.05 -1.56 21.64
C1C CLA EB . 10.49 -2.49 22.49
C2C CLA EB . 10.19 -2.16 23.82
C3C CLA EB . 9.55 -0.89 23.80
C4C CLA EB . 9.49 -0.54 22.39
ND CLA EB . 9.46 0.15 19.48
C1D CLA EB . 8.95 0.91 20.48
C2D CLA EB . 8.39 2.15 19.95
C3D CLA EB . 8.58 2.09 18.58
C4D CLA EB . 9.26 0.81 18.32
MG CLA FB . -6.45 0.72 17.24
CHA CLA FB . -7.02 -2.32 18.63
CHB CLA FB . -9.34 0.47 15.49
CHC CLA FB . -5.61 3.51 15.38
CHD CLA FB . -3.23 0.67 18.55
NA CLA FB . -7.89 -0.73 17.01
C1A CLA FB . -7.98 -1.85 17.77
C2A CLA FB . -9.28 -2.49 17.52
C3A CLA FB . -9.93 -1.71 16.61
C4A CLA FB . -9.07 -0.58 16.32
NB CLA FB . -7.31 1.84 15.57
C1B CLA FB . -8.58 1.60 15.17
C2B CLA FB . -9.12 2.74 14.32
C3B CLA FB . -7.91 3.69 14.23
C4B CLA FB . -6.85 3.00 15.07
NC CLA FB . -4.71 1.75 16.95
C1C CLA FB . -4.68 2.88 16.24
C2C CLA FB . -3.48 3.58 16.42
C3C CLA FB . -2.70 2.84 17.35
C4C CLA FB . -3.52 1.70 17.67
ND CLA FB . -5.30 -0.62 18.36
C1D CLA FB . -4.05 -0.40 18.86
C2D CLA FB . -3.69 -1.45 19.80
C3D CLA FB . -4.77 -2.31 19.84
C4D CLA FB . -5.77 -1.75 18.92
MG CLA GB . 22.37 10.66 8.28
CHA CLA GB . 24.81 8.61 9.45
CHB CLA GB . 20.17 8.08 8.29
CHC CLA GB . 20.06 12.57 6.56
CHD CLA GB . 24.76 13.10 7.69
NA CLA GB . 22.50 8.66 8.70
C1A CLA GB . 23.56 8.05 9.26
C2A CLA GB . 23.17 6.69 9.67
C3A CLA GB . 21.87 6.53 9.34
C4A CLA GB . 21.42 7.79 8.75
NB CLA GB . 20.37 10.37 7.44
C1B CLA GB . 19.65 9.26 7.75
C2B CLA GB . 18.19 9.45 7.45
C3B CLA GB . 18.14 10.86 6.81
C4B CLA GB . 19.58 11.32 6.90
NC CLA GB . 22.48 12.41 7.23
C1C CLA GB . 21.39 13.00 6.74
C2C CLA GB . 21.64 14.31 6.32
C3C CLA GB . 23.01 14.59 6.62
C4C CLA GB . 23.50 13.36 7.21
ND CLA GB . 24.45 10.81 8.49
C1D CLA GB . 25.20 11.93 8.27
C2D CLA GB . 26.56 11.71 8.76
C3D CLA GB . 26.57 10.43 9.28
C4D CLA GB . 25.22 9.90 9.09
MG CLA HB . 25.27 20.64 -13.41
CHA CLA HB . 24.52 19.72 -16.59
CHB CLA HB . 23.57 23.52 -13.82
CHC CLA HB . 26.53 21.83 -10.42
CHD CLA HB . 27.52 18.00 -13.25
NA CLA HB . 24.29 21.53 -14.98
C1A CLA HB . 24.01 20.93 -16.16
C2A CLA HB . 23.05 21.76 -16.90
C3A CLA HB . 22.80 22.84 -16.12
C4A CLA HB . 23.55 22.68 -14.89
NB CLA HB . 25.14 22.48 -12.26
C1B CLA HB . 24.23 23.43 -12.59
C2B CLA HB . 24.00 24.40 -11.45
C3B CLA HB . 25.00 23.91 -10.38
C4B CLA HB . 25.64 22.69 -11.02
NC CLA HB . 26.82 20.06 -12.20
C1C CLA HB . 27.02 20.65 -11.02
C2C CLA HB . 27.93 19.93 -10.23
C3C CLA HB . 28.28 18.76 -10.95
C4C CLA HB . 27.54 18.88 -12.19
ND CLA HB . 25.95 19.13 -14.71
C1D CLA HB . 26.79 18.11 -14.41
C2D CLA HB . 26.82 17.14 -15.50
C3D CLA HB . 25.95 17.61 -16.45
C4D CLA HB . 25.42 18.88 -15.92
MG CLA IB . -1.13 -14.54 23.64
CHA CLA IB . 2.12 -15.33 23.11
CHB CLA IB . -1.97 -15.85 20.65
CHC CLA IB . -4.31 -13.22 23.92
CHD CLA IB . -0.17 -12.66 26.39
NA CLA IB . -0.08 -15.36 22.09
C1A CLA IB . 1.23 -15.69 22.13
C2A CLA IB . 1.55 -16.52 20.95
C3A CLA IB . 0.40 -16.66 20.24
C4A CLA IB . -0.65 -15.96 20.98
NB CLA IB . -2.94 -14.47 22.42
C1B CLA IB . -3.04 -15.25 21.30
C2B CLA IB . -4.47 -15.37 20.84
C3B CLA IB . -5.24 -14.48 21.84
C4B CLA IB . -4.14 -13.98 22.78
NC CLA IB . -1.98 -13.12 24.85
C1C CLA IB . -3.28 -12.87 24.81
C2C CLA IB . -3.70 -12.09 25.90
C3C CLA IB . -2.56 -11.87 26.71
C4C CLA IB . -1.49 -12.56 26.01
ND CLA IB . 0.67 -14.04 24.57
C1D CLA IB . 0.83 -13.34 25.73
C2D CLA IB . 2.21 -13.41 26.18
C3D CLA IB . 2.87 -14.18 25.26
C4D CLA IB . 1.87 -14.56 24.25
MG CLA JB . 27.97 -6.38 -19.26
CHA CLA JB . 25.68 -8.86 -19.41
CHB CLA JB . 30.18 -8.29 -20.98
CHC CLA JB . 30.50 -4.11 -18.61
CHD CLA JB . 25.95 -4.70 -16.99
NA CLA JB . 27.97 -8.30 -19.97
C1A CLA JB . 26.88 -9.11 -20.02
C2A CLA JB . 27.19 -10.28 -20.86
C3A CLA JB . 28.47 -10.12 -21.29
C4A CLA JB . 28.95 -8.85 -20.76
NB CLA JB . 30.12 -6.22 -19.66
C1B CLA JB . 30.72 -7.08 -20.53
C2B CLA JB . 32.05 -6.55 -21.00
C3B CLA JB . 32.21 -5.24 -20.19
C4B CLA JB . 30.91 -5.16 -19.41
NC CLA JB . 28.18 -4.82 -17.95
C1C CLA JB . 29.25 -4.03 -17.98
C2C CLA JB . 29.06 -2.87 -17.20
C3C CLA JB . 27.74 -2.92 -16.69
C4C CLA JB . 27.20 -4.18 -17.19
ND CLA JB . 26.14 -6.75 -18.32
C1D CLA JB . 25.46 -5.89 -17.50
C2D CLA JB . 24.12 -6.39 -17.25
C3D CLA JB . 24.02 -7.58 -17.94
C4D CLA JB . 25.32 -7.77 -18.61
MG CLA KB . 22.90 26.65 -3.49
CHA CLA KB . 22.25 23.44 -2.57
CHB CLA KB . 22.49 25.82 -6.74
CHC CLA KB . 24.12 29.73 -4.46
CHD CLA KB . 23.92 27.32 -0.23
NA CLA KB . 22.54 24.90 -4.49
C1A CLA KB . 22.19 23.73 -3.92
C2A CLA KB . 21.73 22.80 -4.96
C3A CLA KB . 21.82 23.46 -6.15
C4A CLA KB . 22.29 24.81 -5.85
NB CLA KB . 23.35 27.66 -5.37
C1B CLA KB . 22.92 27.14 -6.55
C2B CLA KB . 22.94 28.17 -7.66
C3B CLA KB . 23.53 29.42 -6.95
C4B CLA KB . 23.72 28.95 -5.52
NC CLA KB . 23.94 28.13 -2.53
C1C CLA KB . 24.20 29.29 -3.13
C2C CLA KB . 24.65 30.25 -2.22
C3C CLA KB . 24.62 29.67 -0.93
C4C CLA KB . 24.15 28.31 -1.17
ND CLA KB . 23.10 25.56 -1.71
C1D CLA KB . 23.44 26.06 -0.48
C2D CLA KB . 23.23 25.05 0.54
C3D CLA KB . 22.73 23.94 -0.12
C4D CLA KB . 22.67 24.30 -1.53
MG CLA LB . 7.63 -6.91 26.98
CHA CLA LB . 7.31 -3.85 28.41
CHB CLA LB . 10.94 -6.40 26.55
CHC CLA LB . 7.82 -9.74 25.02
CHD CLA LB . 4.16 -7.14 26.88
NA CLA LB . 8.90 -5.34 27.32
C1A CLA LB . 8.59 -4.22 28.02
C2A CLA LB . 9.82 -3.47 28.30
C3A CLA LB . 10.85 -4.18 27.76
C4A CLA LB . 10.26 -5.39 27.18
NB CLA LB . 9.17 -7.94 25.84
C1B CLA LB . 10.47 -7.60 25.98
C2B CLA LB . 11.39 -8.67 25.46
C3B CLA LB . 10.42 -9.72 24.90
C4B CLA LB . 9.05 -9.13 25.23
NC CLA LB . 6.23 -8.08 26.04
C1C CLA LB . 6.59 -9.20 25.41
C2C CLA LB . 5.48 -10.00 25.10
C3C CLA LB . 4.33 -9.35 25.62
C4C CLA LB . 4.85 -8.13 26.22
ND CLA LB . 6.01 -5.68 27.52
C1D CLA LB . 4.68 -6.02 27.47
C2D CLA LB . 3.89 -5.00 28.15
C3D CLA LB . 4.79 -4.06 28.60
C4D CLA LB . 6.11 -4.52 28.18
MG CLA MB . 3.39 15.56 13.53
CHA CLA MB . 0.34 16.66 12.51
CHB CLA MB . 3.17 12.93 11.40
CHC CLA MB . 6.18 14.13 14.96
CHD CLA MB . 3.30 17.87 16.12
NA CLA MB . 1.94 14.85 12.24
C1A CLA MB . 0.82 15.52 11.90
C2A CLA MB . 0.20 14.85 10.75
C3A CLA MB . 0.98 13.78 10.45
C4A CLA MB . 2.12 13.81 11.37
NB CLA MB . 4.52 13.71 13.28
C1B CLA MB . 4.31 12.91 12.22
C2B CLA MB . 5.44 11.94 12.00
C3B CLA MB . 6.40 12.26 13.18
C4B CLA MB . 5.68 13.41 13.89
NC CLA MB . 4.40 15.88 15.27
C1C CLA MB . 5.54 15.24 15.54
C2C CLA MB . 6.22 15.80 16.61
C3C CLA MB . 5.47 16.94 17.03
C4C CLA MB . 4.33 16.95 16.15
ND CLA MB . 2.02 16.99 14.23
C1D CLA MB . 2.23 17.88 15.24
C2D CLA MB . 1.17 18.87 15.26
C3D CLA MB . 0.32 18.54 14.23
C4D CLA MB . 0.90 17.35 13.60
MG CLA NB . 31.53 8.20 12.64
CHA CLA NB . 30.02 11.24 12.49
CHB CLA NB . 30.47 7.49 9.51
CHC CLA NB . 32.54 4.92 13.01
CHD CLA NB . 32.05 8.69 16.04
NA CLA NB . 30.36 9.16 11.27
C1A CLA NB . 29.93 10.44 11.36
C2A CLA NB . 29.36 10.86 10.07
C3A CLA NB . 29.48 9.80 9.24
C4A CLA NB . 30.13 8.73 9.97
NB CLA NB . 31.46 6.37 11.44
C1B CLA NB . 31.12 6.42 10.14
C2B CLA NB . 31.54 5.18 9.40
C3B CLA NB . 32.15 4.30 10.53
C4B CLA NB . 32.04 5.19 11.75
NC CLA NB . 32.05 7.05 14.25
C1C CLA NB . 32.51 5.81 14.09
C2C CLA NB . 33.08 5.31 15.28
C3C CLA NB . 33.01 6.35 16.24
C4C CLA NB . 32.36 7.44 15.55
ND CLA NB . 31.07 9.69 14.04
C1D CLA NB . 31.47 9.73 15.35
C2D CLA NB . 31.18 11.03 15.92
C3D CLA NB . 30.60 11.77 14.91
C4D CLA NB . 30.55 10.89 13.74
MG CLA OB . 17.24 5.16 23.61
CHA CLA OB . 20.12 6.82 22.95
CHB CLA OB . 19.01 2.58 24.92
CHC CLA OB . 14.38 3.22 23.75
CHD CLA OB . 15.51 7.49 21.72
NA CLA OB . 19.23 4.73 23.80
C1A CLA OB . 20.24 5.59 23.57
C2A CLA OB . 21.49 5.03 24.09
C3A CLA OB . 21.19 3.83 24.63
C4A CLA OB . 19.75 3.64 24.50
NB CLA OB . 16.72 3.11 24.19
C1B CLA OB . 17.63 2.34 24.85
C2B CLA OB . 16.97 1.16 25.52
C3B CLA OB . 15.49 1.30 25.10
C4B CLA OB . 15.49 2.58 24.28
NC CLA OB . 15.39 5.31 22.76
C1C CLA OB . 14.42 4.45 23.07
C2C CLA OB . 13.16 4.90 22.62
C3C CLA OB . 13.37 6.17 22.01
C4C CLA OB . 14.80 6.39 22.14
ND CLA OB . 17.73 6.84 22.48
C1D CLA OB . 16.87 7.70 21.87
C2D CLA OB . 17.57 8.88 21.40
C3D CLA OB . 18.89 8.71 21.76
C4D CLA OB . 18.95 7.41 22.43
MG CLA PB . 6.56 8.68 22.07
CHA CLA PB . 5.86 6.21 24.29
CHB CLA PB . 9.83 8.53 22.91
CHC CLA PB . 7.18 11.56 20.28
CHD CLA PB . 3.15 9.25 21.70
NA CLA PB . 7.65 7.62 23.44
C1A CLA PB . 7.18 6.57 24.17
C2A CLA PB . 8.32 5.90 24.81
C3A CLA PB . 9.44 6.56 24.44
C4A CLA PB . 9.02 7.63 23.54
NB CLA PB . 8.28 9.97 21.68
C1B CLA PB . 9.53 9.56 22.01
C2B CLA PB . 10.58 10.36 21.28
C3B CLA PB . 9.75 11.40 20.50
C4B CLA PB . 8.31 11.01 20.83
NC CLA PB . 5.36 10.15 21.29
C1C CLA PB . 5.88 11.12 20.54
C2C CLA PB . 4.87 11.84 19.87
C3C CLA PB . 3.63 11.23 20.20
C4C CLA PB . 3.99 10.16 21.10
ND CLA PB . 4.80 7.89 22.89
C1D CLA PB . 3.52 8.20 22.53
C2D CLA PB . 2.58 7.27 23.13
C3D CLA PB . 3.35 6.39 23.87
C4D CLA PB . 4.74 6.81 23.69
MG CLA QB . 23.55 28.87 8.41
CHA CLA QB . 24.39 29.51 11.63
CHB CLA QB . 26.65 29.80 7.40
CHC CLA QB . 22.53 28.80 5.12
CHD CLA QB . 20.23 28.55 9.40
NA CLA QB . 25.21 29.62 9.35
C1A CLA QB . 25.38 29.71 10.69
C2A CLA QB . 26.78 30.01 10.98
C3A CLA QB . 27.41 30.12 9.78
C4A CLA QB . 26.44 29.83 8.75
NB CLA QB . 24.43 29.31 6.46
C1B CLA QB . 25.77 29.50 6.34
C2B CLA QB . 26.24 29.36 4.91
C3B CLA QB . 24.91 29.11 4.15
C4B CLA QB . 23.87 29.09 5.26
NC CLA QB . 21.72 28.83 7.50
C1C CLA QB . 21.62 28.70 6.18
C2C CLA QB . 20.31 28.39 5.79
C3C CLA QB . 19.53 28.27 6.97
C4C CLA QB . 20.47 28.54 8.03
ND CLA QB . 22.48 29.05 10.20
C1D CLA QB . 21.16 28.78 10.39
C2D CLA QB . 20.84 28.76 11.81
C3D CLA QB . 22.03 29.03 12.46
C4D CLA QB . 23.04 29.20 11.41
MG CLA RB . -3.49 12.02 24.44
CHA CLA RB . -5.90 10.06 23.09
CHB CLA RB . -4.36 11.01 27.54
CHC CLA RB . -1.45 14.44 25.83
CHD CLA RB . -3.04 13.50 21.33
NA CLA RB . -4.96 10.82 25.20
C1A CLA RB . -5.77 10.02 24.46
C2A CLA RB . -6.48 9.10 25.36
C3A CLA RB . -6.06 9.38 26.62
C4A CLA RB . -5.06 10.43 26.52
NB CLA RB . -2.99 12.71 26.44
C1B CLA RB . -3.37 12.00 27.53
C2B CLA RB . -2.59 12.39 28.76
C3B CLA RB . -1.69 13.55 28.24
C4B CLA RB . -2.05 13.62 26.77
NC CLA RB . -2.56 13.70 23.69
C1C CLA RB . -1.73 14.41 24.46
C2C CLA RB . -1.00 15.32 23.69
C3C CLA RB . -1.36 15.13 22.33
C4C CLA RB . -2.36 14.08 22.38
ND CLA RB . -4.35 11.85 22.54
C1D CLA RB . -3.95 12.48 21.40
C2D CLA RB . -4.64 11.91 20.24
C3D CLA RB . -5.45 10.92 20.73
C4D CLA RB . -5.25 10.91 22.19
MG CLA SB . 6.38 18.98 21.52
CHA CLA SB . 3.22 19.51 20.39
CHB CLA SB . 7.46 21.70 19.82
CHC CLA SB . 9.66 18.13 22.17
CHD CLA SB . 5.39 15.87 22.71
NA CLA SB . 5.51 20.32 20.24
C1A CLA SB . 4.18 20.42 20.00
C2A CLA SB . 3.92 21.66 19.27
C3A CLA SB . 5.12 22.28 19.09
C4A CLA SB . 6.12 21.45 19.74
NB CLA SB . 8.36 19.76 21.01
C1B CLA SB . 8.48 20.98 20.45
C2B CLA SB . 9.90 21.51 20.57
C3B CLA SB . 10.65 20.33 21.26
C4B CLA SB . 9.55 19.31 21.48
NC CLA SB . 7.29 17.27 22.18
C1C CLA SB . 8.60 17.25 22.44
C2C CLA SB . 8.96 16.09 23.15
C3C CLA SB . 7.77 15.36 23.39
C4C CLA SB . 6.73 16.15 22.77
ND CLA SB . 4.62 17.86 21.51
C1D CLA SB . 4.41 16.66 22.14
C2D CLA SB . 2.99 16.33 22.12
C3D CLA SB . 2.36 17.36 21.47
C4D CLA SB . 3.42 18.31 21.10
MG CLA TB . 26.88 8.16 27.58
CHA CLA TB . 27.23 7.19 24.35
CHB CLA TB . 28.22 11.17 26.84
CHC CLA TB . 27.08 8.93 30.94
CHD CLA TB . 26.11 4.88 28.44
NA CLA TB . 27.68 9.00 25.90
C1A CLA TB . 27.63 8.46 24.66
C2A CLA TB . 28.05 9.48 23.68
C3A CLA TB . 28.34 10.60 24.38
C4A CLA TB . 28.08 10.32 25.78
NB CLA TB . 27.62 9.82 28.79
C1B CLA TB . 27.97 10.99 28.20
C2B CLA TB . 28.04 12.11 29.21
C3B CLA TB . 27.74 11.40 30.55
C4B CLA TB . 27.49 9.97 30.13
NC CLA TB . 26.75 7.06 29.30
C1C CLA TB . 26.76 7.64 30.50
C2C CLA TB . 26.37 6.76 31.51
C3C CLA TB . 26.03 5.52 30.89
C4C CLA TB . 26.28 5.76 29.48
ND CLA TB . 26.73 6.32 26.57
C1D CLA TB . 26.32 5.13 27.09
C2D CLA TB . 26.11 4.17 26.03
C3D CLA TB . 26.41 4.82 24.86
C4D CLA TB . 26.81 6.18 25.24
MG CLA UB . 27.78 25.38 20.11
CHA CLA UB . 24.58 24.71 19.20
CHB CLA UB . 27.40 23.52 22.91
CHC CLA UB . 30.80 26.53 21.33
CHD CLA UB . 27.94 27.76 17.59
NA CLA UB . 26.22 24.36 20.97
C1A CLA UB . 25.03 24.13 20.36
C2A CLA UB . 24.29 23.14 21.16
C3A CLA UB . 25.08 22.81 22.21
C4A CLA UB . 26.32 23.55 22.08
NB CLA UB . 28.96 25.13 21.93
C1B CLA UB . 28.63 24.17 22.82
C2B CLA UB . 29.78 23.88 23.77
C3B CLA UB . 30.86 24.89 23.32
C4B CLA UB . 30.20 25.60 22.14
NC CLA UB . 29.00 26.94 19.60
C1C CLA UB . 30.20 27.09 20.19
C2C CLA UB . 30.99 28.02 19.51
C3C CLA UB . 30.26 28.45 18.37
C4C CLA UB . 29.01 27.72 18.46
ND CLA UB . 26.46 26.14 18.66
C1D CLA UB . 26.77 27.05 17.68
C2D CLA UB . 25.68 27.14 16.73
C3D CLA UB . 24.71 26.25 17.17
C4D CLA UB . 25.25 25.66 18.40
MG CLA VB . 13.44 21.93 29.36
CHA CLA VB . 16.22 20.13 28.63
CHB CLA VB . 12.12 19.25 30.96
CHC CLA VB . 10.39 23.52 29.59
CHD CLA VB . 14.52 24.41 27.19
NA CLA VB . 14.03 19.98 29.65
C1A CLA VB . 15.26 19.49 29.36
C2A CLA VB . 15.39 18.16 29.98
C3A CLA VB . 14.23 17.90 30.63
C4A CLA VB . 13.37 19.07 30.46
NB CLA VB . 11.45 21.45 30.11
C1B CLA VB . 11.25 20.34 30.87
C2B CLA VB . 9.95 20.41 31.64
C3B CLA VB . 9.34 21.75 31.15
C4B CLA VB . 10.40 22.29 30.21
NC CLA VB . 12.63 23.56 28.44
C1C CLA VB . 11.43 24.03 28.80
C2C CLA VB . 11.19 25.30 28.27
C3C CLA VB . 12.36 25.69 27.55
C4C CLA VB . 13.24 24.55 27.70
ND CLA VB . 15.08 22.20 28.08
C1D CLA VB . 15.37 23.33 27.37
C2D CLA VB . 16.71 23.24 26.82
C3D CLA VB . 17.21 22.03 27.23
C4D CLA VB . 16.15 21.40 28.03
MG CLA WB . 32.47 35.03 13.92
CHA CLA WB . 32.59 37.58 11.68
CHB CLA WB . 32.73 32.78 11.41
CHC CLA WB . 31.75 32.46 16.11
CHD CLA WB . 31.57 37.31 16.38
NA CLA WB . 32.55 35.15 11.88
C1A CLA WB . 32.69 36.30 11.17
C2A CLA WB . 33.00 35.96 9.77
C3A CLA WB . 33.02 34.62 9.69
C4A CLA WB . 32.78 34.10 11.03
NB CLA WB . 32.20 32.87 13.80
C1B CLA WB . 32.53 32.20 12.67
C2B CLA WB . 32.67 30.72 12.92
C3B CLA WB . 32.30 30.59 14.41
C4B CLA WB . 32.03 32.02 14.82
NC CLA WB . 31.68 34.96 15.82
C1C CLA WB . 31.61 33.80 16.48
C2C CLA WB . 31.32 34.01 17.84
C3C CLA WB . 31.27 35.41 18.05
C4C CLA WB . 31.52 35.97 16.73
ND CLA WB . 32.10 37.10 14.01
C1D CLA WB . 31.84 37.82 15.14
C2D CLA WB . 31.89 39.25 14.83
C3D CLA WB . 32.20 39.33 13.48
C4D CLA WB . 32.32 37.95 13.00
MG CLA XB . 21.66 5.56 42.34
CHA CLA XB . 20.61 3.65 39.74
CHB CLA XB . 23.98 7.02 40.36
CHC CLA XB . 23.12 7.04 45.09
CHD CLA XB . 19.73 3.61 44.48
NA CLA XB . 22.27 5.30 40.40
C1A CLA XB . 21.61 4.54 39.47
C2A CLA XB . 22.17 4.84 38.15
C3A CLA XB . 23.13 5.78 38.32
C4A CLA XB . 23.17 6.10 39.74
NB CLA XB . 23.39 6.83 42.73
C1B CLA XB . 24.06 7.41 41.70
C2B CLA XB . 24.92 8.55 42.16
C3B CLA XB . 24.72 8.54 43.70
C4B CLA XB . 23.72 7.41 43.89
NC CLA XB . 21.52 5.25 44.36
C1C CLA XB . 22.13 6.05 45.22
C2C CLA XB . 21.68 5.86 46.53
C3C CLA XB . 20.65 4.87 46.48
C4C CLA XB . 20.58 4.52 45.08
ND CLA XB . 20.41 3.88 42.15
C1D CLA XB . 19.66 3.31 43.14
C2D CLA XB . 18.74 2.34 42.56
C3D CLA XB . 18.97 2.35 41.20
C4D CLA XB . 20.04 3.34 40.98
MG CLA YB . 19.57 16.59 38.35
CHA CLA YB . 22.16 14.56 39.19
CHB CLA YB . 19.58 15.33 35.21
CHC CLA YB . 17.36 19.04 37.33
CHD CLA YB . 19.99 18.29 41.34
NA CLA YB . 20.74 15.25 37.34
C1A CLA YB . 21.68 14.44 37.90
C2A CLA YB . 22.09 13.43 36.92
C3A CLA YB . 21.39 13.65 35.79
C4A CLA YB . 20.49 14.78 36.06
NB CLA YB . 18.62 17.19 36.47
C1B CLA YB . 18.67 16.38 35.38
C2B CLA YB . 17.63 16.76 34.37
C3B CLA YB . 16.95 17.99 34.99
C4B CLA YB . 17.67 18.13 36.33
NC CLA YB . 18.95 18.36 39.16
C1C CLA YB . 17.99 19.07 38.58
C2C CLA YB . 17.51 20.08 39.44
C3C CLA YB . 18.20 19.95 40.67
C4C CLA YB . 19.10 18.83 40.45
ND CLA YB . 20.88 16.47 39.97
C1D CLA YB . 20.82 17.20 41.12
C2D CLA YB . 21.74 16.67 42.11
C3D CLA YB . 22.36 15.59 41.51
C4D CLA YB . 21.79 15.51 40.15
MG CLA ZB . 8.67 25.66 38.54
CHA CLA ZB . 6.94 25.82 41.46
CHB CLA ZB . 6.92 28.30 37.33
CHC CLA ZB . 10.00 25.14 35.40
CHD CLA ZB . 9.99 22.62 39.55
NA CLA ZB . 7.11 26.80 39.23
C1A CLA ZB . 6.63 26.77 40.50
C2A CLA ZB . 5.74 27.92 40.70
C3A CLA ZB . 5.71 28.60 39.53
C4A CLA ZB . 6.62 27.93 38.61
NB CLA ZB . 8.45 26.54 36.56
C1B CLA ZB . 7.79 27.72 36.40
C2B CLA ZB . 8.11 28.37 35.07
C3B CLA ZB . 9.04 27.33 34.40
C4B CLA ZB . 9.17 26.25 35.46
NC CLA ZB . 9.66 24.10 37.66
C1C CLA ZB . 10.17 24.21 36.44
C2C CLA ZB . 11.05 23.16 36.14
C3C CLA ZB . 11.15 22.35 37.30
C4C CLA ZB . 10.26 22.99 38.25
ND CLA ZB . 8.47 24.40 40.21
C1D CLA ZB . 9.17 23.26 40.45
C2D CLA ZB . 8.93 22.81 41.81
C3D CLA ZB . 8.06 23.73 42.37
C4D CLA ZB . 7.79 24.71 41.32
MG CLA AC . 18.57 29.73 36.47
CHA CLA AC . 15.94 27.84 37.52
CHB CLA AC . 20.72 27.67 38.08
CHC CLA AC . 21.15 31.95 35.93
CHD CLA AC . 16.32 32.15 35.39
NA CLA AC . 18.36 28.09 37.68
C1A CLA AC . 17.20 27.41 37.88
C2A CLA AC . 17.50 26.14 38.56
C3A CLA AC . 18.85 26.10 38.73
C4A CLA AC . 19.39 27.31 38.14
NB CLA AC . 20.68 29.86 37.00
C1B CLA AC . 21.33 28.79 37.51
C2B CLA AC . 22.83 28.94 37.40
C3B CLA AC . 22.99 30.35 36.78
C4B CLA AC . 21.55 30.80 36.57
NC CLA AC . 18.64 31.70 35.91
C1C CLA AC . 19.81 32.29 35.68
C2C CLA AC . 19.64 33.53 35.02
C3C CLA AC . 18.25 33.69 34.79
C4C CLA AC . 17.66 32.49 35.36
ND CLA AC . 16.48 29.98 36.49
C1D CLA AC . 15.78 30.99 35.92
C2D CLA AC . 14.36 30.68 35.92
C3D CLA AC . 14.24 29.45 36.50
C4D CLA AC . 15.60 29.03 36.85
MG CLA BC . 42.81 14.53 32.12
CHA CLA BC . 42.53 15.17 28.79
CHB CLA BC . 45.22 12.25 31.50
CHC CLA BC . 42.67 13.47 35.39
CHD CLA BC . 39.92 16.40 32.66
NA CLA BC . 43.66 13.76 30.43
C1A CLA BC . 43.48 14.23 29.17
C2A CLA BC . 44.47 13.62 28.27
C3A CLA BC . 45.22 12.78 29.03
C4A CLA BC . 44.73 12.90 30.40
NB CLA BC . 43.77 13.00 33.32
C1B CLA BC . 44.85 12.32 32.85
C2B CLA BC . 45.61 11.63 33.95
C3B CLA BC . 44.76 11.95 35.21
C4B CLA BC . 43.65 12.82 34.66
NC CLA BC . 41.47 14.80 33.64
C1C CLA BC . 41.72 14.35 34.87
C2C CLA BC . 40.83 14.88 35.81
C3C CLA BC . 39.98 15.78 35.12
C4C CLA BC . 40.42 15.70 33.74
ND CLA BC . 41.43 15.57 30.92
C1D CLA BC . 40.38 16.33 31.35
C2D CLA BC . 39.82 17.08 30.25
C3D CLA BC . 40.57 16.75 29.14
C4D CLA BC . 41.57 15.79 29.61
MG CLA CC . 32.61 12.67 44.90
CHA CLA CC . 29.73 14.13 45.94
CHB CLA CC . 33.33 11.80 48.09
CHC CLA CC . 35.78 11.71 43.94
CHD CLA CC . 32.15 14.12 41.78
NA CLA CC . 31.73 13.00 46.72
C1A CLA CC . 30.49 13.52 46.91
C2A CLA CC . 30.10 13.33 48.31
C3A CLA CC . 31.13 12.69 48.92
C4A CLA CC . 32.14 12.44 47.91
NB CLA CC . 34.40 11.91 45.88
C1B CLA CC . 34.34 11.49 47.17
C2B CLA CC . 35.53 10.62 47.52
C3B CLA CC . 36.38 10.64 46.22
C4B CLA CC . 35.52 11.48 45.27
NC CLA CC . 33.74 13.00 43.23
C1C CLA CC . 34.93 12.41 43.07
C2C CLA CC . 35.40 12.53 41.76
C3C CLA CC . 34.40 13.21 41.02
C4C CLA CC . 33.35 13.48 41.98
ND CLA CC . 31.20 13.95 44.01
C1D CLA CC . 31.16 14.34 42.71
C2D CLA CC . 29.90 15.01 42.42
C3D CLA CC . 29.20 15.01 43.61
C4D CLA CC . 30.05 14.33 44.59
MG CLA DC . 44.66 17.06 43.07
CHA CLA DC . 43.45 19.81 41.48
CHB CLA DC . 43.47 18.23 46.01
CHC CLA DC . 46.37 14.61 44.77
CHD CLA DC . 46.39 16.21 40.18
NA CLA DC . 43.71 18.78 43.66
C1A CLA DC . 43.20 19.73 42.83
C2A CLA DC . 42.35 20.65 43.59
C3A CLA DC . 42.38 20.21 44.88
C4A CLA DC . 43.20 19.01 44.92
NB CLA DC . 44.97 16.50 45.15
C1B CLA DC . 44.22 17.05 46.14
C2B CLA DC . 44.27 16.25 47.41
C3B CLA DC . 45.27 15.11 47.05
C4B CLA DC . 45.60 15.40 45.59
NC CLA DC . 46.18 15.79 42.56
C1C CLA DC . 46.59 14.85 43.41
C2C CLA DC . 47.42 13.91 42.77
C3C CLA DC . 47.48 14.27 41.40
C4C CLA DC . 46.67 15.47 41.30
ND CLA DC . 44.92 17.89 41.16
C1D CLA DC . 45.59 17.33 40.12
C2D CLA DC . 45.33 18.08 38.90
C3D CLA DC . 44.49 19.11 39.25
C4D CLA DC . 44.24 18.95 40.70
MG CLA EC . -13.06 -18.44 25.55
CHA CLA EC . -10.25 -17.18 26.99
CHB CLA EC . -12.28 -16.88 22.65
CHC CLA EC . -16.17 -19.20 24.28
CHD CLA EC . -14.14 -19.48 28.68
NA CLA EC . -11.57 -17.16 24.95
C1A CLA EC . -10.46 -16.87 25.67
C2A CLA EC . -9.50 -16.17 24.79
C3A CLA EC . -10.07 -16.07 23.57
C4A CLA EC . -11.37 -16.74 23.65
NB CLA EC . -14.15 -18.05 23.71
C1B CLA EC . -13.52 -17.53 22.62
C2B CLA EC . -14.32 -17.73 21.37
C3B CLA EC . -15.61 -18.42 21.88
C4B CLA EC . -15.36 -18.56 23.37
NC CLA EC . -14.81 -19.07 26.39
C1C CLA EC . -15.85 -19.40 25.63
C2C CLA EC . -16.84 -20.08 26.36
C3C CLA EC . -16.34 -20.24 27.69
C4C CLA EC . -15.04 -19.59 27.66
ND CLA EC . -12.34 -18.32 27.51
C1D CLA EC . -12.89 -18.88 28.62
C2D CLA EC . -11.97 -18.79 29.75
C3D CLA EC . -10.85 -18.14 29.27
C4D CLA EC . -11.12 -17.86 27.86
MG CLA FC . -33.78 -11.40 15.93
CHA CLA FC . -37.11 -10.96 16.40
CHB CLA FC . -33.29 -8.06 16.05
CHC CLA FC . -30.52 -11.82 14.88
CHD CLA FC . -34.39 -14.75 15.19
NA CLA FC . -35.01 -9.77 16.09
C1A CLA FC . -36.33 -9.82 16.39
C2A CLA FC . -36.79 -8.46 16.71
C3A CLA FC . -35.72 -7.64 16.59
C4A CLA FC . -34.58 -8.48 16.24
NB CLA FC . -32.10 -10.11 15.44
C1B CLA FC . -32.14 -8.79 15.75
C2B CLA FC . -30.76 -8.17 15.73
C3B CLA FC . -29.86 -9.35 15.28
C4B CLA FC . -30.84 -10.50 15.16
NC CLA FC . -32.76 -12.96 15.08
C1C CLA FC . -31.45 -12.87 14.86
C2C CLA FC . -30.89 -14.12 14.54
C3C CLA FC . -31.94 -15.08 14.63
C4C CLA FC . -33.10 -14.30 14.98
ND CLA FC . -35.48 -12.63 15.77
C1D CLA FC . -35.49 -13.98 15.55
C2D CLA FC . -36.82 -14.52 15.76
C3D CLA FC . -37.60 -13.44 16.12
C4D CLA FC . -36.72 -12.28 16.11
MG CLA GC . -30.18 -25.12 18.92
CHA CLA GC . -31.67 -27.55 20.77
CHB CLA GC . -33.16 -23.59 18.51
CHC CLA GC . -28.79 -23.00 16.58
CHD CLA GC . -27.28 -27.04 18.83
NA CLA GC . -32.11 -25.56 19.46
C1A CLA GC . -32.48 -26.54 20.31
C2A CLA GC . -33.89 -26.35 20.68
C3A CLA GC . -34.32 -25.25 20.02
C4A CLA GC . -33.19 -24.71 19.29
NB CLA GC . -30.88 -23.52 17.62
C1B CLA GC . -32.12 -22.99 17.79
C2B CLA GC . -32.25 -21.65 17.11
C3B CLA GC . -30.88 -21.48 16.42
C4B CLA GC . -30.13 -22.72 16.84
NC CLA GC . -28.43 -25.15 17.84
C1C CLA GC . -28.10 -24.12 17.06
C2C CLA GC . -26.76 -24.20 16.66
C3C CLA GC . -26.20 -25.34 17.28
C4C CLA GC . -27.30 -25.92 18.03
ND CLA GC . -29.58 -27.00 19.64
C1D CLA GC . -28.33 -27.54 19.57
C2D CLA GC . -28.25 -28.73 20.40
C3D CLA GC . -29.50 -28.88 20.96
C4D CLA GC . -30.31 -27.77 20.46
MG CLA HC . -45.42 -15.04 19.70
CHA CLA HC . -48.70 -14.19 19.88
CHB CLA HC . -45.25 -15.11 23.09
CHC CLA HC . -42.28 -16.50 19.56
CHD CLA HC . -45.77 -15.53 16.31
NA CLA HC . -46.77 -14.79 21.23
C1A CLA HC . -48.07 -14.31 21.08
C2A CLA HC . -48.61 -14.03 22.40
C3A CLA HC . -47.64 -14.28 23.30
C4A CLA HC . -46.47 -14.76 22.55
NB CLA HC . -44.02 -15.73 21.09
C1B CLA HC . -44.11 -15.57 22.42
C2B CLA HC . -42.85 -15.94 23.07
C3B CLA HC . -42.01 -16.35 22.05
C4B CLA HC . -42.77 -16.21 20.82
NC CLA HC . -44.28 -15.97 18.30
C1C CLA HC . -42.96 -16.38 18.37
C2C CLA HC . -42.46 -16.66 17.04
C3C CLA HC . -43.56 -16.36 16.19
C4C CLA HC . -44.61 -15.92 17.00
ND CLA HC . -47.05 -14.95 18.25
C1D CLA HC . -46.93 -15.07 16.91
C2D CLA HC . -48.16 -14.55 16.19
C3D CLA HC . -49.05 -14.05 17.36
C4D CLA HC . -48.25 -14.41 18.57
MG CLA IC . 1.03 -4.64 35.23
CHA CLA IC . 1.60 -1.61 36.66
CHB CLA IC . -1.97 -3.57 34.12
CHC CLA IC . 0.21 -7.85 34.30
CHD CLA IC . 3.81 -5.88 36.91
NA CLA IC . -0.05 -2.91 35.45
C1A CLA IC . 0.41 -1.75 35.97
C2A CLA IC . -0.55 -0.67 35.68
C3A CLA IC . -1.56 -1.23 34.98
C4A CLA IC . -1.23 -2.64 34.79
NB CLA IC . -0.70 -5.64 34.37
C1B CLA IC . -1.73 -4.92 33.86
C2B CLA IC . -2.59 -5.76 32.96
C3B CLA IC . -1.95 -7.16 33.05
C4B CLA IC . -0.76 -6.93 33.97
NC CLA IC . 1.81 -6.48 35.67
C1C CLA IC . 1.35 -7.57 35.08
C2C CLA IC . 2.19 -8.67 35.29
C3C CLA IC . 3.31 -8.21 36.03
C4C CLA IC . 3.03 -6.80 36.24
ND CLA IC . 2.44 -3.88 36.59
C1D CLA IC . 3.54 -4.53 37.07
C2D CLA IC . 4.41 -3.61 37.78
C3D CLA IC . 3.79 -2.38 37.71
C4D CLA IC . 2.55 -2.60 36.95
MG CLA JC . -8.30 14.90 26.07
CHA CLA JC . -10.14 12.24 27.08
CHB CLA JC . -8.78 14.03 22.84
CHC CLA JC . -5.96 17.23 25.06
CHD CLA JC . -7.30 15.40 29.36
NA CLA JC . -9.21 13.33 25.12
C1A CLA JC . -10.01 12.41 25.73
C2A CLA JC . -10.71 11.64 24.69
C3A CLA JC . -10.32 12.13 23.50
C4A CLA JC . -9.40 13.23 23.76
NB CLA JC . -7.40 15.53 24.19
C1B CLA JC . -7.91 15.11 23.01
C2B CLA JC . -7.44 15.97 21.85
C3B CLA JC . -6.48 16.97 22.54
C4B CLA JC . -6.56 16.57 24.01
NC CLA JC . -6.85 15.96 27.05
C1C CLA JC . -6.13 16.89 26.41
C2C CLA JC . -5.42 17.70 27.31
C3C CLA JC . -5.75 17.26 28.62
C4C CLA JC . -6.67 16.16 28.40
ND CLA JC . -8.63 13.95 27.91
C1D CLA JC . -8.20 14.38 29.14
C2D CLA JC . -8.84 13.60 30.18
C3D CLA JC . -9.66 12.70 29.55
C4D CLA JC . -9.50 12.95 28.12
MG CLA KC . 17.75 14.60 -20.02
CHA CLA KC . 16.78 13.73 -23.15
CHB CLA KC . 15.08 12.99 -18.71
CHC CLA KC . 18.40 15.97 -16.92
CHD CLA KC . 20.10 16.76 -21.40
NA CLA KC . 16.14 13.62 -20.81
C1A CLA KC . 15.99 13.28 -22.12
C2A CLA KC . 14.86 12.33 -22.24
C3A CLA KC . 14.38 12.14 -20.99
C4A CLA KC . 15.20 12.91 -20.07
NB CLA KC . 16.82 14.56 -18.04
C1B CLA KC . 15.83 13.68 -17.77
C2B CLA KC . 15.63 13.52 -16.28
C3B CLA KC . 16.65 14.52 -15.69
C4B CLA KC . 17.32 15.10 -16.91
NC CLA KC . 18.92 16.15 -19.38
C1C CLA KC . 19.06 16.41 -18.07
C2C CLA KC . 20.12 17.30 -17.84
C3C CLA KC . 20.72 17.59 -19.10
C4C CLA KC . 19.93 16.83 -20.04
ND CLA KC . 18.32 15.18 -21.95
C1D CLA KC . 19.35 16.00 -22.29
C2D CLA KC . 19.58 15.96 -23.72
C3D CLA KC . 18.64 15.09 -24.23
C4D CLA KC . 17.86 14.62 -23.08
MG CLA LC . 27.41 6.59 -17.40
CHA CLA LC . 28.10 9.11 -15.22
CHB CLA LC . 30.56 5.41 -17.05
CHC CLA LC . 26.92 4.42 -20.03
CHD CLA LC . 24.45 8.18 -18.21
NA CLA LC . 29.09 7.21 -16.38
C1A CLA LC . 29.12 8.21 -15.46
C2A CLA LC . 30.40 8.16 -14.75
C3A CLA LC . 31.11 7.12 -15.28
C4A CLA LC . 30.26 6.50 -16.28
NB CLA LC . 28.60 5.12 -18.48
C1B CLA LC . 29.82 4.73 -18.00
C2B CLA LC . 30.27 3.43 -18.63
C3B CLA LC . 29.14 3.13 -19.66
C4B CLA LC . 28.16 4.28 -19.43
NC CLA LC . 26.01 6.46 -18.88
C1C CLA LC . 26.01 5.43 -19.73
C2C CLA LC . 24.81 5.38 -20.45
C3C CLA LC . 23.98 6.44 -20.00
C4C CLA LC . 24.78 7.09 -18.98
ND CLA LC . 26.46 8.37 -16.84
C1D CLA LC . 25.21 8.77 -17.23
C2D CLA LC . 24.79 9.92 -16.44
C3D CLA LC . 25.82 10.19 -15.57
C4D CLA LC . 26.86 9.19 -15.86
MG CLA MC . 31.38 4.56 -3.37
CHA CLA MC . 29.22 7.00 -4.28
CHB CLA MC . 32.21 6.30 -0.60
CHC CLA MC . 34.00 2.39 -2.76
CHD CLA MC . 30.99 3.11 -6.51
NA CLA MC . 30.88 6.39 -2.62
C1A CLA MC . 29.88 7.19 -3.10
C2A CLA MC . 29.63 8.27 -2.13
C3A CLA MC . 30.49 8.08 -1.10
C4A CLA MC . 31.26 6.88 -1.38
NB CLA MC . 32.98 4.38 -1.90
C1B CLA MC . 32.98 5.14 -0.78
C2B CLA MC . 33.88 4.58 0.28
C3B CLA MC . 34.53 3.36 -0.42
C4B CLA MC . 33.85 3.36 -1.78
NC CLA MC . 32.35 3.14 -4.51
C1C CLA MC . 33.28 2.36 -3.97
C2C CLA MC . 33.60 1.28 -4.80
C3C CLA MC . 32.76 1.39 -5.95
C4C CLA MC . 31.97 2.57 -5.71
ND CLA MC . 30.31 5.00 -5.12
C1D CLA MC . 30.23 4.23 -6.24
C2D CLA MC . 29.20 4.75 -7.13
C3D CLA MC . 28.68 5.85 -6.50
C4D CLA MC . 29.41 5.99 -5.24
MG CLA NC . 6.64 4.99 -30.35
CHA CLA NC . 4.72 3.63 -32.80
CHB CLA NC . 7.20 7.71 -32.28
CHC CLA NC . 9.05 6.10 -28.14
CHD CLA NC . 6.57 1.95 -28.68
NA CLA NC . 6.14 5.54 -32.26
C1A CLA NC . 5.25 4.88 -33.05
C2A CLA NC . 4.93 5.72 -34.21
C3A CLA NC . 5.65 6.87 -34.08
C4A CLA NC . 6.37 6.77 -32.82
NB CLA NC . 8.04 6.66 -30.23
C1B CLA NC . 7.92 7.72 -31.08
C2B CLA NC . 8.67 8.92 -30.57
C3B CLA NC . 9.33 8.40 -29.28
C4B CLA NC . 8.83 6.97 -29.19
NC CLA NC . 7.67 4.10 -28.82
C1C CLA NC . 8.49 4.81 -28.05
C2C CLA NC . 8.86 4.10 -26.90
C3C CLA NC . 8.17 2.86 -26.94
C4C CLA NC . 7.42 2.90 -28.17
ND CLA NC . 5.82 3.09 -30.70
C1D CLA NC . 5.84 2.03 -29.85
C2D CLA NC . 4.95 0.99 -30.33
C3D CLA NC . 4.41 1.46 -31.51
C4D CLA NC . 4.99 2.79 -31.71
MG CLA OC . 25.47 5.15 -29.85
CHA CLA OC . 22.48 3.55 -30.09
CHB CLA OC . 25.86 4.96 -33.20
CHC CLA OC . 28.72 6.25 -29.56
CHD CLA OC . 25.33 4.78 -26.40
NA CLA OC . 24.40 4.30 -31.38
C1A CLA OC . 23.15 3.79 -31.26
C2A CLA OC . 22.61 3.55 -32.61
C3A CLA OC . 23.58 3.93 -33.50
C4A CLA OC . 24.69 4.45 -32.72
NB CLA OC . 27.15 5.51 -31.19
C1B CLA OC . 26.97 5.50 -32.53
C2B CLA OC . 28.11 6.17 -33.25
C3B CLA OC . 29.08 6.53 -32.10
C4B CLA OC . 28.33 6.07 -30.87
NC CLA OC . 26.77 5.32 -28.27
C1C CLA OC . 27.96 5.89 -28.44
C2C CLA OC . 28.57 6.16 -27.20
C3C CLA OC . 27.65 5.79 -26.19
C4C CLA OC . 26.51 5.27 -26.92
ND CLA OC . 24.16 4.26 -28.47
C1D CLA OC . 24.25 4.32 -27.12
C2D CLA OC . 23.03 3.81 -26.51
C3D CLA OC . 22.20 3.46 -27.55
C4D CLA OC . 22.95 3.77 -28.78
MG CLA PC . 37.71 13.65 -4.25
CHA CLA PC . 35.79 16.19 -5.42
CHB CLA PC . 39.40 13.56 -7.17
CHC CLA PC . 39.26 10.72 -3.29
CHD CLA PC . 35.56 13.34 -1.53
NA CLA PC . 37.55 14.63 -6.03
C1A CLA PC . 36.77 15.72 -6.26
C2A CLA PC . 37.14 16.31 -7.55
C3A CLA PC . 38.16 15.56 -8.06
C4A CLA PC . 38.45 14.53 -7.08
NB CLA PC . 39.12 12.24 -5.13
C1B CLA PC . 39.78 12.55 -6.27
C2B CLA PC . 40.98 11.66 -6.49
C3B CLA PC . 40.90 10.69 -5.28
C4B CLA PC . 39.69 11.18 -4.52
NC CLA PC . 37.34 12.28 -2.78
C1C CLA PC . 38.18 11.26 -2.56
C2C CLA PC . 37.92 10.62 -1.35
C3C CLA PC . 36.85 11.32 -0.73
C4C CLA PC . 36.53 12.36 -1.66
ND CLA PC . 35.95 14.58 -3.60
C1D CLA PC . 35.29 14.36 -2.43
C2D CLA PC . 34.26 15.37 -2.23
C3D CLA PC . 34.32 16.19 -3.33
C4D CLA PC . 35.39 15.66 -4.17
MG CLA QC . 23.08 14.88 -39.87
CHA CLA QC . 20.33 13.98 -41.63
CHB CLA QC . 24.50 11.88 -40.50
CHC CLA QC . 25.60 15.55 -37.60
CHD CLA QC . 21.37 17.67 -38.71
NA CLA QC . 22.48 13.17 -40.82
C1A CLA QC . 21.36 13.05 -41.58
C2A CLA QC . 21.41 11.79 -42.33
C3A CLA QC . 22.58 11.19 -41.99
C4A CLA QC . 23.28 12.07 -41.08
NB CLA QC . 24.83 13.83 -39.06
C1B CLA QC . 25.26 12.68 -39.64
C2B CLA QC . 26.67 12.35 -39.24
C3B CLA QC . 27.02 13.48 -38.25
C4B CLA QC . 25.77 14.35 -38.25
NC CLA QC . 23.32 16.26 -38.38
C1C CLA QC . 24.47 16.36 -37.71
C2C CLA QC . 24.52 17.55 -36.95
C3C CLA QC . 23.33 18.27 -37.21
C4C CLA QC . 22.59 17.43 -38.13
ND CLA QC . 21.15 15.67 -40.10
C1D CLA QC . 20.70 16.86 -39.60
C2D CLA QC . 19.41 17.18 -40.19
C3D CLA QC . 19.11 16.12 -41.03
C4D CLA QC . 20.24 15.20 -40.95
MG CLA RC . 8.83 7.38 -44.26
CHA CLA RC . 8.35 10.09 -46.24
CHB CLA RC . 5.69 6.34 -44.89
CHC CLA RC . 9.11 4.97 -41.81
CHD CLA RC . 11.81 8.79 -43.14
NA CLA RC . 7.25 8.15 -45.30
C1A CLA RC . 7.30 9.21 -46.14
C2A CLA RC . 6.06 9.27 -46.93
C3A CLA RC . 5.30 8.22 -46.53
C4A CLA RC . 6.06 7.48 -45.54
NB CLA RC . 7.55 5.86 -43.37
C1B CLA RC . 6.36 5.55 -43.95
C2B CLA RC . 5.83 4.22 -43.46
C3B CLA RC . 6.89 3.80 -42.41
C4B CLA RC . 7.91 4.92 -42.48
NC CLA RC . 10.15 7.08 -42.72
C1C CLA RC . 10.07 5.98 -41.97
C2C CLA RC . 11.22 5.82 -41.18
C3C CLA RC . 12.10 6.89 -41.50
C4C CLA RC . 11.39 7.65 -42.49
ND CLA RC . 9.88 9.17 -44.60
C1D CLA RC . 11.12 9.49 -44.11
C2D CLA RC . 11.62 10.69 -44.77
C3D CLA RC . 10.64 11.07 -45.66
C4D CLA RC . 9.57 10.07 -45.53
MG CLA SC . 27.07 -9.29 -39.70
CHA CLA SC . 24.97 -11.91 -39.12
CHB CLA SC . 29.73 -11.37 -39.50
CHC CLA SC . 29.20 -6.58 -39.71
CHD CLA SC . 24.39 -7.13 -39.28
NA CLA SC . 27.32 -11.29 -39.27
C1A CLA SC . 26.32 -12.20 -39.17
C2A CLA SC . 26.91 -13.55 -39.15
C3A CLA SC . 28.26 -13.40 -39.24
C4A CLA SC . 28.52 -11.97 -39.36
NB CLA SC . 29.22 -8.97 -39.55
C1B CLA SC . 30.08 -10.02 -39.64
C2B CLA SC . 31.49 -9.56 -39.94
C3B CLA SC . 31.35 -8.01 -39.94
C4B CLA SC . 29.87 -7.80 -39.70
NC CLA SC . 26.80 -7.29 -39.40
C1C CLA SC . 27.81 -6.43 -39.57
C2C CLA SC . 27.37 -5.10 -39.61
C3C CLA SC . 25.95 -5.14 -39.51
C4C CLA SC . 25.63 -6.55 -39.39
ND CLA SC . 25.03 -9.49 -39.23
C1D CLA SC . 24.11 -8.47 -39.20
C2D CLA SC . 22.77 -9.03 -39.09
C3D CLA SC . 22.93 -10.40 -39.05
C4D CLA SC . 24.37 -10.64 -39.14
FE1 SF4 TC . -18.58 24.49 -6.38
FE2 SF4 TC . -18.79 22.27 -8.14
FE3 SF4 TC . -20.26 24.49 -8.52
FE4 SF4 TC . -17.50 24.57 -8.81
S1 SF4 TC . -18.91 23.34 -10.10
S2 SF4 TC . -18.90 25.99 -7.95
S3 SF4 TC . -16.85 23.28 -7.25
S4 SF4 TC . -20.41 23.01 -6.86
FE1 SF4 UC . -13.30 31.06 -15.69
FE2 SF4 UC . -14.52 33.37 -15.27
FE3 SF4 UC . -15.97 31.26 -14.98
FE4 SF4 UC . -15.14 31.81 -17.44
S1 SF4 UC . -16.61 33.03 -16.23
S2 SF4 UC . -15.24 29.95 -16.66
S3 SF4 UC . -13.14 32.75 -16.70
S4 SF4 UC . -14.30 31.63 -13.73
#